data_3W4I
#
_entry.id   3W4I
#
_cell.length_a   148.696
_cell.length_b   181.529
_cell.length_c   50.612
_cell.angle_alpha   90.00
_cell.angle_beta   90.00
_cell.angle_gamma   90.00
#
_symmetry.space_group_name_H-M   'P 21 21 2'
#
loop_
_entity.id
_entity.type
_entity.pdbx_description
1 polymer 'D-amino-acid oxidase'
2 non-polymer 'FLAVIN-ADENINE DINUCLEOTIDE'
3 non-polymer pyridine-2,3-diol
#
_entity_poly.entity_id   1
_entity_poly.type   'polypeptide(L)'
_entity_poly.pdbx_seq_one_letter_code
;MRVVVIGAGVIGLSTALCIHERYHSVLQPLDIKVYADRFTPLTTTDVAAGLWQPYLSDPNNPQEADWSQQTFDYLLSHVH
SPNAENLGLFLISGYNLFHEAIPDPSWKDTVLGFRKLTPRELDMFPDYGYGWFHTSLILEGKNYLQWLTERLTERGVKFF
QRKVESFEEVAREGADVIVNCTGVWAGALQRDPLLQPGRGQIMKVDAPWMKHFILTHDPERGIYNSPYIIPGTQTVTLGG
IFQLGNWSELNNIQDHNTIWEGCCRLEPTLKNARIIGERTGFRPVRPQIRLEREQLRTGPSNTEVIHNYGHGGYGLTIHW
GCALEAAKLFGRILEEKKLSRMPPSHL
;
_entity_poly.pdbx_strand_id   A,B,C,D
#
# COMPACT_ATOMS: atom_id res chain seq x y z
N MET A 1 -30.97 -4.67 -37.11
CA MET A 1 -30.34 -5.70 -36.23
C MET A 1 -30.10 -5.13 -34.84
N ARG A 2 -31.08 -5.29 -33.96
CA ARG A 2 -30.94 -4.77 -32.60
C ARG A 2 -30.65 -5.95 -31.68
N VAL A 3 -29.50 -5.92 -30.98
CA VAL A 3 -29.08 -7.07 -30.15
C VAL A 3 -29.05 -6.69 -28.70
N VAL A 4 -29.70 -7.50 -27.85
CA VAL A 4 -29.65 -7.28 -26.39
C VAL A 4 -28.95 -8.40 -25.60
N VAL A 5 -27.86 -8.02 -24.93
CA VAL A 5 -27.15 -8.91 -24.02
C VAL A 5 -27.70 -8.72 -22.63
N ILE A 6 -28.21 -9.80 -22.04
CA ILE A 6 -28.68 -9.68 -20.66
C ILE A 6 -27.61 -10.20 -19.70
N GLY A 7 -27.06 -9.32 -18.87
CA GLY A 7 -25.97 -9.72 -17.97
C GLY A 7 -24.63 -8.99 -18.19
N ALA A 8 -24.03 -8.47 -17.11
CA ALA A 8 -22.78 -7.72 -17.20
C ALA A 8 -21.63 -8.35 -16.40
N GLY A 9 -21.72 -9.64 -16.12
CA GLY A 9 -20.57 -10.38 -15.54
C GLY A 9 -19.63 -10.73 -16.68
N VAL A 10 -18.67 -11.59 -16.42
CA VAL A 10 -17.71 -11.89 -17.45
C VAL A 10 -18.38 -12.47 -18.71
N ILE A 11 -19.48 -13.18 -18.52
CA ILE A 11 -20.03 -13.88 -19.69
C ILE A 11 -20.72 -12.89 -20.65
N GLY A 12 -21.58 -12.03 -20.10
CA GLY A 12 -22.27 -10.97 -20.83
C GLY A 12 -21.30 -10.07 -21.56
N LEU A 13 -20.38 -9.48 -20.79
CA LEU A 13 -19.47 -8.49 -21.35
C LEU A 13 -18.56 -9.11 -22.39
N SER A 14 -18.01 -10.29 -22.13
CA SER A 14 -17.13 -10.88 -23.15
C SER A 14 -17.90 -11.29 -24.40
N THR A 15 -19.08 -11.86 -24.24
CA THR A 15 -19.89 -12.22 -25.39
C THR A 15 -20.29 -10.98 -26.19
N ALA A 16 -20.77 -9.95 -25.51
CA ALA A 16 -21.06 -8.68 -26.17
C ALA A 16 -19.85 -8.26 -27.01
N LEU A 17 -18.65 -8.24 -26.42
CA LEU A 17 -17.47 -7.72 -27.12
C LEU A 17 -17.11 -8.57 -28.32
N CYS A 18 -17.21 -9.87 -28.10
CA CYS A 18 -16.81 -10.84 -29.08
C CYS A 18 -17.69 -10.75 -30.31
N ILE A 19 -18.98 -10.46 -30.06
CA ILE A 19 -19.95 -10.30 -31.13
C ILE A 19 -19.72 -9.00 -31.90
N HIS A 20 -19.51 -7.92 -31.18
CA HIS A 20 -19.20 -6.65 -31.83
C HIS A 20 -17.96 -6.72 -32.71
N GLU A 21 -16.85 -7.20 -32.17
CA GLU A 21 -15.62 -7.21 -32.93
C GLU A 21 -15.70 -8.13 -34.14
N ARG A 22 -16.54 -9.16 -34.08
CA ARG A 22 -16.65 -10.06 -35.21
C ARG A 22 -17.72 -9.70 -36.25
N TYR A 23 -18.65 -8.82 -35.90
CA TYR A 23 -19.75 -8.58 -36.81
C TYR A 23 -20.08 -7.11 -37.05
N HIS A 24 -19.38 -6.17 -36.44
CA HIS A 24 -19.72 -4.78 -36.71
C HIS A 24 -19.44 -4.32 -38.16
N SER A 25 -18.51 -4.98 -38.84
CA SER A 25 -18.20 -4.61 -40.22
C SER A 25 -19.07 -5.33 -41.28
N VAL A 26 -19.86 -6.32 -40.86
CA VAL A 26 -20.74 -7.04 -41.78
C VAL A 26 -22.22 -6.80 -41.50
N LEU A 27 -22.52 -5.86 -40.62
CA LEU A 27 -23.91 -5.46 -40.41
C LEU A 27 -23.96 -3.97 -40.25
N GLN A 28 -24.77 -3.29 -41.05
CA GLN A 28 -24.81 -1.83 -40.98
C GLN A 28 -25.50 -1.41 -39.68
N PRO A 29 -26.83 -1.60 -39.60
CA PRO A 29 -27.41 -1.19 -38.32
C PRO A 29 -27.28 -2.30 -37.26
N LEU A 30 -26.05 -2.51 -36.78
CA LEU A 30 -25.79 -3.44 -35.67
C LEU A 30 -25.71 -2.71 -34.33
N ASP A 31 -26.84 -2.63 -33.62
CA ASP A 31 -26.88 -2.03 -32.30
C ASP A 31 -26.83 -3.05 -31.18
N ILE A 32 -25.85 -2.89 -30.30
CA ILE A 32 -25.71 -3.77 -29.16
C ILE A 32 -25.91 -3.00 -27.87
N LYS A 33 -26.76 -3.58 -27.04
CA LYS A 33 -27.07 -3.00 -25.74
C LYS A 33 -26.89 -4.07 -24.66
N VAL A 34 -26.40 -3.65 -23.51
CA VAL A 34 -26.31 -4.55 -22.39
C VAL A 34 -27.31 -4.10 -21.36
N TYR A 35 -28.21 -5.01 -21.02
CA TYR A 35 -29.10 -4.85 -19.88
C TYR A 35 -28.62 -5.73 -18.73
N ALA A 36 -28.42 -5.09 -17.59
CA ALA A 36 -28.07 -5.78 -16.36
C ALA A 36 -28.62 -5.08 -15.11
N ASP A 37 -29.03 -5.93 -14.17
CA ASP A 37 -29.43 -5.51 -12.85
C ASP A 37 -28.23 -5.12 -11.96
N ARG A 38 -27.13 -5.86 -12.03
CA ARG A 38 -25.92 -5.43 -11.29
C ARG A 38 -24.71 -5.26 -12.20
N PHE A 39 -23.89 -4.26 -11.90
CA PHE A 39 -22.67 -4.04 -12.66
C PHE A 39 -21.41 -4.18 -11.84
N THR A 40 -20.33 -4.24 -12.60
CA THR A 40 -18.93 -4.51 -12.25
C THR A 40 -18.30 -4.41 -10.90
N PRO A 41 -18.88 -3.68 -9.95
CA PRO A 41 -18.39 -4.03 -8.60
C PRO A 41 -19.26 -5.09 -7.91
N LEU A 42 -20.48 -5.28 -8.37
CA LEU A 42 -21.47 -6.04 -7.60
C LEU A 42 -21.89 -7.37 -8.23
N THR A 43 -21.01 -7.96 -9.03
CA THR A 43 -21.36 -9.26 -9.62
C THR A 43 -20.58 -10.44 -9.02
N THR A 44 -21.06 -11.63 -9.30
CA THR A 44 -20.34 -12.81 -8.88
C THR A 44 -18.95 -12.82 -9.50
N THR A 45 -18.85 -12.36 -10.75
CA THR A 45 -17.57 -12.23 -11.42
C THR A 45 -16.54 -11.49 -10.57
N ASP A 46 -16.95 -10.43 -9.92
CA ASP A 46 -16.06 -9.63 -9.08
C ASP A 46 -15.57 -10.33 -7.84
N VAL A 47 -16.33 -11.32 -7.37
CA VAL A 47 -16.00 -12.03 -6.16
C VAL A 47 -14.90 -13.04 -6.46
N ALA A 48 -14.82 -13.48 -7.73
CA ALA A 48 -13.86 -14.51 -8.14
C ALA A 48 -12.40 -14.04 -8.13
N ALA A 49 -11.47 -14.86 -7.68
CA ALA A 49 -10.04 -14.51 -7.69
C ALA A 49 -9.51 -14.45 -9.11
N GLY A 50 -9.89 -15.40 -9.95
CA GLY A 50 -9.59 -15.27 -11.36
C GLY A 50 -8.61 -16.31 -11.83
N LEU A 51 -8.35 -17.31 -10.99
CA LEU A 51 -7.41 -18.37 -11.39
C LEU A 51 -7.91 -19.16 -12.58
N TRP A 52 -7.05 -19.37 -13.56
CA TRP A 52 -7.44 -20.28 -14.64
C TRP A 52 -7.17 -21.73 -14.23
N GLN A 53 -8.24 -22.47 -14.02
CA GLN A 53 -8.11 -23.89 -13.79
C GLN A 53 -9.46 -24.56 -13.85
N PRO A 54 -9.68 -25.42 -14.85
CA PRO A 54 -10.91 -26.21 -14.96
C PRO A 54 -10.97 -27.25 -13.85
N TYR A 55 -12.17 -27.80 -13.60
CA TYR A 55 -12.36 -29.00 -12.76
C TYR A 55 -11.35 -30.12 -13.08
N LEU A 56 -11.05 -30.94 -12.08
CA LEU A 56 -10.13 -32.07 -12.28
C LEU A 56 -10.70 -33.12 -13.23
N SER A 57 -11.93 -33.54 -12.97
CA SER A 57 -12.60 -34.55 -13.81
C SER A 57 -12.98 -33.96 -15.16
N ASP A 58 -12.97 -34.78 -16.21
CA ASP A 58 -13.34 -34.32 -17.55
C ASP A 58 -14.76 -33.74 -17.65
N PRO A 59 -15.00 -32.84 -18.61
CA PRO A 59 -16.33 -32.22 -18.63
C PRO A 59 -17.36 -33.17 -19.21
N ASN A 60 -18.60 -33.06 -18.72
CA ASN A 60 -19.72 -33.75 -19.33
C ASN A 60 -19.68 -33.52 -20.84
N ASN A 61 -19.48 -32.25 -21.23
CA ASN A 61 -19.39 -31.90 -22.64
C ASN A 61 -17.95 -31.55 -22.99
N PRO A 62 -17.30 -32.42 -23.78
CA PRO A 62 -15.88 -32.26 -24.09
C PRO A 62 -15.60 -30.98 -24.88
N GLN A 63 -16.63 -30.38 -25.47
CA GLN A 63 -16.49 -29.07 -26.08
C GLN A 63 -15.85 -28.09 -25.09
N GLU A 64 -16.27 -28.18 -23.83
CA GLU A 64 -15.78 -27.31 -22.75
C GLU A 64 -14.26 -27.34 -22.62
N ALA A 65 -13.66 -28.52 -22.74
CA ALA A 65 -12.20 -28.63 -22.74
C ALA A 65 -11.55 -27.73 -23.77
N ASP A 66 -12.11 -27.66 -24.98
CA ASP A 66 -11.53 -26.72 -25.96
C ASP A 66 -11.76 -25.27 -25.59
N TRP A 67 -12.92 -24.98 -25.01
CA TRP A 67 -13.29 -23.61 -24.72
C TRP A 67 -12.33 -23.06 -23.68
N SER A 68 -11.88 -23.92 -22.78
CA SER A 68 -10.88 -23.56 -21.78
C SER A 68 -9.51 -23.37 -22.41
N GLN A 69 -9.14 -24.28 -23.31
CA GLN A 69 -7.83 -24.26 -23.91
C GLN A 69 -7.73 -22.94 -24.64
N GLN A 70 -8.84 -22.59 -25.28
CA GLN A 70 -8.90 -21.44 -26.16
C GLN A 70 -8.73 -20.17 -25.37
N THR A 71 -9.50 -20.07 -24.29
CA THR A 71 -9.36 -18.97 -23.33
C THR A 71 -7.91 -18.87 -22.84
N PHE A 72 -7.34 -19.97 -22.37
CA PHE A 72 -5.94 -19.96 -21.97
C PHE A 72 -4.97 -19.44 -23.03
N ASP A 73 -5.06 -19.99 -24.24
CA ASP A 73 -4.15 -19.59 -25.33
C ASP A 73 -4.23 -18.09 -25.59
N TYR A 74 -5.46 -17.60 -25.57
CA TYR A 74 -5.72 -16.23 -25.89
C TYR A 74 -5.16 -15.29 -24.83
N LEU A 75 -5.42 -15.63 -23.56
CA LEU A 75 -4.91 -14.83 -22.47
C LEU A 75 -3.40 -14.87 -22.44
N LEU A 76 -2.83 -16.04 -22.67
CA LEU A 76 -1.37 -16.18 -22.64
C LEU A 76 -0.75 -15.35 -23.77
N SER A 77 -1.45 -15.22 -24.90
CA SER A 77 -0.92 -14.40 -25.99
C SER A 77 -0.92 -12.91 -25.63
N HIS A 78 -1.64 -12.51 -24.59
CA HIS A 78 -1.61 -11.13 -24.16
C HIS A 78 -0.92 -10.91 -22.81
N VAL A 79 -0.37 -11.97 -22.23
CA VAL A 79 0.20 -11.82 -20.91
C VAL A 79 1.30 -10.77 -20.87
N HIS A 80 2.07 -10.64 -21.96
CA HIS A 80 3.09 -9.60 -22.02
C HIS A 80 2.73 -8.34 -22.82
N SER A 81 1.47 -8.12 -23.10
CA SER A 81 1.14 -6.86 -23.76
C SER A 81 1.14 -5.75 -22.69
N PRO A 82 1.25 -4.47 -23.10
CA PRO A 82 1.37 -3.45 -22.05
C PRO A 82 0.03 -3.10 -21.39
N ASN A 83 -1.04 -3.73 -21.86
CA ASN A 83 -2.38 -3.62 -21.27
C ASN A 83 -2.48 -4.46 -19.99
N ALA A 84 -1.82 -5.62 -19.99
CA ALA A 84 -2.01 -6.67 -19.01
C ALA A 84 -2.51 -6.24 -17.62
N GLU A 85 -1.82 -5.28 -17.02
CA GLU A 85 -2.18 -4.75 -15.70
C GLU A 85 -3.63 -4.20 -15.70
N ASN A 86 -3.98 -3.41 -16.71
CA ASN A 86 -5.36 -2.93 -16.84
C ASN A 86 -6.36 -4.09 -16.82
N LEU A 87 -6.05 -5.14 -17.57
CA LEU A 87 -6.83 -6.36 -17.52
C LEU A 87 -6.78 -7.07 -16.17
N GLY A 88 -5.67 -6.95 -15.45
CA GLY A 88 -5.50 -7.69 -14.21
C GLY A 88 -5.11 -9.11 -14.52
N LEU A 89 -4.32 -9.25 -15.59
CA LEU A 89 -3.90 -10.54 -16.14
C LEU A 89 -2.45 -10.72 -15.80
N PHE A 90 -2.09 -11.89 -15.27
CA PHE A 90 -0.69 -12.13 -15.02
C PHE A 90 -0.46 -13.61 -14.74
N LEU A 91 0.81 -14.01 -14.81
CA LEU A 91 1.26 -15.37 -14.66
C LEU A 91 1.43 -15.70 -13.20
N ILE A 92 0.98 -16.90 -12.81
CA ILE A 92 1.19 -17.38 -11.46
C ILE A 92 1.38 -18.89 -11.42
N SER A 93 2.23 -19.35 -10.52
CA SER A 93 2.52 -20.76 -10.33
C SER A 93 2.04 -21.11 -8.95
N GLY A 94 1.94 -22.40 -8.69
CA GLY A 94 1.28 -22.85 -7.46
C GLY A 94 1.07 -24.33 -7.38
N TYR A 95 0.51 -24.75 -6.25
CA TYR A 95 0.38 -26.12 -5.80
C TYR A 95 -1.07 -26.58 -5.85
N ASN A 96 -1.32 -27.76 -6.42
CA ASN A 96 -2.53 -28.52 -6.10
C ASN A 96 -2.15 -29.69 -5.17
N LEU A 97 -2.83 -29.77 -4.03
CA LEU A 97 -2.45 -30.71 -3.00
C LEU A 97 -3.55 -31.72 -2.82
N PHE A 98 -3.14 -32.97 -2.57
CA PHE A 98 -4.05 -34.08 -2.36
C PHE A 98 -3.58 -35.02 -1.23
N HIS A 99 -4.50 -35.84 -0.74
CA HIS A 99 -4.20 -36.85 0.25
C HIS A 99 -3.77 -38.18 -0.40
N GLU A 100 -4.07 -38.36 -1.68
CA GLU A 100 -3.70 -39.61 -2.34
C GLU A 100 -3.39 -39.32 -3.81
N ALA A 101 -2.58 -40.18 -4.43
CA ALA A 101 -2.34 -40.13 -5.87
C ALA A 101 -3.64 -40.13 -6.65
N ILE A 102 -3.67 -39.35 -7.73
CA ILE A 102 -4.87 -39.13 -8.53
C ILE A 102 -4.35 -39.01 -9.96
N PRO A 103 -5.16 -39.32 -10.96
CA PRO A 103 -4.63 -39.16 -12.34
C PRO A 103 -4.37 -37.70 -12.76
N ASP A 104 -3.41 -37.49 -13.66
CA ASP A 104 -3.17 -36.18 -14.22
C ASP A 104 -4.45 -35.56 -14.74
N PRO A 105 -4.56 -34.23 -14.77
CA PRO A 105 -5.75 -33.65 -15.35
C PRO A 105 -5.62 -33.57 -16.85
N SER A 106 -6.78 -33.48 -17.51
CA SER A 106 -6.85 -33.37 -18.96
C SER A 106 -6.12 -32.14 -19.49
N TRP A 107 -6.10 -31.06 -18.71
CA TRP A 107 -5.48 -29.80 -19.17
C TRP A 107 -3.96 -29.68 -18.89
N LYS A 108 -3.37 -30.74 -18.33
CA LYS A 108 -1.99 -30.71 -17.95
C LYS A 108 -1.07 -30.18 -19.03
N ASP A 109 -1.48 -30.26 -20.28
CA ASP A 109 -0.60 -29.73 -21.32
C ASP A 109 -0.97 -28.34 -21.77
N THR A 110 -2.08 -27.82 -21.27
CA THR A 110 -2.43 -26.43 -21.49
C THR A 110 -1.61 -25.50 -20.59
N VAL A 111 -1.57 -25.81 -19.30
CA VAL A 111 -0.83 -25.01 -18.34
C VAL A 111 0.66 -25.10 -18.68
N LEU A 112 1.48 -24.28 -18.04
CA LEU A 112 2.89 -24.35 -18.33
C LEU A 112 3.60 -25.17 -17.27
N GLY A 113 4.48 -26.05 -17.73
CA GLY A 113 5.43 -26.72 -16.86
C GLY A 113 4.75 -27.59 -15.83
N PHE A 114 3.67 -28.23 -16.24
CA PHE A 114 2.97 -29.07 -15.28
C PHE A 114 3.86 -30.23 -14.81
N ARG A 115 3.86 -30.52 -13.51
CA ARG A 115 4.63 -31.65 -12.98
C ARG A 115 4.10 -32.04 -11.62
N LYS A 116 4.54 -33.19 -11.12
CA LYS A 116 4.14 -33.62 -9.79
C LYS A 116 5.08 -32.99 -8.78
N LEU A 117 4.60 -32.90 -7.54
CA LEU A 117 5.41 -32.44 -6.43
C LEU A 117 6.53 -33.42 -6.05
N THR A 118 7.70 -32.90 -5.71
CA THR A 118 8.83 -33.70 -5.24
C THR A 118 8.71 -33.83 -3.73
N PRO A 119 9.42 -34.80 -3.13
CA PRO A 119 9.12 -34.98 -1.70
C PRO A 119 9.46 -33.71 -0.90
N ARG A 120 10.55 -33.03 -1.29
CA ARG A 120 10.95 -31.81 -0.59
C ARG A 120 9.76 -30.84 -0.45
N GLU A 121 9.06 -30.60 -1.57
CA GLU A 121 7.88 -29.71 -1.60
C GLU A 121 6.75 -30.19 -0.69
N LEU A 122 6.46 -31.49 -0.70
CA LEU A 122 5.39 -32.03 0.13
C LEU A 122 5.59 -31.84 1.64
N ASP A 123 6.85 -31.77 2.06
CA ASP A 123 7.16 -31.59 3.47
C ASP A 123 6.70 -30.21 4.02
N MET A 124 6.42 -29.27 3.12
CA MET A 124 5.89 -27.98 3.53
C MET A 124 4.42 -28.08 3.83
N PHE A 125 3.81 -29.24 3.56
CA PHE A 125 2.37 -29.42 3.78
C PHE A 125 1.98 -30.74 4.47
N PRO A 126 2.25 -30.86 5.79
CA PRO A 126 2.02 -32.09 6.58
C PRO A 126 0.78 -32.84 6.14
N ASP A 127 -0.38 -32.18 6.27
CA ASP A 127 -1.70 -32.75 5.99
C ASP A 127 -1.86 -33.28 4.58
N TYR A 128 -0.87 -33.15 3.73
CA TYR A 128 -1.08 -33.58 2.35
C TYR A 128 0.02 -34.51 1.91
N GLY A 129 -0.27 -35.42 1.02
CA GLY A 129 0.74 -36.41 0.69
C GLY A 129 1.01 -36.57 -0.78
N TYR A 130 0.34 -35.75 -1.61
CA TYR A 130 0.56 -35.80 -3.05
C TYR A 130 0.11 -34.51 -3.73
N GLY A 131 0.66 -34.22 -4.90
CA GLY A 131 0.16 -33.09 -5.64
C GLY A 131 0.87 -32.61 -6.89
N TRP A 132 0.42 -31.43 -7.35
CA TRP A 132 0.94 -30.87 -8.57
C TRP A 132 1.60 -29.51 -8.34
N PHE A 133 2.47 -29.14 -9.27
CA PHE A 133 2.99 -27.79 -9.37
C PHE A 133 2.90 -27.42 -10.83
N HIS A 134 2.41 -26.23 -11.12
CA HIS A 134 2.42 -25.76 -12.50
C HIS A 134 2.23 -24.27 -12.52
N THR A 135 2.40 -23.68 -13.71
CA THR A 135 2.23 -22.25 -13.89
C THR A 135 0.97 -21.98 -14.71
N SER A 136 0.08 -21.17 -14.16
CA SER A 136 -1.17 -20.79 -14.82
C SER A 136 -1.24 -19.29 -14.98
N LEU A 137 -2.46 -18.74 -15.06
CA LEU A 137 -2.77 -17.30 -15.21
C LEU A 137 -3.88 -16.92 -14.24
N ILE A 138 -3.91 -15.65 -13.88
CA ILE A 138 -4.99 -15.08 -13.17
C ILE A 138 -5.52 -13.91 -13.97
N LEU A 139 -6.84 -13.94 -14.16
CA LEU A 139 -7.56 -12.86 -14.76
C LEU A 139 -8.55 -12.36 -13.70
N GLU A 140 -8.17 -11.32 -12.97
CA GLU A 140 -8.99 -10.81 -11.88
C GLU A 140 -10.29 -10.22 -12.41
N GLY A 141 -11.40 -10.80 -11.96
CA GLY A 141 -12.76 -10.34 -12.33
C GLY A 141 -13.02 -8.85 -12.35
N LYS A 142 -12.78 -8.19 -11.21
CA LYS A 142 -13.02 -6.75 -11.04
C LYS A 142 -12.37 -5.95 -12.19
N ASN A 143 -11.04 -5.97 -12.25
CA ASN A 143 -10.29 -5.34 -13.36
C ASN A 143 -10.76 -5.75 -14.75
N TYR A 144 -10.98 -7.05 -14.95
CA TYR A 144 -11.30 -7.52 -16.29
C TYR A 144 -12.65 -7.00 -16.76
N LEU A 145 -13.60 -6.98 -15.85
CA LEU A 145 -14.88 -6.36 -16.08
C LEU A 145 -14.73 -4.85 -16.39
N GLN A 146 -13.93 -4.15 -15.61
CA GLN A 146 -13.66 -2.74 -15.88
C GLN A 146 -13.08 -2.56 -17.29
N TRP A 147 -12.17 -3.44 -17.68
CA TRP A 147 -11.53 -3.36 -18.98
C TRP A 147 -12.52 -3.59 -20.12
N LEU A 148 -13.35 -4.61 -19.99
CA LEU A 148 -14.30 -4.93 -21.06
C LEU A 148 -15.24 -3.76 -21.20
N THR A 149 -15.65 -3.20 -20.07
CA THR A 149 -16.53 -2.05 -20.06
C THR A 149 -15.95 -0.91 -20.91
N GLU A 150 -14.71 -0.49 -20.65
CA GLU A 150 -14.16 0.59 -21.45
C GLU A 150 -13.98 0.20 -22.92
N ARG A 151 -13.69 -1.06 -23.18
CA ARG A 151 -13.62 -1.55 -24.57
C ARG A 151 -14.99 -1.46 -25.25
N LEU A 152 -16.02 -1.98 -24.58
CA LEU A 152 -17.41 -1.89 -25.05
C LEU A 152 -17.94 -0.47 -25.26
N THR A 153 -17.61 0.45 -24.36
CA THR A 153 -18.02 1.84 -24.46
C THR A 153 -17.46 2.47 -25.73
N GLU A 154 -16.14 2.49 -25.86
CA GLU A 154 -15.53 3.04 -27.04
C GLU A 154 -16.00 2.36 -28.33
N ARG A 155 -16.82 1.32 -28.21
CA ARG A 155 -17.39 0.66 -29.39
C ARG A 155 -18.84 1.03 -29.52
N GLY A 156 -19.24 1.98 -28.70
CA GLY A 156 -20.60 2.51 -28.75
C GLY A 156 -21.68 1.58 -28.27
N VAL A 157 -21.30 0.57 -27.47
CA VAL A 157 -22.28 -0.33 -26.87
C VAL A 157 -22.85 0.35 -25.63
N LYS A 158 -24.17 0.45 -25.59
CA LYS A 158 -24.79 1.14 -24.47
C LYS A 158 -25.15 0.17 -23.35
N PHE A 159 -24.92 0.61 -22.13
CA PHE A 159 -25.25 -0.16 -20.96
C PHE A 159 -26.49 0.47 -20.37
N PHE A 160 -27.38 -0.35 -19.81
CA PHE A 160 -28.52 0.14 -19.05
C PHE A 160 -28.71 -0.67 -17.78
N GLN A 161 -29.00 0.01 -16.69
CA GLN A 161 -29.24 -0.67 -15.44
C GLN A 161 -30.73 -1.01 -15.30
N ARG A 162 -31.05 -2.29 -15.31
CA ARG A 162 -32.43 -2.71 -15.25
C ARG A 162 -32.61 -4.22 -15.09
N LYS A 163 -33.64 -4.60 -14.34
CA LYS A 163 -33.97 -5.98 -14.13
C LYS A 163 -34.98 -6.40 -15.17
N VAL A 164 -34.62 -7.39 -15.99
CA VAL A 164 -35.43 -7.90 -17.05
C VAL A 164 -36.41 -8.98 -16.54
N GLU A 165 -37.71 -8.72 -16.66
CA GLU A 165 -38.72 -9.65 -16.11
C GLU A 165 -39.00 -10.84 -17.01
N SER A 166 -38.86 -10.64 -18.33
CA SER A 166 -39.00 -11.76 -19.25
C SER A 166 -38.32 -11.50 -20.58
N PHE A 167 -38.17 -12.56 -21.35
CA PHE A 167 -37.70 -12.48 -22.72
C PHE A 167 -38.67 -11.68 -23.59
N GLU A 168 -39.97 -11.95 -23.43
CA GLU A 168 -41.02 -11.27 -24.19
C GLU A 168 -40.92 -9.77 -24.03
N GLU A 169 -40.78 -9.33 -22.79
CA GLU A 169 -40.61 -7.92 -22.48
C GLU A 169 -39.59 -7.29 -23.40
N VAL A 170 -38.48 -8.00 -23.62
CA VAL A 170 -37.35 -7.46 -24.36
C VAL A 170 -37.60 -7.48 -25.86
N ALA A 171 -38.12 -8.60 -26.35
CA ALA A 171 -38.50 -8.75 -27.75
C ALA A 171 -39.59 -7.73 -28.09
N ARG A 172 -40.61 -7.64 -27.24
CA ARG A 172 -41.70 -6.64 -27.37
C ARG A 172 -41.12 -5.27 -27.64
N GLU A 173 -40.12 -4.87 -26.87
CA GLU A 173 -39.54 -3.54 -27.06
C GLU A 173 -38.49 -3.46 -28.19
N GLY A 174 -38.37 -4.51 -29.02
CA GLY A 174 -37.67 -4.38 -30.31
C GLY A 174 -36.45 -5.24 -30.65
N ALA A 175 -35.92 -5.98 -29.68
CA ALA A 175 -34.74 -6.83 -29.93
C ALA A 175 -34.97 -7.95 -30.93
N ASP A 176 -34.04 -8.13 -31.86
CA ASP A 176 -34.08 -9.25 -32.82
C ASP A 176 -33.38 -10.49 -32.28
N VAL A 177 -32.22 -10.30 -31.65
CA VAL A 177 -31.51 -11.36 -30.94
C VAL A 177 -31.32 -10.99 -29.47
N ILE A 178 -31.47 -11.98 -28.58
CA ILE A 178 -31.23 -11.81 -27.14
C ILE A 178 -30.12 -12.75 -26.70
N VAL A 179 -29.13 -12.21 -26.01
CA VAL A 179 -28.05 -13.06 -25.52
C VAL A 179 -28.22 -13.19 -24.03
N ASN A 180 -28.51 -14.42 -23.61
CA ASN A 180 -28.85 -14.71 -22.22
C ASN A 180 -27.65 -15.13 -21.34
N CYS A 181 -27.19 -14.16 -20.56
CA CYS A 181 -25.93 -14.27 -19.80
C CYS A 181 -26.20 -13.90 -18.36
N THR A 182 -27.26 -14.50 -17.79
CA THR A 182 -27.83 -14.08 -16.53
C THR A 182 -27.30 -14.90 -15.36
N GLY A 183 -26.23 -15.66 -15.62
CA GLY A 183 -25.58 -16.49 -14.61
C GLY A 183 -26.52 -17.34 -13.79
N VAL A 184 -26.31 -17.31 -12.48
CA VAL A 184 -27.04 -18.15 -11.53
C VAL A 184 -28.53 -17.82 -11.50
N TRP A 185 -28.86 -16.63 -11.96
CA TRP A 185 -30.23 -16.12 -11.88
C TRP A 185 -31.04 -16.49 -13.10
N ALA A 186 -30.49 -17.33 -13.97
CA ALA A 186 -31.13 -17.63 -15.25
C ALA A 186 -32.52 -18.27 -15.16
N GLY A 187 -32.73 -19.13 -14.16
CA GLY A 187 -33.98 -19.86 -13.97
C GLY A 187 -35.20 -18.98 -13.85
N ALA A 188 -35.01 -17.75 -13.39
CA ALA A 188 -36.07 -16.72 -13.31
C ALA A 188 -36.60 -16.21 -14.66
N LEU A 189 -35.89 -16.47 -15.76
CA LEU A 189 -36.41 -16.03 -17.05
C LEU A 189 -36.90 -17.23 -17.84
N GLN A 190 -36.42 -18.42 -17.47
CA GLN A 190 -36.86 -19.66 -18.07
C GLN A 190 -36.37 -20.76 -17.15
N ARG A 191 -37.31 -21.34 -16.42
CA ARG A 191 -37.08 -22.44 -15.52
C ARG A 191 -36.04 -23.43 -16.05
N ASP A 192 -35.01 -23.69 -15.23
CA ASP A 192 -33.97 -24.65 -15.53
C ASP A 192 -33.66 -25.40 -14.26
N PRO A 193 -34.19 -26.62 -14.11
CA PRO A 193 -33.97 -27.39 -12.88
C PRO A 193 -32.54 -27.83 -12.73
N LEU A 194 -31.74 -27.75 -13.79
CA LEU A 194 -30.34 -28.24 -13.74
C LEU A 194 -29.36 -27.22 -13.17
N LEU A 195 -29.81 -25.98 -13.05
CA LEU A 195 -28.97 -24.87 -12.69
C LEU A 195 -29.16 -24.55 -11.23
N GLN A 196 -28.07 -24.41 -10.48
CA GLN A 196 -28.19 -24.15 -9.03
C GLN A 196 -26.98 -23.39 -8.46
N PRO A 197 -27.21 -22.59 -7.41
CA PRO A 197 -26.13 -21.87 -6.77
C PRO A 197 -25.17 -22.79 -6.01
N GLY A 198 -23.88 -22.60 -6.28
CA GLY A 198 -22.84 -23.16 -5.44
C GLY A 198 -22.29 -21.94 -4.76
N ARG A 199 -22.89 -21.60 -3.62
CA ARG A 199 -22.52 -20.44 -2.85
C ARG A 199 -21.04 -20.53 -2.48
N GLY A 200 -20.33 -19.42 -2.58
CA GLY A 200 -18.95 -19.38 -2.16
C GLY A 200 -18.74 -18.17 -1.29
N GLN A 201 -17.78 -18.27 -0.39
CA GLN A 201 -17.41 -17.13 0.40
C GLN A 201 -15.88 -17.01 0.41
N ILE A 202 -15.37 -15.80 0.34
CA ILE A 202 -13.93 -15.56 0.30
C ILE A 202 -13.52 -14.37 1.16
N MET A 203 -12.31 -14.48 1.70
CA MET A 203 -11.64 -13.44 2.46
C MET A 203 -10.48 -12.83 1.63
N LYS A 204 -10.40 -11.51 1.63
CA LYS A 204 -9.30 -10.82 0.95
C LYS A 204 -8.34 -10.41 2.06
N VAL A 205 -7.07 -10.72 1.85
CA VAL A 205 -6.10 -10.58 2.92
C VAL A 205 -4.86 -9.87 2.38
N ASP A 206 -4.20 -9.14 3.28
CA ASP A 206 -2.94 -8.52 2.91
C ASP A 206 -1.77 -9.40 3.30
N ALA A 207 -1.26 -10.15 2.34
CA ALA A 207 -0.20 -11.13 2.56
C ALA A 207 0.73 -11.14 1.35
N PRO A 208 1.37 -10.01 1.04
CA PRO A 208 2.04 -9.87 -0.25
C PRO A 208 3.31 -10.72 -0.39
N TRP A 209 3.77 -11.35 0.68
CA TRP A 209 4.84 -12.33 0.55
C TRP A 209 4.40 -13.63 -0.10
N MET A 210 3.10 -13.79 -0.36
CA MET A 210 2.57 -15.02 -0.92
C MET A 210 2.61 -14.95 -2.45
N LYS A 211 3.51 -15.70 -3.07
CA LYS A 211 3.69 -15.61 -4.53
C LYS A 211 3.16 -16.85 -5.28
N HIS A 212 2.58 -17.81 -4.58
CA HIS A 212 2.02 -19.04 -5.21
C HIS A 212 0.56 -19.26 -4.85
N PHE A 213 -0.22 -19.79 -5.77
CA PHE A 213 -1.52 -20.30 -5.37
C PHE A 213 -1.35 -21.65 -4.72
N ILE A 214 -2.23 -21.97 -3.80
CA ILE A 214 -2.24 -23.25 -3.13
C ILE A 214 -3.70 -23.72 -3.11
N LEU A 215 -4.03 -24.76 -3.85
CA LEU A 215 -5.38 -25.32 -3.80
C LEU A 215 -5.35 -26.71 -3.14
N THR A 216 -6.23 -26.92 -2.16
CA THR A 216 -6.31 -28.25 -1.55
C THR A 216 -7.54 -29.01 -1.99
N HIS A 217 -7.38 -30.32 -2.11
CA HIS A 217 -8.50 -31.12 -2.58
C HIS A 217 -8.86 -32.24 -1.65
N ASP A 218 -10.15 -32.33 -1.34
CA ASP A 218 -10.62 -33.43 -0.52
C ASP A 218 -11.91 -34.00 -1.12
N PRO A 219 -11.90 -35.30 -1.48
CA PRO A 219 -13.15 -35.93 -1.95
C PRO A 219 -14.27 -35.98 -0.89
N GLU A 220 -13.89 -36.06 0.39
CA GLU A 220 -14.85 -36.12 1.49
C GLU A 220 -15.60 -34.81 1.68
N ARG A 221 -14.98 -33.71 1.31
CA ARG A 221 -15.66 -32.41 1.40
C ARG A 221 -16.04 -31.84 0.03
N GLY A 222 -15.33 -32.27 -1.01
CA GLY A 222 -15.73 -31.98 -2.39
C GLY A 222 -15.19 -30.68 -2.94
N ILE A 223 -15.18 -30.58 -4.27
CA ILE A 223 -14.66 -29.43 -5.02
C ILE A 223 -15.00 -28.05 -4.38
N TYR A 224 -14.00 -27.17 -4.35
CA TYR A 224 -14.12 -25.81 -3.82
C TYR A 224 -14.62 -25.72 -2.37
N ASN A 225 -14.56 -26.84 -1.66
CA ASN A 225 -14.94 -26.83 -0.24
C ASN A 225 -13.76 -27.08 0.64
N SER A 226 -12.61 -27.10 0.00
CA SER A 226 -11.36 -27.34 0.67
C SER A 226 -10.57 -26.02 0.65
N PRO A 227 -9.73 -25.76 1.67
CA PRO A 227 -9.01 -24.47 1.73
C PRO A 227 -8.13 -24.14 0.52
N TYR A 228 -8.23 -22.90 0.05
CA TYR A 228 -7.39 -22.43 -1.01
C TYR A 228 -6.90 -21.00 -0.77
N ILE A 229 -5.78 -20.66 -1.39
CA ILE A 229 -5.08 -19.41 -1.19
C ILE A 229 -4.65 -19.03 -2.55
N ILE A 230 -5.06 -17.84 -2.98
CA ILE A 230 -4.79 -17.40 -4.30
C ILE A 230 -4.38 -15.93 -4.36
N PRO A 231 -3.07 -15.65 -4.44
CA PRO A 231 -2.57 -14.26 -4.53
C PRO A 231 -3.19 -13.51 -5.72
N GLY A 232 -3.68 -12.32 -5.46
CA GLY A 232 -4.08 -11.46 -6.55
C GLY A 232 -3.03 -10.38 -6.78
N THR A 233 -3.42 -9.37 -7.52
CA THR A 233 -2.58 -8.24 -7.74
C THR A 233 -2.27 -7.46 -6.46
N GLN A 234 -3.25 -7.14 -5.63
CA GLN A 234 -3.05 -6.22 -4.49
C GLN A 234 -3.33 -6.93 -3.16
N THR A 235 -3.97 -8.07 -3.28
CA THR A 235 -4.39 -8.79 -2.12
C THR A 235 -4.38 -10.31 -2.36
N VAL A 236 -4.55 -11.07 -1.31
CA VAL A 236 -4.64 -12.52 -1.48
C VAL A 236 -6.08 -13.01 -1.18
N THR A 237 -6.56 -13.99 -1.96
CA THR A 237 -7.87 -14.57 -1.73
C THR A 237 -7.83 -15.80 -0.84
N LEU A 238 -8.63 -15.79 0.19
CA LEU A 238 -8.71 -16.93 1.10
C LEU A 238 -10.09 -17.55 0.90
N GLY A 239 -10.15 -18.83 0.54
CA GLY A 239 -11.43 -19.50 0.30
C GLY A 239 -11.48 -21.00 0.62
N GLY A 240 -12.51 -21.65 0.07
CA GLY A 240 -12.77 -23.09 0.23
C GLY A 240 -14.17 -23.34 0.77
N ILE A 241 -15.15 -22.61 0.25
CA ILE A 241 -16.56 -22.78 0.57
C ILE A 241 -17.45 -23.00 -0.68
N PHE A 242 -18.11 -24.13 -0.72
CA PHE A 242 -19.00 -24.51 -1.79
C PHE A 242 -20.22 -25.16 -1.15
N GLN A 243 -21.40 -24.57 -1.37
CA GLN A 243 -22.65 -25.05 -0.75
C GLN A 243 -23.78 -25.05 -1.78
N LEU A 244 -24.11 -26.21 -2.32
CA LEU A 244 -25.22 -26.32 -3.27
C LEU A 244 -26.54 -25.83 -2.67
N GLY A 245 -27.27 -25.04 -3.44
CA GLY A 245 -28.62 -24.63 -3.07
C GLY A 245 -28.70 -23.45 -2.12
N ASN A 246 -27.57 -22.98 -1.62
CA ASN A 246 -27.62 -21.88 -0.66
C ASN A 246 -27.71 -20.52 -1.40
N TRP A 247 -28.77 -19.75 -1.10
CA TRP A 247 -29.09 -18.51 -1.83
C TRP A 247 -28.79 -17.30 -1.00
N SER A 248 -28.17 -17.52 0.15
CA SER A 248 -27.87 -16.43 1.08
C SER A 248 -26.68 -15.57 0.64
N GLU A 249 -26.99 -14.40 0.08
CA GLU A 249 -25.94 -13.46 -0.31
C GLU A 249 -25.60 -12.60 0.89
N LEU A 250 -24.82 -13.19 1.79
CA LEU A 250 -24.50 -12.59 3.06
C LEU A 250 -23.33 -13.36 3.64
N ASN A 251 -22.34 -12.63 4.14
CA ASN A 251 -21.17 -13.24 4.73
C ASN A 251 -21.54 -13.95 6.03
N ASN A 252 -21.05 -15.17 6.19
CA ASN A 252 -21.40 -16.02 7.28
C ASN A 252 -20.18 -16.23 8.17
N ILE A 253 -20.30 -15.74 9.40
CA ILE A 253 -19.37 -16.06 10.49
C ILE A 253 -18.80 -17.50 10.48
N GLN A 254 -19.63 -18.53 10.44
CA GLN A 254 -19.07 -19.90 10.39
C GLN A 254 -18.10 -20.09 9.23
N ASP A 255 -18.56 -19.76 8.04
CA ASP A 255 -17.73 -19.86 6.84
C ASP A 255 -16.42 -19.06 6.98
N HIS A 256 -16.53 -17.84 7.52
CA HIS A 256 -15.37 -17.04 7.87
C HIS A 256 -14.35 -17.83 8.66
N ASN A 257 -14.78 -18.48 9.73
CA ASN A 257 -13.85 -19.21 10.60
C ASN A 257 -13.24 -20.41 9.93
N THR A 258 -14.00 -21.02 9.03
CA THR A 258 -13.54 -22.16 8.25
C THR A 258 -12.45 -21.79 7.25
N ILE A 259 -12.70 -20.72 6.48
CA ILE A 259 -11.73 -20.15 5.55
C ILE A 259 -10.43 -19.92 6.30
N TRP A 260 -10.58 -19.26 7.46
CA TRP A 260 -9.47 -18.77 8.21
C TRP A 260 -8.64 -19.90 8.82
N GLU A 261 -9.30 -20.84 9.48
CA GLU A 261 -8.63 -21.95 10.12
C GLU A 261 -8.00 -22.83 9.06
N GLY A 262 -8.74 -23.10 8.01
CA GLY A 262 -8.22 -23.93 6.94
C GLY A 262 -6.99 -23.32 6.30
N CYS A 263 -7.01 -22.03 6.09
CA CYS A 263 -5.90 -21.41 5.38
C CYS A 263 -4.68 -21.21 6.27
N CYS A 264 -4.90 -20.97 7.57
CA CYS A 264 -3.81 -20.85 8.54
C CYS A 264 -3.12 -22.21 8.78
N ARG A 265 -3.90 -23.28 8.82
CA ARG A 265 -3.34 -24.61 8.95
C ARG A 265 -2.45 -24.85 7.75
N LEU A 266 -2.85 -24.28 6.61
CA LEU A 266 -2.22 -24.58 5.32
C LEU A 266 -0.96 -23.73 5.19
N GLU A 267 -1.01 -22.53 5.75
CA GLU A 267 0.05 -21.58 5.63
C GLU A 267 0.07 -20.76 6.90
N PRO A 268 0.85 -21.23 7.89
CA PRO A 268 0.88 -20.62 9.22
C PRO A 268 1.22 -19.12 9.21
N THR A 269 2.01 -18.68 8.22
CA THR A 269 2.45 -17.28 8.12
C THR A 269 1.28 -16.34 7.88
N LEU A 270 0.14 -16.92 7.52
CA LEU A 270 -1.06 -16.13 7.28
C LEU A 270 -1.67 -15.61 8.59
N LYS A 271 -1.11 -16.02 9.73
CA LYS A 271 -1.62 -15.59 11.04
C LYS A 271 -1.55 -14.08 11.19
N ASN A 272 -0.47 -13.50 10.70
CA ASN A 272 -0.30 -12.08 10.80
C ASN A 272 -0.73 -11.35 9.56
N ALA A 273 -1.60 -11.96 8.78
CA ALA A 273 -2.12 -11.21 7.64
C ALA A 273 -3.27 -10.34 8.14
N ARG A 274 -3.42 -9.18 7.50
CA ARG A 274 -4.52 -8.27 7.77
C ARG A 274 -5.74 -8.58 6.89
N ILE A 275 -6.90 -8.71 7.51
CA ILE A 275 -8.11 -8.95 6.76
C ILE A 275 -8.63 -7.65 6.19
N ILE A 276 -8.78 -7.58 4.86
CA ILE A 276 -9.19 -6.37 4.20
C ILE A 276 -10.68 -6.39 3.88
N GLY A 277 -11.13 -7.45 3.25
CA GLY A 277 -12.52 -7.54 2.82
C GLY A 277 -13.04 -8.95 2.92
N GLU A 278 -14.32 -9.13 2.64
CA GLU A 278 -14.92 -10.43 2.64
C GLU A 278 -16.13 -10.37 1.75
N ARG A 279 -16.40 -11.45 1.03
CA ARG A 279 -17.43 -11.41 0.00
C ARG A 279 -18.07 -12.78 -0.25
N THR A 280 -19.32 -12.74 -0.71
CA THR A 280 -20.03 -13.94 -1.02
C THR A 280 -20.55 -13.82 -2.44
N GLY A 281 -20.54 -14.93 -3.18
CA GLY A 281 -21.11 -15.00 -4.53
C GLY A 281 -21.67 -16.37 -4.84
N PHE A 282 -22.30 -16.53 -6.01
CA PHE A 282 -22.97 -17.76 -6.31
C PHE A 282 -22.46 -18.41 -7.58
N ARG A 283 -21.76 -19.53 -7.46
CA ARG A 283 -21.34 -20.26 -8.65
C ARG A 283 -22.60 -20.74 -9.38
N PRO A 284 -22.71 -20.43 -10.68
CA PRO A 284 -23.83 -20.98 -11.46
C PRO A 284 -23.59 -22.44 -11.86
N VAL A 285 -23.79 -23.34 -10.92
CA VAL A 285 -23.56 -24.77 -11.12
C VAL A 285 -24.63 -25.41 -12.00
N ARG A 286 -24.20 -26.32 -12.87
CA ARG A 286 -25.06 -26.99 -13.85
C ARG A 286 -24.21 -28.12 -14.42
N PRO A 287 -24.82 -29.27 -14.80
CA PRO A 287 -23.99 -30.41 -15.24
C PRO A 287 -23.11 -30.09 -16.46
N GLN A 288 -23.57 -29.15 -17.27
CA GLN A 288 -22.76 -28.60 -18.33
C GLN A 288 -23.28 -27.22 -18.57
N ILE A 289 -22.47 -26.39 -19.24
CA ILE A 289 -22.88 -25.05 -19.59
C ILE A 289 -24.01 -25.14 -20.57
N ARG A 290 -24.97 -24.23 -20.48
CA ARG A 290 -25.94 -24.08 -21.55
C ARG A 290 -25.51 -22.96 -22.47
N LEU A 291 -25.07 -23.35 -23.64
CA LEU A 291 -24.62 -22.44 -24.69
C LEU A 291 -25.14 -22.97 -26.03
N GLU A 292 -26.30 -22.44 -26.41
CA GLU A 292 -27.10 -22.98 -27.51
C GLU A 292 -28.18 -21.98 -27.88
N ARG A 293 -28.78 -22.20 -29.03
CA ARG A 293 -29.88 -21.40 -29.51
C ARG A 293 -31.27 -21.94 -29.13
N GLU A 294 -32.21 -21.02 -29.14
CA GLU A 294 -33.60 -21.32 -28.98
C GLU A 294 -34.40 -20.22 -29.70
N GLN A 295 -35.35 -20.60 -30.56
CA GLN A 295 -36.23 -19.61 -31.20
C GLN A 295 -37.43 -19.40 -30.30
N LEU A 296 -37.48 -18.25 -29.66
CA LEU A 296 -38.56 -17.98 -28.73
C LEU A 296 -39.80 -17.47 -29.47
N ARG A 297 -40.86 -18.27 -29.42
CA ARG A 297 -42.13 -17.95 -30.09
C ARG A 297 -42.84 -16.76 -29.44
N THR A 298 -42.46 -15.56 -29.87
CA THR A 298 -43.08 -14.36 -29.33
C THR A 298 -43.81 -13.62 -30.44
N GLY A 299 -44.96 -13.04 -30.11
CA GLY A 299 -45.76 -12.23 -31.04
C GLY A 299 -45.83 -12.77 -32.46
N PRO A 300 -45.78 -11.87 -33.46
CA PRO A 300 -45.84 -12.22 -34.89
C PRO A 300 -44.71 -13.20 -35.31
N SER A 301 -43.47 -12.74 -35.27
CA SER A 301 -42.32 -13.61 -35.55
C SER A 301 -41.52 -13.85 -34.29
N ASN A 302 -41.05 -15.08 -34.11
CA ASN A 302 -40.19 -15.37 -32.99
C ASN A 302 -38.87 -14.62 -33.03
N THR A 303 -38.29 -14.38 -31.85
CA THR A 303 -36.98 -13.76 -31.71
C THR A 303 -35.96 -14.82 -31.27
N GLU A 304 -34.73 -14.67 -31.73
CA GLU A 304 -33.67 -15.64 -31.44
C GLU A 304 -32.99 -15.36 -30.08
N VAL A 305 -32.76 -16.42 -29.33
CA VAL A 305 -32.08 -16.32 -28.06
C VAL A 305 -30.85 -17.23 -28.07
N ILE A 306 -29.70 -16.65 -27.72
CA ILE A 306 -28.51 -17.43 -27.41
C ILE A 306 -28.38 -17.48 -25.91
N HIS A 307 -28.49 -18.69 -25.37
CA HIS A 307 -28.18 -18.93 -23.96
C HIS A 307 -26.68 -19.14 -23.76
N ASN A 308 -26.12 -18.43 -22.77
CA ASN A 308 -24.74 -18.61 -22.33
C ASN A 308 -24.67 -18.47 -20.81
N TYR A 309 -24.85 -19.57 -20.10
CA TYR A 309 -24.93 -19.51 -18.64
C TYR A 309 -24.69 -20.87 -18.06
N GLY A 310 -24.49 -20.91 -16.74
CA GLY A 310 -24.11 -22.14 -16.02
C GLY A 310 -22.64 -22.49 -16.13
N HIS A 311 -21.78 -21.52 -15.81
CA HIS A 311 -20.33 -21.72 -15.91
C HIS A 311 -19.71 -22.13 -14.58
N GLY A 312 -20.55 -22.31 -13.56
CA GLY A 312 -20.11 -22.87 -12.27
C GLY A 312 -18.87 -22.22 -11.71
N GLY A 313 -17.91 -23.03 -11.24
CA GLY A 313 -16.71 -22.51 -10.64
C GLY A 313 -15.61 -22.16 -11.63
N TYR A 314 -15.94 -22.01 -12.92
CA TYR A 314 -14.91 -21.86 -13.95
C TYR A 314 -15.19 -20.85 -15.08
N GLY A 315 -16.03 -19.86 -14.83
CA GLY A 315 -16.38 -18.84 -15.81
C GLY A 315 -15.19 -18.10 -16.40
N LEU A 316 -14.29 -17.62 -15.55
CA LEU A 316 -13.16 -16.83 -16.00
C LEU A 316 -12.28 -17.77 -16.79
N THR A 317 -12.12 -18.98 -16.28
CA THR A 317 -11.33 -19.99 -16.98
C THR A 317 -11.79 -20.25 -18.40
N ILE A 318 -13.10 -20.25 -18.63
CA ILE A 318 -13.64 -20.70 -19.91
C ILE A 318 -14.24 -19.59 -20.79
N HIS A 319 -14.42 -18.40 -20.21
CA HIS A 319 -15.28 -17.37 -20.81
C HIS A 319 -14.98 -17.10 -22.28
N TRP A 320 -13.70 -16.98 -22.63
CA TRP A 320 -13.36 -16.64 -24.02
C TRP A 320 -13.86 -17.63 -25.09
N GLY A 321 -13.62 -18.93 -24.85
CA GLY A 321 -14.10 -19.97 -25.73
C GLY A 321 -15.61 -19.86 -25.86
N CYS A 322 -16.27 -19.61 -24.74
CA CYS A 322 -17.73 -19.51 -24.71
C CYS A 322 -18.22 -18.35 -25.56
N ALA A 323 -17.54 -17.22 -25.45
CA ALA A 323 -17.88 -16.03 -26.22
C ALA A 323 -17.69 -16.27 -27.75
N LEU A 324 -16.61 -16.93 -28.14
CA LEU A 324 -16.35 -17.19 -29.56
C LEU A 324 -17.45 -18.07 -30.13
N GLU A 325 -17.91 -19.01 -29.30
CA GLU A 325 -18.92 -19.95 -29.67
C GLU A 325 -20.33 -19.31 -29.70
N ALA A 326 -20.59 -18.37 -28.81
CA ALA A 326 -21.79 -17.61 -28.86
C ALA A 326 -21.84 -16.72 -30.09
N ALA A 327 -20.69 -16.18 -30.48
CA ALA A 327 -20.60 -15.35 -31.67
C ALA A 327 -20.85 -16.17 -32.94
N LYS A 328 -20.32 -17.40 -32.94
CA LYS A 328 -20.50 -18.33 -34.03
C LYS A 328 -21.99 -18.62 -34.21
N LEU A 329 -22.67 -18.95 -33.12
CA LEU A 329 -24.11 -19.17 -33.20
C LEU A 329 -24.78 -17.93 -33.79
N PHE A 330 -24.21 -16.77 -33.48
CA PHE A 330 -24.73 -15.49 -33.97
C PHE A 330 -24.53 -15.41 -35.46
N GLY A 331 -23.44 -15.96 -35.95
CA GLY A 331 -23.16 -15.90 -37.36
C GLY A 331 -24.14 -16.75 -38.10
N ARG A 332 -24.59 -17.83 -37.45
CA ARG A 332 -25.54 -18.75 -38.07
C ARG A 332 -26.95 -18.14 -38.15
N ILE A 333 -27.30 -17.33 -37.16
CA ILE A 333 -28.56 -16.65 -37.21
C ILE A 333 -28.61 -15.71 -38.41
N LEU A 334 -27.50 -15.02 -38.66
CA LEU A 334 -27.43 -14.03 -39.72
C LEU A 334 -27.64 -14.63 -41.11
N GLU A 335 -26.98 -15.76 -41.36
CA GLU A 335 -27.08 -16.40 -42.65
C GLU A 335 -28.47 -17.01 -42.88
N GLU A 336 -29.12 -17.43 -41.80
CA GLU A 336 -30.50 -17.90 -41.90
C GLU A 336 -31.44 -16.72 -42.19
N LYS A 337 -31.22 -15.59 -41.51
CA LYS A 337 -31.96 -14.36 -41.78
C LYS A 337 -31.54 -13.72 -43.10
N LYS A 338 -30.71 -14.44 -43.87
CA LYS A 338 -30.23 -14.00 -45.18
C LYS A 338 -29.63 -12.59 -45.12
N LEU A 339 -28.69 -12.39 -44.19
CA LEU A 339 -28.15 -11.06 -43.91
C LEU A 339 -26.64 -11.12 -43.64
N SER A 340 -25.92 -11.92 -44.44
CA SER A 340 -24.48 -12.00 -44.37
C SER A 340 -23.92 -12.12 -45.79
N MET B 1 36.29 -14.18 28.32
CA MET B 1 36.24 -14.49 26.86
C MET B 1 35.52 -13.33 26.18
N ARG B 2 36.31 -12.41 25.62
CA ARG B 2 35.76 -11.15 25.10
C ARG B 2 35.82 -11.13 23.57
N VAL B 3 34.66 -11.08 22.92
CA VAL B 3 34.60 -11.25 21.45
C VAL B 3 34.07 -10.02 20.75
N VAL B 4 34.87 -9.49 19.81
CA VAL B 4 34.39 -8.39 18.96
C VAL B 4 34.13 -8.83 17.52
N VAL B 5 32.88 -8.68 17.10
CA VAL B 5 32.49 -8.90 15.72
C VAL B 5 32.52 -7.54 15.00
N ILE B 6 33.31 -7.46 13.93
CA ILE B 6 33.33 -6.23 13.12
C ILE B 6 32.47 -6.43 11.86
N GLY B 7 31.43 -5.63 11.72
CA GLY B 7 30.49 -5.79 10.62
C GLY B 7 29.07 -6.13 11.08
N ALA B 8 28.12 -5.31 10.65
CA ALA B 8 26.74 -5.51 11.02
C ALA B 8 25.88 -5.83 9.80
N GLY B 9 26.53 -6.30 8.73
CA GLY B 9 25.81 -6.76 7.56
C GLY B 9 25.34 -8.17 7.85
N VAL B 10 24.86 -8.87 6.83
CA VAL B 10 24.39 -10.21 7.05
C VAL B 10 25.46 -11.11 7.64
N ILE B 11 26.70 -10.98 7.14
CA ILE B 11 27.77 -11.89 7.57
C ILE B 11 28.10 -11.74 9.11
N GLY B 12 28.30 -10.49 9.55
CA GLY B 12 28.56 -10.15 10.94
C GLY B 12 27.45 -10.64 11.86
N LEU B 13 26.23 -10.20 11.60
CA LEU B 13 25.14 -10.43 12.49
C LEU B 13 24.80 -11.92 12.57
N SER B 14 24.73 -12.61 11.44
CA SER B 14 24.53 -14.04 11.45
C SER B 14 25.64 -14.74 12.23
N THR B 15 26.89 -14.45 11.89
CA THR B 15 28.03 -15.03 12.61
C THR B 15 27.94 -14.75 14.13
N ALA B 16 27.80 -13.48 14.49
CA ALA B 16 27.61 -13.14 15.89
C ALA B 16 26.55 -14.04 16.54
N LEU B 17 25.39 -14.17 15.89
CA LEU B 17 24.28 -14.96 16.44
C LEU B 17 24.65 -16.42 16.56
N CYS B 18 25.27 -16.95 15.52
CA CYS B 18 25.57 -18.35 15.45
C CYS B 18 26.60 -18.72 16.55
N ILE B 19 27.58 -17.88 16.75
CA ILE B 19 28.53 -18.10 17.82
C ILE B 19 27.85 -18.03 19.22
N HIS B 20 27.00 -17.04 19.44
CA HIS B 20 26.34 -16.90 20.75
C HIS B 20 25.48 -18.08 21.08
N GLU B 21 24.70 -18.55 20.11
CA GLU B 21 23.73 -19.60 20.38
C GLU B 21 24.39 -20.95 20.59
N ARG B 22 25.65 -21.05 20.19
CA ARG B 22 26.36 -22.32 20.23
C ARG B 22 27.31 -22.43 21.43
N TYR B 23 27.67 -21.31 22.04
CA TYR B 23 28.73 -21.31 23.04
C TYR B 23 28.44 -20.48 24.29
N HIS B 24 27.26 -19.87 24.38
CA HIS B 24 26.95 -19.14 25.61
C HIS B 24 26.76 -20.06 26.82
N SER B 25 26.45 -21.34 26.57
CA SER B 25 26.22 -22.30 27.65
C SER B 25 27.48 -23.08 28.07
N VAL B 26 28.57 -22.87 27.33
CA VAL B 26 29.83 -23.52 27.64
C VAL B 26 30.94 -22.50 27.89
N LEU B 27 30.56 -21.24 28.04
CA LEU B 27 31.51 -20.21 28.38
C LEU B 27 30.86 -19.30 29.38
N GLN B 28 31.50 -19.14 30.54
CA GLN B 28 30.91 -18.33 31.58
C GLN B 28 30.88 -16.87 31.15
N PRO B 29 32.01 -16.14 31.27
CA PRO B 29 31.86 -14.76 30.78
C PRO B 29 32.11 -14.73 29.25
N LEU B 30 31.06 -15.00 28.46
CA LEU B 30 31.11 -14.86 27.00
C LEU B 30 30.51 -13.52 26.57
N ASP B 31 31.31 -12.47 26.56
CA ASP B 31 30.86 -11.17 26.08
C ASP B 31 31.06 -11.00 24.57
N ILE B 32 29.95 -10.83 23.87
CA ILE B 32 30.00 -10.59 22.45
C ILE B 32 29.54 -9.19 22.15
N LYS B 33 30.40 -8.46 21.46
CA LYS B 33 30.09 -7.10 21.02
C LYS B 33 30.21 -6.96 19.49
N VAL B 34 29.29 -6.20 18.92
CA VAL B 34 29.35 -5.91 17.51
C VAL B 34 29.79 -4.47 17.32
N TYR B 35 30.92 -4.33 16.65
CA TYR B 35 31.39 -3.02 16.16
C TYR B 35 31.12 -2.89 14.66
N ALA B 36 30.33 -1.88 14.31
CA ALA B 36 30.08 -1.54 12.91
C ALA B 36 30.12 -0.04 12.62
N ASP B 37 30.56 0.27 11.40
CA ASP B 37 30.56 1.61 10.88
C ASP B 37 29.18 2.00 10.35
N ARG B 38 28.46 1.03 9.78
CA ARG B 38 27.07 1.27 9.37
C ARG B 38 26.18 0.12 9.75
N PHE B 39 24.97 0.46 10.13
CA PHE B 39 23.99 -0.54 10.49
C PHE B 39 22.80 -0.58 9.52
N THR B 40 21.86 -1.41 9.93
CA THR B 40 20.90 -2.11 9.11
C THR B 40 19.98 -1.44 8.18
N PRO B 41 19.85 -0.10 8.25
CA PRO B 41 19.25 0.42 7.02
C PRO B 41 20.27 0.66 5.88
N LEU B 42 21.55 0.86 6.25
CA LEU B 42 22.54 1.46 5.34
C LEU B 42 23.74 0.59 4.98
N THR B 43 23.59 -0.72 4.98
CA THR B 43 24.65 -1.58 4.49
C THR B 43 24.31 -2.15 3.11
N THR B 44 25.31 -2.75 2.49
CA THR B 44 25.16 -3.48 1.26
C THR B 44 24.08 -4.52 1.37
N THR B 45 24.04 -5.20 2.51
CA THR B 45 23.08 -6.26 2.72
C THR B 45 21.68 -5.74 2.48
N ASP B 46 21.46 -4.49 2.85
CA ASP B 46 20.18 -3.81 2.64
C ASP B 46 19.78 -3.57 1.19
N VAL B 47 20.77 -3.57 0.30
CA VAL B 47 20.53 -3.22 -1.07
C VAL B 47 20.06 -4.48 -1.81
N ALA B 48 20.42 -5.66 -1.31
CA ALA B 48 20.21 -6.91 -2.03
C ALA B 48 18.74 -7.29 -2.09
N ALA B 49 18.30 -7.95 -3.17
CA ALA B 49 16.92 -8.44 -3.17
C ALA B 49 16.75 -9.61 -2.18
N GLY B 50 17.76 -10.46 -2.11
CA GLY B 50 17.81 -11.52 -1.12
C GLY B 50 17.50 -12.85 -1.76
N LEU B 51 17.61 -12.92 -3.08
CA LEU B 51 17.31 -14.18 -3.79
C LEU B 51 18.41 -15.17 -3.50
N TRP B 52 18.02 -16.39 -3.22
CA TRP B 52 18.98 -17.46 -3.10
C TRP B 52 19.28 -18.02 -4.47
N GLN B 53 20.50 -17.79 -4.92
CA GLN B 53 20.99 -18.41 -6.14
C GLN B 53 22.47 -18.21 -6.19
N PRO B 54 23.25 -19.29 -6.10
CA PRO B 54 24.71 -19.23 -6.21
C PRO B 54 25.07 -18.91 -7.64
N TYR B 55 26.34 -18.61 -7.93
CA TYR B 55 26.82 -18.53 -9.33
C TYR B 55 26.51 -19.82 -10.09
N LEU B 56 26.45 -19.73 -11.41
CA LEU B 56 26.14 -20.91 -12.24
C LEU B 56 27.31 -21.90 -12.31
N SER B 57 28.53 -21.37 -12.44
CA SER B 57 29.76 -22.18 -12.44
C SER B 57 30.15 -22.66 -11.03
N ASP B 58 30.78 -23.85 -10.94
CA ASP B 58 31.21 -24.42 -9.64
C ASP B 58 32.18 -23.53 -8.84
N PRO B 59 32.06 -23.54 -7.50
CA PRO B 59 32.90 -22.62 -6.73
C PRO B 59 34.35 -23.04 -6.74
N ASN B 60 35.25 -22.06 -6.71
CA ASN B 60 36.68 -22.32 -6.65
C ASN B 60 36.93 -23.26 -5.48
N ASN B 61 36.26 -22.95 -4.38
CA ASN B 61 36.34 -23.77 -3.19
C ASN B 61 35.03 -24.57 -3.05
N PRO B 62 35.07 -25.89 -3.33
CA PRO B 62 33.86 -26.73 -3.31
C PRO B 62 33.15 -26.72 -1.98
N GLN B 63 33.82 -26.20 -0.96
CA GLN B 63 33.22 -26.03 0.35
C GLN B 63 32.04 -25.10 0.22
N GLU B 64 32.17 -24.08 -0.63
CA GLU B 64 31.11 -23.08 -0.79
C GLU B 64 29.77 -23.67 -1.23
N ALA B 65 29.81 -24.66 -2.13
CA ALA B 65 28.62 -25.43 -2.52
C ALA B 65 27.87 -25.99 -1.30
N ASP B 66 28.60 -26.41 -0.28
CA ASP B 66 27.95 -26.95 0.91
C ASP B 66 27.31 -25.85 1.73
N TRP B 67 28.04 -24.75 1.91
CA TRP B 67 27.61 -23.64 2.74
C TRP B 67 26.30 -23.04 2.21
N SER B 68 26.20 -22.91 0.89
CA SER B 68 24.97 -22.51 0.22
C SER B 68 23.85 -23.52 0.48
N GLN B 69 24.16 -24.81 0.36
CA GLN B 69 23.18 -25.88 0.56
C GLN B 69 22.60 -25.84 1.97
N GLN B 70 23.48 -25.68 2.94
CA GLN B 70 23.09 -25.68 4.33
C GLN B 70 22.20 -24.48 4.60
N THR B 71 22.58 -23.34 4.03
CA THR B 71 21.77 -22.11 4.08
C THR B 71 20.35 -22.33 3.50
N PHE B 72 20.25 -22.96 2.33
CA PHE B 72 18.94 -23.28 1.79
C PHE B 72 18.13 -24.23 2.68
N ASP B 73 18.74 -25.31 3.14
CA ASP B 73 18.00 -26.29 3.93
C ASP B 73 17.44 -25.65 5.19
N TYR B 74 18.27 -24.80 5.80
CA TYR B 74 17.93 -24.12 7.03
C TYR B 74 16.79 -23.12 6.83
N LEU B 75 16.93 -22.25 5.84
CA LEU B 75 15.88 -21.29 5.59
C LEU B 75 14.55 -21.99 5.26
N LEU B 76 14.63 -23.07 4.47
CA LEU B 76 13.43 -23.77 3.99
C LEU B 76 12.67 -24.38 5.14
N SER B 77 13.39 -24.96 6.10
CA SER B 77 12.76 -25.53 7.29
C SER B 77 12.02 -24.46 8.14
N HIS B 78 12.26 -23.19 7.86
CA HIS B 78 11.58 -22.10 8.57
C HIS B 78 10.60 -21.32 7.68
N VAL B 79 10.40 -21.79 6.46
CA VAL B 79 9.54 -21.04 5.57
C VAL B 79 8.09 -21.10 6.04
N HIS B 80 7.73 -22.12 6.79
CA HIS B 80 6.37 -22.20 7.30
C HIS B 80 6.32 -22.09 8.79
N SER B 81 6.79 -21.00 9.33
CA SER B 81 6.67 -20.80 10.75
C SER B 81 6.11 -19.39 10.96
N PRO B 82 5.59 -19.10 12.16
CA PRO B 82 4.98 -17.79 12.33
C PRO B 82 5.99 -16.64 12.21
N ASN B 83 7.27 -16.94 12.25
CA ASN B 83 8.32 -15.91 12.12
C ASN B 83 8.54 -15.38 10.68
N ALA B 84 8.37 -16.25 9.69
CA ALA B 84 8.81 -16.02 8.29
C ALA B 84 8.70 -14.58 7.79
N GLU B 85 7.52 -13.99 7.93
CA GLU B 85 7.28 -12.61 7.55
C GLU B 85 8.27 -11.63 8.22
N ASN B 86 8.45 -11.75 9.54
CA ASN B 86 9.43 -10.94 10.28
C ASN B 86 10.86 -11.02 9.73
N LEU B 87 11.27 -12.21 9.31
CA LEU B 87 12.56 -12.40 8.65
C LEU B 87 12.52 -11.91 7.22
N GLY B 88 11.32 -11.84 6.65
CA GLY B 88 11.19 -11.53 5.24
C GLY B 88 11.57 -12.70 4.36
N LEU B 89 11.22 -13.92 4.81
CA LEU B 89 11.57 -15.15 4.13
C LEU B 89 10.34 -15.66 3.46
N PHE B 90 10.43 -15.99 2.20
CA PHE B 90 9.32 -16.64 1.52
C PHE B 90 9.80 -17.31 0.25
N LEU B 91 8.94 -18.13 -0.34
CA LEU B 91 9.27 -18.92 -1.55
C LEU B 91 8.87 -18.16 -2.80
N ILE B 92 9.71 -18.27 -3.82
CA ILE B 92 9.39 -17.68 -5.09
C ILE B 92 9.93 -18.56 -6.22
N SER B 93 9.18 -18.67 -7.31
CA SER B 93 9.62 -19.36 -8.52
C SER B 93 9.91 -18.39 -9.62
N GLY B 94 10.51 -18.88 -10.68
CA GLY B 94 10.97 -18.00 -11.74
C GLY B 94 11.98 -18.64 -12.68
N TYR B 95 12.45 -17.81 -13.62
CA TYR B 95 13.10 -18.17 -14.87
C TYR B 95 14.53 -17.68 -14.87
N ASN B 96 15.45 -18.56 -15.26
CA ASN B 96 16.77 -18.15 -15.72
C ASN B 96 16.80 -18.29 -17.27
N LEU B 97 17.08 -17.19 -17.96
CA LEU B 97 17.05 -17.20 -19.41
C LEU B 97 18.47 -17.03 -20.01
N PHE B 98 18.69 -17.74 -21.12
CA PHE B 98 19.95 -17.68 -21.84
C PHE B 98 19.72 -17.66 -23.35
N HIS B 99 20.76 -17.28 -24.07
CA HIS B 99 20.73 -17.33 -25.52
C HIS B 99 20.93 -18.73 -26.08
N GLU B 100 21.86 -19.49 -25.51
CA GLU B 100 22.12 -20.83 -26.02
C GLU B 100 21.99 -21.83 -24.90
N ALA B 101 21.98 -23.12 -25.27
CA ALA B 101 22.03 -24.21 -24.29
C ALA B 101 23.29 -24.11 -23.42
N ILE B 102 23.13 -24.40 -22.13
CA ILE B 102 24.20 -24.43 -21.12
C ILE B 102 23.95 -25.60 -20.16
N PRO B 103 25.01 -26.17 -19.56
CA PRO B 103 24.79 -27.26 -18.58
C PRO B 103 24.09 -26.84 -17.27
N ASP B 104 23.30 -27.76 -16.73
CA ASP B 104 22.66 -27.56 -15.44
C ASP B 104 23.64 -27.00 -14.41
N PRO B 105 23.12 -26.30 -13.40
CA PRO B 105 23.98 -25.86 -12.32
C PRO B 105 24.23 -26.96 -11.29
N SER B 106 25.33 -26.86 -10.57
CA SER B 106 25.62 -27.77 -9.48
C SER B 106 24.50 -27.82 -8.49
N TRP B 107 23.88 -26.68 -8.23
CA TRP B 107 22.84 -26.59 -7.20
C TRP B 107 21.45 -27.12 -7.62
N LYS B 108 21.33 -27.63 -8.84
CA LYS B 108 20.05 -28.03 -9.38
C LYS B 108 19.19 -28.92 -8.46
N ASP B 109 19.77 -29.55 -7.44
CA ASP B 109 18.99 -30.40 -6.56
C ASP B 109 18.73 -29.77 -5.23
N THR B 110 19.38 -28.63 -4.99
CA THR B 110 19.12 -27.90 -3.77
C THR B 110 17.73 -27.25 -3.89
N VAL B 111 17.54 -26.46 -4.94
CA VAL B 111 16.27 -25.81 -5.21
C VAL B 111 15.14 -26.86 -5.36
N LEU B 112 13.91 -26.39 -5.53
CA LEU B 112 12.75 -27.26 -5.68
C LEU B 112 12.25 -27.26 -7.11
N GLY B 113 12.07 -28.47 -7.64
CA GLY B 113 11.49 -28.69 -8.94
C GLY B 113 12.21 -28.02 -10.08
N PHE B 114 13.54 -28.04 -10.03
CA PHE B 114 14.37 -27.48 -11.09
C PHE B 114 14.09 -28.17 -12.39
N ARG B 115 13.89 -27.43 -13.46
CA ARG B 115 13.66 -28.04 -14.76
C ARG B 115 14.01 -27.07 -15.88
N LYS B 116 14.05 -27.61 -17.10
CA LYS B 116 14.34 -26.79 -18.28
C LYS B 116 13.05 -26.15 -18.71
N LEU B 117 13.16 -25.04 -19.43
CA LEU B 117 11.98 -24.34 -19.97
C LEU B 117 11.42 -25.06 -21.20
N THR B 118 10.12 -25.32 -21.22
CA THR B 118 9.44 -25.90 -22.38
C THR B 118 9.27 -24.81 -23.43
N PRO B 119 9.11 -25.20 -24.71
CA PRO B 119 9.09 -24.17 -25.76
C PRO B 119 7.97 -23.14 -25.60
N ARG B 120 6.83 -23.57 -25.05
CA ARG B 120 5.73 -22.65 -24.78
C ARG B 120 6.24 -21.49 -23.93
N GLU B 121 7.02 -21.80 -22.90
CA GLU B 121 7.52 -20.79 -21.97
C GLU B 121 8.50 -19.85 -22.65
N LEU B 122 9.39 -20.41 -23.46
CA LEU B 122 10.39 -19.61 -24.14
C LEU B 122 9.84 -18.57 -25.12
N ASP B 123 8.63 -18.80 -25.62
CA ASP B 123 7.99 -17.87 -26.54
C ASP B 123 7.57 -16.56 -25.88
N MET B 124 7.50 -16.55 -24.55
CA MET B 124 7.22 -15.31 -23.84
C MET B 124 8.47 -14.46 -23.77
N PHE B 125 9.58 -14.99 -24.30
CA PHE B 125 10.83 -14.26 -24.28
C PHE B 125 11.50 -14.32 -25.65
N PRO B 126 11.19 -13.34 -26.52
CA PRO B 126 11.75 -13.29 -27.87
C PRO B 126 13.26 -13.42 -27.82
N ASP B 127 13.90 -12.49 -27.09
CA ASP B 127 15.36 -12.41 -26.95
C ASP B 127 16.03 -13.64 -26.37
N TYR B 128 15.26 -14.61 -25.91
CA TYR B 128 15.91 -15.77 -25.29
C TYR B 128 15.46 -17.10 -25.89
N GLY B 129 16.39 -18.07 -25.95
CA GLY B 129 16.09 -19.36 -26.57
C GLY B 129 16.33 -20.54 -25.63
N TYR B 130 16.77 -20.26 -24.42
CA TYR B 130 16.95 -21.34 -23.51
C TYR B 130 16.87 -20.86 -22.06
N GLY B 131 16.59 -21.77 -21.14
CA GLY B 131 16.59 -21.41 -19.77
C GLY B 131 16.05 -22.44 -18.82
N TRP B 132 15.85 -22.01 -17.57
CA TRP B 132 15.38 -22.88 -16.51
C TRP B 132 14.19 -22.25 -15.83
N PHE B 133 13.48 -23.06 -15.08
CA PHE B 133 12.46 -22.63 -14.14
C PHE B 133 12.71 -23.41 -12.87
N HIS B 134 12.58 -22.76 -11.73
CA HIS B 134 12.67 -23.47 -10.45
C HIS B 134 12.05 -22.64 -9.37
N THR B 135 11.88 -23.22 -8.18
CA THR B 135 11.36 -22.50 -7.05
C THR B 135 12.49 -22.34 -6.03
N SER B 136 12.80 -21.08 -5.68
CA SER B 136 13.88 -20.81 -4.74
C SER B 136 13.29 -20.10 -3.54
N LEU B 137 14.12 -19.32 -2.85
CA LEU B 137 13.72 -18.58 -1.65
C LEU B 137 14.17 -17.12 -1.76
N ILE B 138 13.41 -16.22 -1.20
CA ILE B 138 13.89 -14.90 -0.93
C ILE B 138 14.05 -14.67 0.55
N LEU B 139 15.21 -14.14 0.92
CA LEU B 139 15.43 -13.62 2.26
C LEU B 139 15.81 -12.12 2.19
N GLU B 140 14.84 -11.25 2.38
CA GLU B 140 15.02 -9.83 2.18
C GLU B 140 16.00 -9.28 3.21
N GLY B 141 17.11 -8.72 2.68
CA GLY B 141 18.20 -8.17 3.47
C GLY B 141 17.76 -7.29 4.62
N LYS B 142 16.89 -6.31 4.34
CA LYS B 142 16.49 -5.33 5.35
C LYS B 142 15.88 -6.04 6.55
N ASN B 143 14.70 -6.64 6.33
CA ASN B 143 14.01 -7.49 7.30
C ASN B 143 14.95 -8.42 8.03
N TYR B 144 15.71 -9.24 7.32
CA TYR B 144 16.56 -10.21 7.94
C TYR B 144 17.50 -9.55 8.95
N LEU B 145 18.09 -8.45 8.54
CA LEU B 145 18.93 -7.67 9.41
C LEU B 145 18.24 -7.17 10.71
N GLN B 146 17.04 -6.61 10.58
CA GLN B 146 16.25 -6.24 11.74
C GLN B 146 15.99 -7.44 12.68
N TRP B 147 15.62 -8.57 12.10
CA TRP B 147 15.35 -9.76 12.89
C TRP B 147 16.59 -10.21 13.66
N LEU B 148 17.70 -10.42 12.96
CA LEU B 148 18.98 -10.78 13.60
C LEU B 148 19.30 -9.82 14.70
N THR B 149 19.15 -8.53 14.43
CA THR B 149 19.36 -7.49 15.41
C THR B 149 18.54 -7.74 16.72
N GLU B 150 17.23 -7.93 16.63
CA GLU B 150 16.48 -8.06 17.87
C GLU B 150 16.73 -9.39 18.55
N ARG B 151 17.08 -10.41 17.77
CA ARG B 151 17.52 -11.69 18.30
C ARG B 151 18.84 -11.54 19.08
N LEU B 152 19.76 -10.77 18.52
CA LEU B 152 21.03 -10.46 19.17
C LEU B 152 20.84 -9.62 20.44
N THR B 153 19.96 -8.63 20.38
CA THR B 153 19.69 -7.72 21.49
C THR B 153 19.14 -8.51 22.67
N GLU B 154 18.12 -9.32 22.40
CA GLU B 154 17.56 -10.16 23.44
C GLU B 154 18.54 -11.24 23.93
N ARG B 155 19.68 -11.39 23.30
CA ARG B 155 20.69 -12.32 23.78
C ARG B 155 21.83 -11.59 24.46
N GLY B 156 21.64 -10.32 24.76
CA GLY B 156 22.64 -9.58 25.50
C GLY B 156 23.74 -8.92 24.70
N VAL B 157 23.97 -9.37 23.46
CA VAL B 157 24.99 -8.77 22.57
C VAL B 157 24.84 -7.25 22.43
N LYS B 158 25.87 -6.50 22.82
CA LYS B 158 25.88 -5.04 22.66
C LYS B 158 26.38 -4.57 21.28
N PHE B 159 25.82 -3.48 20.78
CA PHE B 159 26.15 -2.96 19.47
C PHE B 159 26.78 -1.61 19.66
N PHE B 160 27.85 -1.30 18.93
CA PHE B 160 28.41 0.05 18.98
C PHE B 160 28.66 0.60 17.59
N GLN B 161 28.36 1.87 17.40
CA GLN B 161 28.60 2.46 16.11
C GLN B 161 29.98 3.06 16.07
N ARG B 162 30.93 2.34 15.48
CA ARG B 162 32.26 2.89 15.30
C ARG B 162 33.02 2.26 14.12
N LYS B 163 33.94 3.04 13.57
CA LYS B 163 34.87 2.58 12.55
C LYS B 163 36.17 2.07 13.22
N VAL B 164 36.51 0.81 12.99
CA VAL B 164 37.69 0.25 13.58
C VAL B 164 38.88 0.59 12.68
N GLU B 165 39.92 1.19 13.24
CA GLU B 165 41.08 1.58 12.45
C GLU B 165 42.07 0.44 12.24
N SER B 166 42.15 -0.49 13.18
CA SER B 166 43.01 -1.68 13.02
C SER B 166 42.61 -2.81 13.95
N PHE B 167 43.05 -4.01 13.63
CA PHE B 167 42.86 -5.11 14.54
C PHE B 167 43.51 -4.82 15.90
N GLU B 168 44.77 -4.39 15.89
CA GLU B 168 45.50 -4.11 17.12
C GLU B 168 44.71 -3.19 18.05
N GLU B 169 44.13 -2.13 17.51
CA GLU B 169 43.35 -1.18 18.31
C GLU B 169 42.30 -1.89 19.15
N VAL B 170 41.68 -2.92 18.59
CA VAL B 170 40.62 -3.68 19.25
C VAL B 170 41.17 -4.71 20.25
N ALA B 171 42.19 -5.47 19.81
CA ALA B 171 42.97 -6.34 20.70
C ALA B 171 43.50 -5.54 21.89
N ARG B 172 44.24 -4.47 21.61
CA ARG B 172 44.69 -3.54 22.64
C ARG B 172 43.59 -3.28 23.65
N GLU B 173 42.38 -3.00 23.18
CA GLU B 173 41.31 -2.62 24.11
C GLU B 173 40.72 -3.83 24.84
N GLY B 174 41.16 -5.03 24.52
CA GLY B 174 40.85 -6.20 25.37
C GLY B 174 40.12 -7.40 24.79
N ALA B 175 39.92 -7.41 23.47
CA ALA B 175 39.29 -8.54 22.80
C ALA B 175 40.20 -9.75 22.79
N ASP B 176 39.65 -10.90 23.15
CA ASP B 176 40.37 -12.16 22.99
C ASP B 176 40.20 -12.73 21.58
N VAL B 177 39.01 -12.59 20.99
CA VAL B 177 38.78 -12.99 19.59
C VAL B 177 38.15 -11.87 18.75
N ILE B 178 38.62 -11.72 17.51
CA ILE B 178 38.07 -10.74 16.61
C ILE B 178 37.48 -11.40 15.36
N VAL B 179 36.21 -11.12 15.10
CA VAL B 179 35.53 -11.71 13.92
C VAL B 179 35.35 -10.65 12.85
N ASN B 180 36.04 -10.86 11.75
CA ASN B 180 36.19 -9.82 10.75
C ASN B 180 35.22 -10.07 9.60
N CYS B 181 34.16 -9.26 9.60
CA CYS B 181 33.02 -9.42 8.69
C CYS B 181 32.74 -8.06 8.09
N THR B 182 33.80 -7.47 7.56
CA THR B 182 33.80 -6.06 7.18
C THR B 182 33.51 -5.88 5.68
N GLY B 183 33.21 -7.01 5.02
CA GLY B 183 32.78 -7.04 3.65
C GLY B 183 33.77 -6.42 2.67
N VAL B 184 33.26 -5.65 1.72
CA VAL B 184 34.06 -5.16 0.66
C VAL B 184 35.16 -4.26 1.22
N TRP B 185 34.99 -3.77 2.45
CA TRP B 185 35.98 -2.89 3.08
C TRP B 185 37.06 -3.60 3.86
N ALA B 186 37.13 -4.92 3.75
CA ALA B 186 38.09 -5.68 4.54
C ALA B 186 39.53 -5.11 4.37
N GLY B 187 39.95 -4.93 3.12
CA GLY B 187 41.28 -4.45 2.78
C GLY B 187 41.79 -3.23 3.51
N ALA B 188 40.90 -2.44 4.11
CA ALA B 188 41.34 -1.29 4.91
C ALA B 188 41.88 -1.71 6.28
N LEU B 189 41.77 -2.99 6.61
CA LEU B 189 42.26 -3.45 7.88
C LEU B 189 43.45 -4.38 7.66
N GLN B 190 43.46 -5.02 6.51
CA GLN B 190 44.55 -5.90 6.16
C GLN B 190 44.46 -6.12 4.68
N ARG B 191 45.40 -5.49 3.97
CA ARG B 191 45.50 -5.53 2.51
C ARG B 191 45.15 -6.90 1.94
N ASP B 192 44.24 -6.89 0.97
CA ASP B 192 43.86 -8.10 0.24
C ASP B 192 43.65 -7.71 -1.22
N PRO B 193 44.65 -8.01 -2.08
CA PRO B 193 44.65 -7.62 -3.49
C PRO B 193 43.53 -8.34 -4.25
N LEU B 194 43.15 -9.52 -3.75
CA LEU B 194 42.06 -10.33 -4.34
C LEU B 194 40.65 -9.74 -4.13
N LEU B 195 40.47 -8.99 -3.05
CA LEU B 195 39.15 -8.46 -2.69
C LEU B 195 38.88 -7.18 -3.43
N GLN B 196 37.76 -7.13 -4.15
CA GLN B 196 37.41 -5.94 -4.95
C GLN B 196 35.89 -5.74 -5.08
N PRO B 197 35.46 -4.49 -5.18
CA PRO B 197 34.04 -4.17 -5.31
C PRO B 197 33.47 -4.55 -6.68
N GLY B 198 32.33 -5.23 -6.67
CA GLY B 198 31.48 -5.35 -7.85
C GLY B 198 30.29 -4.44 -7.67
N ARG B 199 30.42 -3.16 -8.05
CA ARG B 199 29.36 -2.17 -7.88
C ARG B 199 28.08 -2.68 -8.49
N GLY B 200 27.00 -2.48 -7.74
CA GLY B 200 25.68 -2.85 -8.19
C GLY B 200 24.75 -1.71 -7.94
N GLN B 201 23.78 -1.56 -8.82
CA GLN B 201 22.76 -0.54 -8.73
C GLN B 201 21.42 -1.18 -9.01
N ILE B 202 20.46 -0.92 -8.14
CA ILE B 202 19.11 -1.47 -8.31
C ILE B 202 18.05 -0.41 -8.21
N MET B 203 16.89 -0.76 -8.76
CA MET B 203 15.68 0.03 -8.75
C MET B 203 14.54 -0.76 -8.07
N LYS B 204 13.91 -0.13 -7.08
CA LYS B 204 12.76 -0.72 -6.38
C LYS B 204 11.50 -0.14 -7.03
N VAL B 205 10.67 -1.02 -7.58
CA VAL B 205 9.49 -0.59 -8.34
C VAL B 205 8.21 -1.21 -7.78
N ASP B 206 7.09 -0.57 -8.07
CA ASP B 206 5.79 -1.09 -7.64
C ASP B 206 5.13 -1.84 -8.79
N ALA B 207 5.23 -3.15 -8.76
CA ALA B 207 4.69 -4.02 -9.80
C ALA B 207 4.16 -5.29 -9.14
N PRO B 208 3.14 -5.16 -8.28
CA PRO B 208 2.78 -6.35 -7.49
C PRO B 208 2.16 -7.49 -8.30
N TRP B 209 1.81 -7.23 -9.56
CA TRP B 209 1.35 -8.35 -10.38
C TRP B 209 2.49 -9.31 -10.74
N MET B 210 3.74 -8.88 -10.52
CA MET B 210 4.92 -9.72 -10.79
C MET B 210 5.15 -10.82 -9.72
N LYS B 211 4.90 -12.09 -10.06
CA LYS B 211 4.97 -13.19 -9.11
C LYS B 211 6.15 -14.15 -9.37
N HIS B 212 6.96 -13.88 -10.39
CA HIS B 212 8.12 -14.70 -10.67
C HIS B 212 9.37 -13.86 -10.74
N PHE B 213 10.52 -14.42 -10.35
CA PHE B 213 11.79 -13.77 -10.68
C PHE B 213 12.16 -14.16 -12.08
N ILE B 214 12.91 -13.28 -12.73
CA ILE B 214 13.37 -13.51 -14.06
C ILE B 214 14.80 -13.04 -14.13
N LEU B 215 15.76 -13.96 -14.27
CA LEU B 215 17.17 -13.59 -14.41
C LEU B 215 17.67 -13.88 -15.82
N THR B 216 18.25 -12.87 -16.46
CA THR B 216 18.83 -13.11 -17.79
C THR B 216 20.33 -13.22 -17.70
N HIS B 217 20.89 -13.94 -18.66
CA HIS B 217 22.31 -14.18 -18.65
C HIS B 217 22.97 -13.94 -19.99
N ASP B 218 24.00 -13.12 -19.97
CA ASP B 218 24.83 -12.94 -21.14
C ASP B 218 26.32 -13.09 -20.80
N PRO B 219 26.96 -14.14 -21.35
CA PRO B 219 28.43 -14.30 -21.20
C PRO B 219 29.19 -13.12 -21.80
N GLU B 220 28.61 -12.48 -22.81
CA GLU B 220 29.23 -11.31 -23.43
C GLU B 220 29.38 -10.12 -22.46
N ARG B 221 28.49 -10.05 -21.47
CA ARG B 221 28.44 -8.89 -20.59
C ARG B 221 28.82 -9.22 -19.14
N GLY B 222 28.71 -10.49 -18.79
CA GLY B 222 29.15 -10.96 -17.49
C GLY B 222 28.01 -11.18 -16.54
N ILE B 223 28.26 -11.97 -15.51
CA ILE B 223 27.29 -12.25 -14.47
C ILE B 223 26.79 -10.96 -13.77
N TYR B 224 25.52 -10.94 -13.37
CA TYR B 224 24.93 -9.79 -12.67
C TYR B 224 24.91 -8.50 -13.50
N ASN B 225 25.12 -8.64 -14.81
CA ASN B 225 25.25 -7.44 -15.65
C ASN B 225 24.21 -7.47 -16.77
N SER B 226 23.23 -8.33 -16.56
CA SER B 226 22.17 -8.57 -17.48
C SER B 226 20.88 -8.31 -16.70
N PRO B 227 19.82 -7.83 -17.35
CA PRO B 227 18.68 -7.44 -16.55
C PRO B 227 18.10 -8.58 -15.72
N TYR B 228 17.81 -8.26 -14.47
CA TYR B 228 17.02 -9.15 -13.68
C TYR B 228 15.83 -8.42 -13.03
N ILE B 229 14.78 -9.19 -12.77
CA ILE B 229 13.61 -8.75 -12.05
C ILE B 229 13.39 -9.71 -10.90
N ILE B 230 13.33 -9.19 -9.68
CA ILE B 230 13.13 -10.06 -8.55
C ILE B 230 12.08 -9.47 -7.62
N PRO B 231 10.83 -9.99 -7.66
CA PRO B 231 9.79 -9.49 -6.76
C PRO B 231 10.19 -9.61 -5.30
N GLY B 232 9.90 -8.61 -4.50
CA GLY B 232 10.11 -8.73 -3.07
C GLY B 232 8.78 -8.79 -2.34
N THR B 233 8.80 -8.52 -1.04
CA THR B 233 7.59 -8.54 -0.26
C THR B 233 6.65 -7.38 -0.59
N GLN B 234 7.18 -6.20 -0.78
CA GLN B 234 6.36 -5.01 -0.88
C GLN B 234 6.61 -4.32 -2.21
N THR B 235 7.72 -4.66 -2.83
CA THR B 235 8.12 -3.99 -4.03
C THR B 235 8.89 -4.98 -4.92
N VAL B 236 9.19 -4.58 -6.15
CA VAL B 236 9.92 -5.42 -7.08
C VAL B 236 11.31 -4.83 -7.41
N THR B 237 12.34 -5.66 -7.33
CA THR B 237 13.69 -5.21 -7.62
C THR B 237 14.03 -5.41 -9.07
N LEU B 238 14.53 -4.33 -9.65
CA LEU B 238 15.03 -4.30 -11.03
C LEU B 238 16.54 -4.06 -10.99
N GLY B 239 17.29 -4.92 -11.67
CA GLY B 239 18.72 -4.73 -11.77
C GLY B 239 19.37 -5.27 -13.02
N GLY B 240 20.67 -5.55 -12.90
CA GLY B 240 21.50 -6.02 -14.01
C GLY B 240 22.75 -5.16 -14.18
N ILE B 241 23.31 -4.67 -13.07
CA ILE B 241 24.54 -3.88 -13.06
C ILE B 241 25.63 -4.49 -12.18
N PHE B 242 26.79 -4.79 -12.79
CA PHE B 242 27.99 -5.30 -12.11
C PHE B 242 29.25 -4.66 -12.69
N GLN B 243 29.94 -3.80 -11.92
CA GLN B 243 31.12 -3.08 -12.43
C GLN B 243 32.34 -3.17 -11.51
N LEU B 244 33.22 -4.13 -11.79
CA LEU B 244 34.46 -4.35 -11.02
C LEU B 244 35.28 -3.12 -10.82
N GLY B 245 35.72 -2.88 -9.59
CA GLY B 245 36.61 -1.78 -9.25
C GLY B 245 35.96 -0.43 -9.04
N ASN B 246 34.66 -0.30 -9.28
CA ASN B 246 34.00 0.99 -9.13
C ASN B 246 33.56 1.20 -7.66
N TRP B 247 34.03 2.29 -7.05
CA TRP B 247 33.84 2.59 -5.64
C TRP B 247 32.85 3.73 -5.46
N SER B 248 32.17 4.12 -6.53
CA SER B 248 31.23 5.24 -6.47
C SER B 248 29.90 4.79 -5.88
N GLU B 249 29.67 5.15 -4.62
CA GLU B 249 28.44 4.83 -3.91
C GLU B 249 27.45 5.95 -4.17
N LEU B 250 26.92 5.99 -5.38
CA LEU B 250 26.07 7.06 -5.83
C LEU B 250 25.36 6.49 -7.01
N ASN B 251 24.07 6.77 -7.08
CA ASN B 251 23.28 6.34 -8.20
C ASN B 251 23.68 7.05 -9.50
N ASN B 252 23.74 6.26 -10.55
CA ASN B 252 24.22 6.69 -11.83
C ASN B 252 23.07 6.62 -12.86
N ILE B 253 22.68 7.80 -13.35
CA ILE B 253 21.77 7.96 -14.51
C ILE B 253 21.90 6.91 -15.63
N GLN B 254 23.12 6.70 -16.13
CA GLN B 254 23.33 5.67 -17.16
C GLN B 254 22.84 4.31 -16.74
N ASP B 255 23.26 3.89 -15.53
CA ASP B 255 22.88 2.59 -14.98
C ASP B 255 21.34 2.48 -14.77
N HIS B 256 20.73 3.54 -14.23
CA HIS B 256 19.29 3.70 -14.21
C HIS B 256 18.62 3.37 -15.58
N ASN B 257 19.03 4.06 -16.65
CA ASN B 257 18.49 3.79 -17.98
C ASN B 257 18.69 2.37 -18.41
N THR B 258 19.84 1.80 -18.04
CA THR B 258 20.17 0.42 -18.43
C THR B 258 19.28 -0.58 -17.69
N ILE B 259 19.03 -0.32 -16.41
CA ILE B 259 18.17 -1.19 -15.61
C ILE B 259 16.81 -1.20 -16.30
N TRP B 260 16.36 0.02 -16.58
CA TRP B 260 15.02 0.27 -17.05
C TRP B 260 14.71 -0.23 -18.46
N GLU B 261 15.67 -0.08 -19.37
CA GLU B 261 15.48 -0.48 -20.76
C GLU B 261 15.55 -1.99 -20.81
N GLY B 262 16.49 -2.55 -20.08
CA GLY B 262 16.65 -3.99 -20.08
C GLY B 262 15.44 -4.66 -19.51
N CYS B 263 14.90 -4.08 -18.44
CA CYS B 263 13.82 -4.75 -17.71
C CYS B 263 12.48 -4.58 -18.43
N CYS B 264 12.26 -3.41 -19.02
CA CYS B 264 11.07 -3.20 -19.84
C CYS B 264 11.06 -4.09 -21.06
N ARG B 265 12.23 -4.29 -21.67
CA ARG B 265 12.35 -5.15 -22.85
C ARG B 265 12.01 -6.56 -22.42
N LEU B 266 12.41 -6.89 -21.19
CA LEU B 266 12.25 -8.23 -20.64
C LEU B 266 10.79 -8.48 -20.21
N GLU B 267 10.12 -7.42 -19.77
CA GLU B 267 8.77 -7.55 -19.25
C GLU B 267 8.07 -6.23 -19.49
N PRO B 268 7.36 -6.14 -20.63
CA PRO B 268 6.76 -4.89 -21.11
C PRO B 268 5.80 -4.20 -20.15
N THR B 269 5.10 -4.99 -19.34
CA THR B 269 4.12 -4.51 -18.38
C THR B 269 4.75 -3.61 -17.34
N LEU B 270 6.08 -3.60 -17.32
CA LEU B 270 6.81 -2.85 -16.34
C LEU B 270 6.77 -1.35 -16.61
N LYS B 271 6.50 -0.97 -17.86
CA LYS B 271 6.38 0.44 -18.24
C LYS B 271 5.42 1.24 -17.34
N ASN B 272 4.28 0.67 -17.03
CA ASN B 272 3.35 1.35 -16.14
C ASN B 272 3.61 1.09 -14.67
N ALA B 273 4.86 0.78 -14.33
CA ALA B 273 5.22 0.62 -12.93
C ALA B 273 5.71 1.94 -12.36
N ARG B 274 5.48 2.09 -11.07
CA ARG B 274 5.92 3.25 -10.32
C ARG B 274 7.31 3.02 -9.67
N ILE B 275 8.25 3.93 -9.94
CA ILE B 275 9.60 3.89 -9.32
C ILE B 275 9.58 4.40 -7.87
N ILE B 276 9.97 3.55 -6.92
CA ILE B 276 9.83 3.90 -5.53
C ILE B 276 11.14 4.37 -5.05
N GLY B 277 12.18 3.59 -5.31
CA GLY B 277 13.48 3.90 -4.80
C GLY B 277 14.57 3.38 -5.70
N GLU B 278 15.80 3.80 -5.42
CA GLU B 278 16.99 3.39 -6.13
C GLU B 278 18.21 3.33 -5.16
N ARG B 279 19.13 2.40 -5.40
CA ARG B 279 20.20 2.17 -4.41
C ARG B 279 21.43 1.57 -5.06
N THR B 280 22.58 1.80 -4.45
CA THR B 280 23.84 1.28 -4.93
C THR B 280 24.54 0.56 -3.79
N GLY B 281 25.31 -0.47 -4.11
CA GLY B 281 26.08 -1.18 -3.12
C GLY B 281 27.27 -1.86 -3.77
N PHE B 282 28.04 -2.61 -2.97
CA PHE B 282 29.28 -3.16 -3.45
C PHE B 282 29.36 -4.59 -3.05
N ARG B 283 29.10 -5.47 -3.99
CA ARG B 283 29.43 -6.85 -3.81
C ARG B 283 30.89 -6.99 -3.53
N PRO B 284 31.24 -7.66 -2.43
CA PRO B 284 32.65 -7.90 -2.08
C PRO B 284 33.24 -9.10 -2.85
N VAL B 285 33.72 -8.82 -4.06
CA VAL B 285 34.14 -9.84 -5.00
C VAL B 285 35.52 -10.34 -4.66
N ARG B 286 35.71 -11.64 -4.86
CA ARG B 286 36.92 -12.33 -4.49
C ARG B 286 36.88 -13.74 -5.09
N PRO B 287 38.03 -14.31 -5.48
CA PRO B 287 37.95 -15.64 -6.17
C PRO B 287 37.34 -16.70 -5.28
N GLN B 288 37.44 -16.54 -3.97
CA GLN B 288 36.70 -17.39 -3.05
C GLN B 288 36.52 -16.60 -1.78
N ILE B 289 35.56 -16.98 -0.97
CA ILE B 289 35.36 -16.35 0.33
C ILE B 289 36.59 -16.58 1.18
N ARG B 290 37.03 -15.54 1.88
CA ARG B 290 38.00 -15.74 2.93
C ARG B 290 37.27 -16.07 4.23
N LEU B 291 37.42 -17.31 4.64
CA LEU B 291 36.89 -17.75 5.91
C LEU B 291 37.86 -18.72 6.58
N GLU B 292 38.67 -18.15 7.46
CA GLU B 292 39.76 -18.90 8.06
C GLU B 292 40.22 -18.11 9.26
N ARG B 293 41.09 -18.74 10.06
CA ARG B 293 41.71 -18.11 11.23
C ARG B 293 43.08 -17.51 10.93
N GLU B 294 43.47 -16.56 11.76
CA GLU B 294 44.81 -16.01 11.74
C GLU B 294 45.13 -15.48 13.13
N GLN B 295 46.28 -15.90 13.68
CA GLN B 295 46.76 -15.43 14.99
C GLN B 295 47.47 -14.11 14.77
N LEU B 296 46.90 -13.03 15.26
CA LEU B 296 47.51 -11.75 15.04
C LEU B 296 48.49 -11.46 16.16
N ARG B 297 49.78 -11.36 15.80
CA ARG B 297 50.83 -11.09 16.78
C ARG B 297 50.76 -9.65 17.21
N THR B 298 50.34 -9.42 18.44
CA THR B 298 50.17 -8.06 18.94
C THR B 298 50.37 -8.06 20.44
N GLY B 299 51.48 -7.49 20.90
CA GLY B 299 51.70 -7.39 22.34
C GLY B 299 52.10 -8.70 23.00
N PRO B 300 51.85 -8.80 24.33
CA PRO B 300 52.28 -9.96 25.13
C PRO B 300 51.91 -11.30 24.46
N SER B 301 50.64 -11.47 24.13
CA SER B 301 50.15 -12.68 23.48
C SER B 301 49.28 -12.29 22.30
N ASN B 302 49.24 -13.15 21.29
CA ASN B 302 48.42 -12.84 20.12
C ASN B 302 46.92 -13.04 20.34
N THR B 303 46.14 -12.16 19.73
CA THR B 303 44.69 -12.32 19.74
C THR B 303 44.25 -13.08 18.49
N GLU B 304 43.14 -13.81 18.60
CA GLU B 304 42.68 -14.62 17.49
C GLU B 304 41.70 -13.88 16.53
N VAL B 305 41.90 -14.04 15.23
CA VAL B 305 41.01 -13.41 14.26
C VAL B 305 40.37 -14.42 13.31
N ILE B 306 39.04 -14.41 13.28
CA ILE B 306 38.29 -15.20 12.28
C ILE B 306 37.87 -14.24 11.17
N HIS B 307 38.42 -14.44 9.98
CA HIS B 307 37.96 -13.72 8.78
C HIS B 307 36.73 -14.38 8.16
N ASN B 308 35.74 -13.57 7.84
CA ASN B 308 34.55 -14.05 7.14
C ASN B 308 34.05 -12.92 6.22
N TYR B 309 34.59 -12.90 5.01
CA TYR B 309 34.36 -11.81 4.06
C TYR B 309 34.66 -12.26 2.64
N GLY B 310 34.23 -11.44 1.68
CA GLY B 310 34.34 -11.73 0.24
C GLY B 310 33.24 -12.61 -0.32
N HIS B 311 31.97 -12.29 -0.02
CA HIS B 311 30.83 -13.11 -0.44
C HIS B 311 30.18 -12.62 -1.78
N GLY B 312 30.81 -11.63 -2.41
CA GLY B 312 30.39 -11.22 -3.73
C GLY B 312 28.88 -11.13 -3.89
N GLY B 313 28.36 -11.69 -4.97
CA GLY B 313 26.94 -11.59 -5.23
C GLY B 313 26.08 -12.64 -4.56
N TYR B 314 26.61 -13.35 -3.55
CA TYR B 314 25.88 -14.49 -2.95
C TYR B 314 25.87 -14.60 -1.39
N GLY B 315 26.05 -13.46 -0.73
CA GLY B 315 26.16 -13.38 0.71
C GLY B 315 24.91 -13.87 1.43
N LEU B 316 23.72 -13.48 0.97
CA LEU B 316 22.48 -14.01 1.53
C LEU B 316 22.32 -15.50 1.21
N THR B 317 22.70 -15.87 -0.01
CA THR B 317 22.60 -17.26 -0.44
C THR B 317 23.44 -18.23 0.39
N ILE B 318 24.52 -17.70 1.00
CA ILE B 318 25.51 -18.54 1.68
C ILE B 318 25.73 -18.20 3.15
N HIS B 319 25.13 -17.13 3.66
CA HIS B 319 25.58 -16.58 4.93
C HIS B 319 25.58 -17.63 6.03
N TRP B 320 24.52 -18.43 6.08
CA TRP B 320 24.32 -19.31 7.24
C TRP B 320 25.39 -20.39 7.31
N GLY B 321 25.72 -20.99 6.18
CA GLY B 321 26.80 -22.00 6.16
C GLY B 321 28.13 -21.42 6.62
N CYS B 322 28.44 -20.21 6.18
CA CYS B 322 29.62 -19.50 6.62
C CYS B 322 29.60 -19.25 8.12
N ALA B 323 28.45 -18.84 8.64
CA ALA B 323 28.29 -18.61 10.09
C ALA B 323 28.52 -19.90 10.91
N LEU B 324 28.02 -21.03 10.46
CA LEU B 324 28.26 -22.30 11.14
C LEU B 324 29.76 -22.63 11.12
N GLU B 325 30.42 -22.28 10.03
CA GLU B 325 31.84 -22.55 9.87
C GLU B 325 32.69 -21.59 10.73
N ALA B 326 32.30 -20.34 10.82
CA ALA B 326 32.97 -19.42 11.70
C ALA B 326 32.85 -19.91 13.14
N ALA B 327 31.65 -20.38 13.51
CA ALA B 327 31.38 -20.93 14.85
C ALA B 327 32.25 -22.15 15.12
N LYS B 328 32.38 -23.02 14.11
CA LYS B 328 33.28 -24.16 14.20
C LYS B 328 34.69 -23.70 14.56
N LEU B 329 35.25 -22.85 13.72
CA LEU B 329 36.56 -22.29 13.96
C LEU B 329 36.65 -21.71 15.37
N PHE B 330 35.58 -21.04 15.80
CA PHE B 330 35.50 -20.53 17.17
C PHE B 330 35.64 -21.64 18.24
N GLY B 331 34.98 -22.76 18.04
CA GLY B 331 35.08 -23.87 18.94
C GLY B 331 36.49 -24.44 19.03
N ARG B 332 37.20 -24.47 17.90
CA ARG B 332 38.58 -24.94 17.86
C ARG B 332 39.53 -24.01 18.62
N ILE B 333 39.30 -22.71 18.53
CA ILE B 333 40.05 -21.77 19.35
C ILE B 333 39.87 -22.13 20.83
N LEU B 334 38.64 -22.43 21.22
CA LEU B 334 38.35 -22.67 22.62
C LEU B 334 39.10 -23.88 23.17
N GLU B 335 39.09 -24.98 22.41
CA GLU B 335 39.73 -26.20 22.85
C GLU B 335 41.25 -26.10 22.91
N GLU B 336 41.83 -25.35 21.99
CA GLU B 336 43.26 -25.01 22.06
C GLU B 336 43.58 -24.16 23.28
N LYS B 337 42.78 -23.12 23.53
CA LYS B 337 42.91 -22.31 24.73
C LYS B 337 42.53 -23.09 26.01
N LYS B 338 42.19 -24.36 25.85
CA LYS B 338 41.81 -25.26 26.97
C LYS B 338 40.62 -24.69 27.77
N LEU B 339 39.59 -24.25 27.05
CA LEU B 339 38.37 -23.71 27.66
C LEU B 339 37.10 -24.39 27.12
N SER B 340 37.15 -25.71 26.91
CA SER B 340 35.99 -26.45 26.44
C SER B 340 36.04 -27.88 26.94
N MET C 1 -41.18 -10.78 22.54
CA MET C 1 -40.90 -9.53 21.78
C MET C 1 -40.04 -9.88 20.54
N ARG C 2 -40.67 -9.88 19.38
CA ARG C 2 -40.01 -10.31 18.16
C ARG C 2 -39.87 -9.11 17.25
N VAL C 3 -38.63 -8.66 17.07
CA VAL C 3 -38.36 -7.40 16.35
C VAL C 3 -37.64 -7.63 15.02
N VAL C 4 -38.17 -7.07 13.94
CA VAL C 4 -37.55 -7.13 12.61
C VAL C 4 -37.09 -5.76 12.12
N VAL C 5 -35.77 -5.62 11.96
CA VAL C 5 -35.18 -4.43 11.35
C VAL C 5 -34.98 -4.71 9.88
N ILE C 6 -35.53 -3.83 9.05
CA ILE C 6 -35.40 -3.97 7.61
C ILE C 6 -34.40 -2.95 7.11
N GLY C 7 -33.30 -3.43 6.57
CA GLY C 7 -32.28 -2.55 6.03
C GLY C 7 -31.01 -2.72 6.82
N ALA C 8 -29.87 -2.83 6.13
CA ALA C 8 -28.60 -3.08 6.78
C ALA C 8 -27.58 -2.03 6.40
N GLY C 9 -28.06 -0.86 5.98
CA GLY C 9 -27.24 0.33 5.87
C GLY C 9 -26.92 0.87 7.24
N VAL C 10 -26.22 1.99 7.30
CA VAL C 10 -25.92 2.60 8.59
C VAL C 10 -27.18 2.76 9.45
N ILE C 11 -28.31 3.07 8.83
CA ILE C 11 -29.53 3.42 9.59
C ILE C 11 -30.12 2.19 10.29
N GLY C 12 -30.16 1.08 9.54
CA GLY C 12 -30.68 -0.21 10.02
C GLY C 12 -29.79 -0.81 11.09
N LEU C 13 -28.50 -0.93 10.79
CA LEU C 13 -27.55 -1.52 11.73
C LEU C 13 -27.44 -0.75 13.06
N SER C 14 -27.25 0.56 12.99
CA SER C 14 -27.16 1.37 14.19
C SER C 14 -28.46 1.38 15.01
N THR C 15 -29.62 1.54 14.36
CA THR C 15 -30.89 1.43 15.06
C THR C 15 -30.99 0.09 15.76
N ALA C 16 -30.78 -1.00 15.03
CA ALA C 16 -30.79 -2.33 15.62
C ALA C 16 -29.94 -2.38 16.87
N LEU C 17 -28.69 -1.93 16.76
CA LEU C 17 -27.74 -1.95 17.87
C LEU C 17 -28.27 -1.14 19.05
N CYS C 18 -28.78 0.03 18.77
CA CYS C 18 -29.20 0.95 19.80
C CYS C 18 -30.34 0.39 20.63
N ILE C 19 -31.30 -0.22 19.93
CA ILE C 19 -32.47 -0.83 20.54
C ILE C 19 -32.06 -2.01 21.43
N HIS C 20 -31.16 -2.86 20.93
CA HIS C 20 -30.68 -3.98 21.72
C HIS C 20 -29.98 -3.49 22.99
N GLU C 21 -29.08 -2.51 22.82
CA GLU C 21 -28.23 -2.12 23.94
C GLU C 21 -28.99 -1.38 25.03
N ARG C 22 -30.19 -0.93 24.68
CA ARG C 22 -31.00 -0.24 25.65
C ARG C 22 -32.15 -1.06 26.20
N TYR C 23 -32.48 -2.18 25.58
CA TYR C 23 -33.69 -2.90 25.97
C TYR C 23 -33.54 -4.40 26.16
N HIS C 24 -32.32 -4.94 26.10
CA HIS C 24 -32.17 -6.38 26.29
C HIS C 24 -32.23 -6.77 27.78
N SER C 25 -31.92 -5.82 28.67
CA SER C 25 -31.95 -6.07 30.10
C SER C 25 -33.34 -5.86 30.73
N VAL C 26 -34.28 -5.33 29.93
CA VAL C 26 -35.66 -5.14 30.38
C VAL C 26 -36.67 -5.92 29.54
N LEU C 27 -36.18 -6.75 28.63
CA LEU C 27 -37.06 -7.66 27.90
C LEU C 27 -36.45 -9.04 27.89
N GLN C 28 -37.21 -10.04 28.36
CA GLN C 28 -36.67 -11.40 28.44
C GLN C 28 -36.55 -11.98 27.02
N PRO C 29 -37.68 -12.28 26.37
CA PRO C 29 -37.50 -12.74 24.99
C PRO C 29 -37.48 -11.56 24.00
N LEU C 30 -36.41 -10.75 24.02
CA LEU C 30 -36.19 -9.73 22.99
C LEU C 30 -35.38 -10.28 21.82
N ASP C 31 -36.06 -10.81 20.82
CA ASP C 31 -35.38 -11.26 19.60
C ASP C 31 -35.36 -10.23 18.49
N ILE C 32 -34.15 -9.89 18.06
CA ILE C 32 -33.93 -8.95 16.96
C ILE C 32 -33.36 -9.64 15.72
N LYS C 33 -34.08 -9.48 14.63
CA LYS C 33 -33.59 -9.93 13.33
C LYS C 33 -33.42 -8.75 12.36
N VAL C 34 -32.42 -8.85 11.52
CA VAL C 34 -32.23 -7.88 10.46
C VAL C 34 -32.53 -8.57 9.15
N TYR C 35 -33.45 -7.98 8.40
CA TYR C 35 -33.78 -8.40 7.04
C TYR C 35 -33.28 -7.35 6.05
N ALA C 36 -32.35 -7.73 5.19
CA ALA C 36 -31.90 -6.83 4.14
C ALA C 36 -31.75 -7.53 2.80
N ASP C 37 -31.91 -6.76 1.74
CA ASP C 37 -31.71 -7.22 0.38
C ASP C 37 -30.23 -7.18 0.01
N ARG C 38 -29.53 -6.12 0.39
CA ARG C 38 -28.08 -6.15 0.22
C ARG C 38 -27.34 -5.82 1.51
N PHE C 39 -26.16 -6.41 1.68
CA PHE C 39 -25.37 -6.11 2.86
C PHE C 39 -24.07 -5.39 2.57
N THR C 40 -23.43 -5.04 3.67
CA THR C 40 -22.26 -4.19 3.87
C THR C 40 -21.10 -4.01 2.93
N PRO C 41 -20.92 -4.88 1.93
CA PRO C 41 -20.10 -4.28 0.86
C PRO C 41 -20.95 -3.50 -0.19
N LEU C 42 -22.25 -3.79 -0.25
CA LEU C 42 -23.06 -3.39 -1.40
C LEU C 42 -24.19 -2.43 -1.12
N THR C 43 -24.07 -1.65 -0.06
CA THR C 43 -25.12 -0.64 0.22
C THR C 43 -24.63 0.75 -0.14
N THR C 44 -25.57 1.67 -0.25
CA THR C 44 -25.27 3.09 -0.40
C THR C 44 -24.32 3.59 0.70
N THR C 45 -24.57 3.19 1.95
CA THR C 45 -23.72 3.58 3.07
C THR C 45 -22.24 3.32 2.77
N ASP C 46 -21.96 2.25 2.03
CA ASP C 46 -20.59 1.89 1.64
C ASP C 46 -19.96 2.83 0.62
N VAL C 47 -20.80 3.55 -0.12
CA VAL C 47 -20.36 4.47 -1.15
C VAL C 47 -19.90 5.80 -0.56
N ALA C 48 -20.47 6.19 0.58
CA ALA C 48 -20.21 7.48 1.25
C ALA C 48 -18.79 7.60 1.73
N ALA C 49 -18.21 8.79 1.62
CA ALA C 49 -16.86 9.03 2.16
C ALA C 49 -16.87 9.04 3.68
N GLY C 50 -18.01 9.40 4.27
CA GLY C 50 -18.21 9.31 5.70
C GLY C 50 -17.86 10.58 6.43
N LEU C 51 -17.88 11.72 5.74
CA LEU C 51 -17.55 13.01 6.37
C LEU C 51 -18.73 13.49 7.19
N TRP C 52 -18.46 14.06 8.35
CA TRP C 52 -19.53 14.63 9.16
C TRP C 52 -19.73 16.11 8.82
N GLN C 53 -20.78 16.40 8.09
CA GLN C 53 -21.16 17.78 7.81
C GLN C 53 -22.58 17.80 7.30
N PRO C 54 -23.51 18.38 8.09
CA PRO C 54 -24.92 18.53 7.71
C PRO C 54 -25.04 19.60 6.62
N TYR C 55 -26.25 19.80 6.08
CA TYR C 55 -26.48 20.86 5.11
C TYR C 55 -26.10 22.25 5.69
N LEU C 56 -25.82 23.22 4.82
CA LEU C 56 -25.48 24.58 5.29
C LEU C 56 -26.69 25.36 5.86
N SER C 57 -27.90 25.02 5.41
CA SER C 57 -29.13 25.68 5.87
C SER C 57 -29.78 24.93 7.07
N ASP C 58 -30.60 25.63 7.84
CA ASP C 58 -31.24 25.00 9.01
C ASP C 58 -32.22 23.92 8.56
N PRO C 59 -32.27 22.80 9.31
CA PRO C 59 -33.09 21.68 8.87
C PRO C 59 -34.58 22.00 8.95
N ASN C 60 -35.37 21.41 8.07
CA ASN C 60 -36.81 21.60 8.10
C ASN C 60 -37.39 21.20 9.43
N ASN C 61 -36.94 20.07 9.95
CA ASN C 61 -37.23 19.72 11.33
C ASN C 61 -36.00 20.04 12.21
N PRO C 62 -36.11 21.05 13.10
CA PRO C 62 -35.01 21.45 13.99
C PRO C 62 -34.44 20.30 14.83
N GLN C 63 -35.24 19.28 15.09
CA GLN C 63 -34.76 18.07 15.78
C GLN C 63 -33.49 17.51 15.14
N GLU C 64 -33.40 17.57 13.81
CA GLU C 64 -32.27 17.03 13.06
C GLU C 64 -30.92 17.62 13.49
N ALA C 65 -30.90 18.93 13.71
CA ALA C 65 -29.72 19.62 14.20
C ALA C 65 -29.22 18.95 15.46
N ASP C 66 -30.14 18.59 16.36
CA ASP C 66 -29.74 17.92 17.59
C ASP C 66 -29.23 16.52 17.35
N TRP C 67 -29.87 15.84 16.42
CA TRP C 67 -29.53 14.47 16.08
C TRP C 67 -28.08 14.41 15.58
N SER C 68 -27.74 15.39 14.73
CA SER C 68 -26.38 15.57 14.24
C SER C 68 -25.40 15.86 15.35
N GLN C 69 -25.77 16.75 16.28
CA GLN C 69 -24.89 17.13 17.38
C GLN C 69 -24.65 15.89 18.21
N GLN C 70 -25.71 15.15 18.43
CA GLN C 70 -25.63 13.99 19.29
C GLN C 70 -24.63 13.00 18.71
N THR C 71 -24.76 12.76 17.41
CA THR C 71 -23.91 11.83 16.68
C THR C 71 -22.45 12.26 16.75
N PHE C 72 -22.21 13.52 16.48
CA PHE C 72 -20.88 14.09 16.60
C PHE C 72 -20.27 13.92 18.00
N ASP C 73 -21.06 14.13 19.04
CA ASP C 73 -20.55 14.04 20.40
C ASP C 73 -20.17 12.61 20.76
N TYR C 74 -21.01 11.69 20.34
CA TYR C 74 -20.81 10.29 20.57
C TYR C 74 -19.57 9.83 19.79
N LEU C 75 -19.46 10.27 18.54
CA LEU C 75 -18.34 9.85 17.75
C LEU C 75 -17.03 10.42 18.28
N LEU C 76 -17.05 11.69 18.69
CA LEU C 76 -15.83 12.35 19.19
C LEU C 76 -15.33 11.73 20.47
N SER C 77 -16.24 11.26 21.32
CA SER C 77 -15.82 10.70 22.58
C SER C 77 -15.11 9.35 22.40
N HIS C 78 -15.15 8.83 21.18
CA HIS C 78 -14.47 7.56 20.85
C HIS C 78 -13.34 7.75 19.81
N VAL C 79 -13.04 8.98 19.45
CA VAL C 79 -11.99 9.21 18.44
C VAL C 79 -10.64 8.74 18.94
N HIS C 80 -10.46 8.70 20.25
CA HIS C 80 -9.17 8.32 20.80
C HIS C 80 -9.12 7.01 21.55
N SER C 81 -10.16 6.19 21.41
CA SER C 81 -10.10 4.83 21.98
C SER C 81 -9.35 3.91 20.99
N PRO C 82 -8.86 2.75 21.47
CA PRO C 82 -8.08 1.88 20.57
C PRO C 82 -8.88 1.16 19.49
N ASN C 83 -10.20 1.38 19.45
CA ASN C 83 -11.11 0.78 18.44
C ASN C 83 -11.20 1.60 17.15
N ALA C 84 -10.93 2.90 17.25
CA ALA C 84 -11.24 3.87 16.20
C ALA C 84 -10.96 3.39 14.78
N GLU C 85 -9.80 2.80 14.59
CA GLU C 85 -9.39 2.25 13.30
C GLU C 85 -10.38 1.18 12.79
N ASN C 86 -10.83 0.30 13.68
CA ASN C 86 -11.81 -0.71 13.32
C ASN C 86 -13.15 -0.12 12.83
N LEU C 87 -13.55 0.99 13.45
CA LEU C 87 -14.74 1.70 13.04
C LEU C 87 -14.48 2.53 11.80
N GLY C 88 -13.22 2.83 11.55
CA GLY C 88 -12.88 3.72 10.46
C GLY C 88 -13.20 5.16 10.80
N LEU C 89 -12.98 5.53 12.07
CA LEU C 89 -13.28 6.86 12.59
C LEU C 89 -11.99 7.60 12.88
N PHE C 90 -11.92 8.86 12.50
CA PHE C 90 -10.75 9.65 12.79
C PHE C 90 -11.04 11.10 12.45
N LEU C 91 -10.12 11.98 12.85
CA LEU C 91 -10.27 13.42 12.72
C LEU C 91 -9.72 13.92 11.41
N ILE C 92 -10.41 14.88 10.81
CA ILE C 92 -9.88 15.52 9.62
C ILE C 92 -10.26 17.00 9.54
N SER C 93 -9.41 17.79 8.93
CA SER C 93 -9.64 19.23 8.77
C SER C 93 -9.69 19.54 7.29
N GLY C 94 -10.26 20.68 6.95
CA GLY C 94 -10.43 21.02 5.55
C GLY C 94 -11.23 22.28 5.34
N TYR C 95 -11.47 22.56 4.06
CA TYR C 95 -12.01 23.79 3.56
C TYR C 95 -13.39 23.59 3.00
N ASN C 96 -14.32 24.45 3.41
CA ASN C 96 -15.50 24.78 2.60
C ASN C 96 -15.28 26.10 1.83
N LEU C 97 -15.54 26.08 0.53
CA LEU C 97 -15.26 27.19 -0.34
C LEU C 97 -16.51 27.67 -1.07
N PHE C 98 -16.60 28.97 -1.22
CA PHE C 98 -17.73 29.61 -1.85
C PHE C 98 -17.23 30.76 -2.70
N HIS C 99 -18.12 31.26 -3.56
CA HIS C 99 -17.82 32.41 -4.43
C HIS C 99 -18.00 33.74 -3.72
N GLU C 100 -19.02 33.83 -2.87
CA GLU C 100 -19.34 35.07 -2.13
C GLU C 100 -19.51 34.76 -0.63
N ALA C 101 -19.64 35.79 0.19
CA ALA C 101 -19.97 35.57 1.59
C ALA C 101 -21.28 34.79 1.78
N ILE C 102 -21.40 34.12 2.92
CA ILE C 102 -22.57 33.34 3.25
C ILE C 102 -22.56 33.33 4.76
N PRO C 103 -23.72 33.22 5.40
CA PRO C 103 -23.67 33.19 6.85
C PRO C 103 -23.10 31.88 7.40
N ASP C 104 -22.50 31.95 8.59
CA ASP C 104 -22.06 30.76 9.33
C ASP C 104 -23.16 29.69 9.36
N PRO C 105 -22.76 28.44 9.66
CA PRO C 105 -23.75 27.38 9.78
C PRO C 105 -24.17 27.20 11.21
N SER C 106 -25.33 26.59 11.41
CA SER C 106 -25.81 26.33 12.76
C SER C 106 -24.87 25.42 13.55
N TRP C 107 -24.30 24.44 12.87
CA TRP C 107 -23.37 23.48 13.50
C TRP C 107 -21.97 24.04 13.78
N LYS C 108 -21.80 25.35 13.61
CA LYS C 108 -20.48 25.97 13.72
C LYS C 108 -19.78 25.73 15.07
N ASP C 109 -20.52 25.43 16.13
CA ASP C 109 -19.91 25.19 17.44
C ASP C 109 -19.91 23.73 17.79
N THR C 110 -20.44 22.90 16.91
CA THR C 110 -20.33 21.47 17.13
C THR C 110 -18.93 21.01 16.73
N VAL C 111 -18.52 21.43 15.54
CA VAL C 111 -17.22 21.09 14.99
C VAL C 111 -16.12 21.72 15.86
N LEU C 112 -14.86 21.58 15.43
CA LEU C 112 -13.74 22.02 16.22
C LEU C 112 -13.01 23.12 15.48
N GLY C 113 -12.82 24.23 16.18
CA GLY C 113 -12.05 25.34 15.66
C GLY C 113 -12.60 25.92 14.38
N PHE C 114 -13.92 25.93 14.26
CA PHE C 114 -14.53 26.55 13.10
C PHE C 114 -13.99 27.98 12.93
N ARG C 115 -13.66 28.37 11.72
CA ARG C 115 -13.28 29.76 11.49
C ARG C 115 -13.40 30.06 10.03
N LYS C 116 -13.17 31.32 9.68
CA LYS C 116 -13.22 31.76 8.29
C LYS C 116 -11.82 31.59 7.73
N LEU C 117 -11.72 31.49 6.42
CA LEU C 117 -10.42 31.46 5.75
C LEU C 117 -9.78 32.86 5.74
N THR C 118 -8.47 32.89 5.99
CA THR C 118 -7.66 34.10 5.87
C THR C 118 -7.29 34.30 4.39
N PRO C 119 -6.88 35.54 4.00
CA PRO C 119 -6.53 35.77 2.59
C PRO C 119 -5.41 34.85 2.07
N ARG C 120 -4.41 34.61 2.91
CA ARG C 120 -3.32 33.72 2.55
C ARG C 120 -3.89 32.39 2.03
N GLU C 121 -4.94 31.90 2.69
CA GLU C 121 -5.53 30.60 2.36
C GLU C 121 -6.32 30.66 1.06
N LEU C 122 -7.13 31.70 0.93
CA LEU C 122 -7.97 31.83 -0.27
C LEU C 122 -7.18 31.88 -1.57
N ASP C 123 -5.95 32.36 -1.48
CA ASP C 123 -5.09 32.45 -2.65
C ASP C 123 -4.76 31.11 -3.27
N MET C 124 -4.95 30.04 -2.51
CA MET C 124 -4.70 28.69 -3.03
C MET C 124 -5.84 28.24 -3.92
N PHE C 125 -6.95 28.96 -3.91
CA PHE C 125 -8.10 28.60 -4.73
C PHE C 125 -8.60 29.76 -5.57
N PRO C 126 -8.01 29.93 -6.76
CA PRO C 126 -8.35 31.02 -7.69
C PRO C 126 -9.86 31.24 -7.78
N ASP C 127 -10.61 30.18 -8.09
CA ASP C 127 -12.04 30.24 -8.43
C ASP C 127 -12.91 30.60 -7.25
N TYR C 128 -12.34 30.71 -6.07
CA TYR C 128 -13.18 30.92 -4.89
C TYR C 128 -12.74 32.16 -4.12
N GLY C 129 -13.67 32.80 -3.42
CA GLY C 129 -13.39 34.07 -2.76
C GLY C 129 -13.79 34.14 -1.29
N TYR C 130 -14.42 33.08 -0.81
CA TYR C 130 -14.80 32.99 0.58
C TYR C 130 -14.88 31.54 1.04
N GLY C 131 -14.77 31.31 2.35
CA GLY C 131 -14.92 29.96 2.86
C GLY C 131 -14.61 29.73 4.32
N TRP C 132 -14.69 28.47 4.74
CA TRP C 132 -14.43 28.10 6.12
C TRP C 132 -13.26 27.14 6.19
N PHE C 133 -12.73 26.99 7.40
CA PHE C 133 -11.82 25.93 7.76
C PHE C 133 -12.31 25.43 9.10
N HIS C 134 -12.35 24.11 9.29
CA HIS C 134 -12.63 23.53 10.58
C HIS C 134 -12.11 22.11 10.67
N THR C 135 -12.25 21.51 11.84
CA THR C 135 -11.90 20.13 12.02
C THR C 135 -13.20 19.36 12.31
N SER C 136 -13.40 18.27 11.56
CA SER C 136 -14.55 17.42 11.76
C SER C 136 -14.08 15.96 11.89
N LEU C 137 -14.96 15.03 11.60
CA LEU C 137 -14.70 13.62 11.76
C LEU C 137 -15.04 12.93 10.47
N ILE C 138 -14.33 11.85 10.19
CA ILE C 138 -14.76 10.92 9.17
C ILE C 138 -15.15 9.60 9.79
N LEU C 139 -16.31 9.10 9.41
CA LEU C 139 -16.73 7.76 9.78
C LEU C 139 -16.99 6.96 8.52
N GLU C 140 -15.95 6.28 8.02
CA GLU C 140 -16.02 5.47 6.80
C GLU C 140 -17.10 4.39 6.90
N GLY C 141 -18.02 4.41 5.93
CA GLY C 141 -19.19 3.55 5.92
C GLY C 141 -18.86 2.08 5.94
N LYS C 142 -17.93 1.70 5.06
CA LYS C 142 -17.51 0.31 4.93
C LYS C 142 -17.12 -0.28 6.29
N ASN C 143 -16.07 0.27 6.89
CA ASN C 143 -15.58 -0.19 8.19
C ASN C 143 -16.62 -0.13 9.29
N TYR C 144 -17.38 0.95 9.30
CA TYR C 144 -18.38 1.17 10.33
C TYR C 144 -19.43 0.07 10.23
N LEU C 145 -19.83 -0.22 9.02
CA LEU C 145 -20.84 -1.21 8.80
C LEU C 145 -20.33 -2.59 9.27
N GLN C 146 -19.08 -2.91 8.93
CA GLN C 146 -18.44 -4.12 9.41
C GLN C 146 -18.38 -4.20 10.96
N TRP C 147 -18.06 -3.07 11.59
CA TRP C 147 -18.00 -3.02 13.04
C TRP C 147 -19.38 -3.24 13.64
N LEU C 148 -20.36 -2.44 13.21
CA LEU C 148 -21.74 -2.62 13.69
C LEU C 148 -22.13 -4.07 13.56
N THR C 149 -21.80 -4.67 12.43
CA THR C 149 -22.16 -6.04 12.16
C THR C 149 -21.62 -7.00 13.25
N GLU C 150 -20.32 -6.93 13.55
CA GLU C 150 -19.76 -7.87 14.52
C GLU C 150 -20.21 -7.57 15.95
N ARG C 151 -20.60 -6.32 16.21
CA ARG C 151 -21.24 -5.91 17.47
C ARG C 151 -22.64 -6.52 17.62
N LEU C 152 -23.41 -6.50 16.54
CA LEU C 152 -24.75 -7.08 16.51
C LEU C 152 -24.71 -8.59 16.62
N THR C 153 -23.70 -9.17 15.98
CA THR C 153 -23.49 -10.60 15.95
C THR C 153 -23.21 -11.08 17.34
N GLU C 154 -22.18 -10.53 17.97
CA GLU C 154 -21.86 -10.92 19.32
C GLU C 154 -22.95 -10.53 20.33
N ARG C 155 -24.07 -10.01 19.83
CA ARG C 155 -25.23 -9.72 20.68
C ARG C 155 -26.40 -10.65 20.38
N GLY C 156 -26.18 -11.58 19.46
CA GLY C 156 -27.19 -12.59 19.15
C GLY C 156 -28.15 -12.24 18.05
N VAL C 157 -28.09 -11.01 17.53
CA VAL C 157 -28.91 -10.60 16.39
C VAL C 157 -28.56 -11.42 15.13
N LYS C 158 -29.57 -12.09 14.59
CA LYS C 158 -29.42 -12.81 13.32
C LYS C 158 -29.64 -11.88 12.12
N PHE C 159 -28.91 -12.13 11.03
CA PHE C 159 -29.08 -11.37 9.83
C PHE C 159 -29.63 -12.33 8.80
N PHE C 160 -30.56 -11.88 7.96
CA PHE C 160 -31.04 -12.70 6.84
C PHE C 160 -31.01 -11.94 5.53
N GLN C 161 -30.63 -12.62 4.47
CA GLN C 161 -30.57 -11.97 3.18
C GLN C 161 -31.90 -12.19 2.53
N ARG C 162 -32.72 -11.15 2.47
CA ARG C 162 -33.98 -11.27 1.77
C ARG C 162 -34.59 -9.90 1.43
N LYS C 163 -35.36 -9.90 0.35
CA LYS C 163 -36.14 -8.76 -0.07
C LYS C 163 -37.58 -8.89 0.49
N VAL C 164 -37.97 -7.91 1.28
CA VAL C 164 -39.28 -7.86 1.87
C VAL C 164 -40.25 -7.24 0.87
N GLU C 165 -41.41 -7.85 0.70
CA GLU C 165 -42.38 -7.43 -0.28
C GLU C 165 -43.43 -6.49 0.29
N SER C 166 -43.71 -6.65 1.58
CA SER C 166 -44.69 -5.84 2.28
C SER C 166 -44.49 -5.99 3.76
N PHE C 167 -44.97 -5.02 4.51
CA PHE C 167 -44.99 -5.13 5.95
C PHE C 167 -45.86 -6.32 6.38
N GLU C 168 -47.05 -6.47 5.78
CA GLU C 168 -47.96 -7.57 6.13
C GLU C 168 -47.21 -8.89 6.18
N GLU C 169 -46.51 -9.21 5.09
CA GLU C 169 -45.66 -10.41 4.98
C GLU C 169 -44.86 -10.69 6.25
N VAL C 170 -44.25 -9.64 6.82
CA VAL C 170 -43.38 -9.78 7.99
C VAL C 170 -44.17 -9.90 9.28
N ALA C 171 -45.22 -9.09 9.40
CA ALA C 171 -46.16 -9.19 10.51
C ALA C 171 -46.76 -10.59 10.53
N ARG C 172 -47.42 -10.97 9.44
CA ARG C 172 -47.93 -12.33 9.24
C ARG C 172 -46.99 -13.35 9.85
N GLU C 173 -45.70 -13.26 9.53
CA GLU C 173 -44.75 -14.26 10.03
C GLU C 173 -44.26 -14.06 11.49
N GLY C 174 -44.98 -13.29 12.28
CA GLY C 174 -44.75 -13.29 13.74
C GLY C 174 -44.08 -12.08 14.39
N ALA C 175 -43.66 -11.10 13.59
CA ALA C 175 -43.02 -9.91 14.12
C ALA C 175 -43.98 -9.04 14.89
N ASP C 176 -43.60 -8.66 16.11
CA ASP C 176 -44.35 -7.69 16.91
C ASP C 176 -44.04 -6.25 16.51
N VAL C 177 -42.77 -5.94 16.24
CA VAL C 177 -42.40 -4.60 15.79
C VAL C 177 -41.52 -4.61 14.52
N ILE C 178 -41.84 -3.75 13.57
CA ILE C 178 -41.02 -3.61 12.38
C ILE C 178 -40.34 -2.24 12.29
N VAL C 179 -39.02 -2.25 12.11
CA VAL C 179 -38.23 -1.03 11.97
C VAL C 179 -37.80 -0.86 10.53
N ASN C 180 -38.39 0.14 9.89
CA ASN C 180 -38.24 0.34 8.46
C ASN C 180 -37.08 1.29 8.11
N CYS C 181 -35.92 0.72 7.82
CA CYS C 181 -34.72 1.49 7.54
C CYS C 181 -34.26 1.19 6.13
N THR C 182 -35.16 1.36 5.18
CA THR C 182 -34.98 0.79 3.86
C THR C 182 -34.40 1.80 2.88
N GLY C 183 -34.15 3.00 3.40
CA GLY C 183 -33.47 4.02 2.67
C GLY C 183 -34.27 4.44 1.48
N VAL C 184 -33.58 4.57 0.36
CA VAL C 184 -34.14 5.17 -0.82
C VAL C 184 -35.23 4.28 -1.41
N TRP C 185 -35.26 3.02 -0.99
CA TRP C 185 -36.21 2.07 -1.54
C TRP C 185 -37.47 1.96 -0.70
N ALA C 186 -37.64 2.87 0.26
CA ALA C 186 -38.78 2.78 1.17
C ALA C 186 -40.15 2.84 0.45
N GLY C 187 -40.24 3.67 -0.59
CA GLY C 187 -41.45 3.88 -1.37
C GLY C 187 -42.09 2.62 -1.93
N ALA C 188 -41.27 1.60 -2.16
CA ALA C 188 -41.73 0.26 -2.54
C ALA C 188 -42.53 -0.46 -1.43
N LEU C 189 -42.35 -0.04 -0.17
CA LEU C 189 -43.07 -0.71 0.92
C LEU C 189 -44.31 0.07 1.30
N GLN C 190 -44.25 1.37 1.08
CA GLN C 190 -45.36 2.27 1.35
C GLN C 190 -45.10 3.53 0.56
N ARG C 191 -45.90 3.74 -0.48
CA ARG C 191 -45.72 4.83 -1.43
C ARG C 191 -45.40 6.12 -0.66
N ASP C 192 -44.36 6.82 -1.06
CA ASP C 192 -44.02 8.11 -0.43
C ASP C 192 -43.53 9.05 -1.50
N PRO C 193 -44.37 10.01 -1.89
CA PRO C 193 -44.04 10.91 -3.01
C PRO C 193 -42.93 11.91 -2.63
N LEU C 194 -42.64 12.07 -1.34
CA LEU C 194 -41.59 12.99 -0.89
C LEU C 194 -40.14 12.41 -0.98
N LEU C 195 -40.03 11.09 -0.85
CA LEU C 195 -38.74 10.42 -0.92
C LEU C 195 -38.30 10.18 -2.35
N GLN C 196 -37.07 10.60 -2.68
CA GLN C 196 -36.58 10.47 -4.04
C GLN C 196 -35.05 10.31 -4.06
N PRO C 197 -34.52 9.61 -5.08
CA PRO C 197 -33.08 9.37 -5.17
C PRO C 197 -32.33 10.60 -5.57
N GLY C 198 -31.30 10.93 -4.79
CA GLY C 198 -30.31 11.93 -5.19
C GLY C 198 -29.05 11.21 -5.64
N ARG C 199 -29.04 10.74 -6.89
CA ARG C 199 -27.94 9.94 -7.39
C ARG C 199 -26.65 10.64 -7.13
N GLY C 200 -25.64 9.86 -6.76
CA GLY C 200 -24.28 10.36 -6.58
C GLY C 200 -23.31 9.37 -7.18
N GLN C 201 -22.20 9.90 -7.68
CA GLN C 201 -21.15 9.09 -8.26
C GLN C 201 -19.87 9.62 -7.65
N ILE C 202 -18.96 8.72 -7.32
CA ILE C 202 -17.67 9.11 -6.74
C ILE C 202 -16.54 8.26 -7.30
N MET C 203 -15.33 8.84 -7.22
CA MET C 203 -14.09 8.17 -7.59
C MET C 203 -13.16 8.03 -6.38
N LYS C 204 -12.60 6.83 -6.21
CA LYS C 204 -11.64 6.57 -5.16
C LYS C 204 -10.25 6.65 -5.81
N VAL C 205 -9.43 7.58 -5.35
CA VAL C 205 -8.12 7.80 -5.93
C VAL C 205 -7.03 7.64 -4.86
N ASP C 206 -5.83 7.31 -5.31
CA ASP C 206 -4.68 7.16 -4.40
C ASP C 206 -3.92 8.47 -4.45
N ALA C 207 -4.13 9.31 -3.45
CA ALA C 207 -3.41 10.56 -3.36
C ALA C 207 -3.09 10.77 -1.90
N PRO C 208 -2.20 9.93 -1.33
CA PRO C 208 -2.06 9.97 0.13
C PRO C 208 -1.39 11.27 0.69
N TRP C 209 -0.96 12.18 -0.16
CA TRP C 209 -0.41 13.42 0.35
C TRP C 209 -1.51 14.42 0.63
N MET C 210 -2.76 14.04 0.35
CA MET C 210 -3.92 14.88 0.66
C MET C 210 -4.39 14.68 2.11
N LYS C 211 -4.13 15.66 2.97
CA LYS C 211 -4.51 15.58 4.37
C LYS C 211 -5.68 16.50 4.71
N HIS C 212 -6.29 17.16 3.74
CA HIS C 212 -7.48 17.98 4.06
C HIS C 212 -8.67 17.62 3.20
N PHE C 213 -9.88 17.78 3.72
CA PHE C 213 -11.03 17.78 2.85
C PHE C 213 -11.21 19.16 2.22
N ILE C 214 -11.82 19.17 1.05
CA ILE C 214 -12.12 20.41 0.38
C ILE C 214 -13.50 20.23 -0.27
N LEU C 215 -14.51 20.89 0.29
CA LEU C 215 -15.85 20.96 -0.32
C LEU C 215 -16.07 22.32 -0.95
N THR C 216 -16.47 22.31 -2.22
CA THR C 216 -16.82 23.55 -2.90
C THR C 216 -18.32 23.70 -3.02
N HIS C 217 -18.77 24.95 -2.97
CA HIS C 217 -20.19 25.23 -3.03
C HIS C 217 -20.56 26.25 -4.11
N ASP C 218 -21.43 25.83 -5.01
CA ASP C 218 -22.02 26.70 -6.01
C ASP C 218 -23.54 26.61 -5.99
N PRO C 219 -24.23 27.75 -5.70
CA PRO C 219 -25.71 27.74 -5.69
C PRO C 219 -26.32 27.52 -7.10
N GLU C 220 -25.60 27.95 -8.15
CA GLU C 220 -26.08 27.76 -9.53
C GLU C 220 -26.19 26.29 -9.92
N ARG C 221 -25.35 25.43 -9.32
CA ARG C 221 -25.37 24.00 -9.61
C ARG C 221 -25.96 23.16 -8.49
N GLY C 222 -25.93 23.68 -7.27
CA GLY C 222 -26.61 23.05 -6.14
C GLY C 222 -25.76 22.15 -5.23
N ILE C 223 -26.36 21.78 -4.09
CA ILE C 223 -25.70 20.99 -3.07
C ILE C 223 -25.21 19.63 -3.59
N TYR C 224 -24.02 19.27 -3.28
CA TYR C 224 -23.43 17.99 -3.68
C TYR C 224 -23.19 17.89 -5.16
N ASN C 225 -23.36 18.97 -5.92
CA ASN C 225 -23.17 18.93 -7.36
C ASN C 225 -21.97 19.75 -7.74
N SER C 226 -21.17 20.01 -6.71
CA SER C 226 -19.97 20.78 -6.85
C SER C 226 -18.80 19.87 -6.43
N PRO C 227 -17.61 20.06 -7.03
CA PRO C 227 -16.47 19.18 -6.74
C PRO C 227 -16.07 19.13 -5.26
N TYR C 228 -15.91 17.92 -4.74
CA TYR C 228 -15.37 17.73 -3.42
C TYR C 228 -14.23 16.69 -3.34
N ILE C 229 -13.34 16.90 -2.37
CA ILE C 229 -12.19 16.01 -2.18
C ILE C 229 -12.13 15.68 -0.72
N ILE C 230 -12.37 14.41 -0.41
CA ILE C 230 -12.43 13.94 0.96
C ILE C 230 -11.50 12.75 1.19
N PRO C 231 -10.31 13.01 1.79
CA PRO C 231 -9.39 11.92 2.12
C PRO C 231 -10.01 10.90 3.04
N GLY C 232 -9.94 9.63 2.68
CA GLY C 232 -10.32 8.56 3.60
C GLY C 232 -9.08 7.94 4.21
N THR C 233 -9.25 6.78 4.82
CA THR C 233 -8.16 6.11 5.52
C THR C 233 -7.07 5.61 4.57
N GLN C 234 -7.46 4.99 3.45
CA GLN C 234 -6.53 4.32 2.53
C GLN C 234 -6.55 5.04 1.18
N THR C 235 -7.62 5.78 0.94
CA THR C 235 -7.76 6.35 -0.36
C THR C 235 -8.43 7.72 -0.28
N VAL C 236 -8.56 8.40 -1.40
CA VAL C 236 -9.20 9.71 -1.37
C VAL C 236 -10.47 9.69 -2.21
N THR C 237 -11.58 10.16 -1.63
CA THR C 237 -12.82 10.29 -2.39
C THR C 237 -12.90 11.56 -3.26
N LEU C 238 -13.25 11.36 -4.53
CA LEU C 238 -13.50 12.47 -5.46
C LEU C 238 -14.96 12.41 -5.88
N GLY C 239 -15.71 13.47 -5.64
CA GLY C 239 -17.10 13.52 -6.02
C GLY C 239 -17.57 14.93 -6.38
N GLY C 240 -18.90 15.09 -6.41
CA GLY C 240 -19.52 16.33 -6.83
C GLY C 240 -20.69 16.10 -7.80
N ILE C 241 -21.49 15.08 -7.54
CA ILE C 241 -22.62 14.72 -8.38
C ILE C 241 -23.85 14.41 -7.59
N PHE C 242 -24.92 15.14 -7.93
CA PHE C 242 -26.21 15.01 -7.30
C PHE C 242 -27.30 15.14 -8.37
N GLN C 243 -28.13 14.11 -8.52
CA GLN C 243 -29.15 14.10 -9.59
C GLN C 243 -30.46 13.51 -9.09
N LEU C 244 -31.39 14.39 -8.72
CA LEU C 244 -32.73 13.98 -8.31
C LEU C 244 -33.42 13.08 -9.35
N GLY C 245 -34.04 12.01 -8.88
CA GLY C 245 -34.83 11.14 -9.73
C GLY C 245 -34.08 10.17 -10.64
N ASN C 246 -32.75 10.26 -10.69
CA ASN C 246 -31.99 9.31 -11.51
C ASN C 246 -31.78 7.98 -10.74
N TRP C 247 -32.32 6.89 -11.26
CA TRP C 247 -32.28 5.61 -10.57
C TRP C 247 -31.23 4.70 -11.19
N SER C 248 -30.37 5.25 -12.03
CA SER C 248 -29.39 4.42 -12.73
C SER C 248 -28.19 4.08 -11.86
N GLU C 249 -28.17 2.86 -11.32
CA GLU C 249 -27.05 2.43 -10.48
C GLU C 249 -25.97 1.88 -11.39
N LEU C 250 -25.26 2.79 -12.03
CA LEU C 250 -24.29 2.42 -13.04
C LEU C 250 -23.45 3.64 -13.22
N ASN C 251 -22.13 3.41 -13.25
CA ASN C 251 -21.20 4.51 -13.39
C ASN C 251 -21.36 5.14 -14.78
N ASN C 252 -21.25 6.46 -14.81
CA ASN C 252 -21.47 7.23 -16.02
C ASN C 252 -20.20 7.98 -16.39
N ILE C 253 -19.74 7.74 -17.61
CA ILE C 253 -18.61 8.40 -18.19
C ILE C 253 -18.66 9.92 -18.01
N GLN C 254 -19.79 10.55 -18.34
CA GLN C 254 -19.84 12.01 -18.24
C GLN C 254 -19.61 12.45 -16.81
N ASP C 255 -20.23 11.75 -15.87
CA ASP C 255 -20.07 12.06 -14.45
C ASP C 255 -18.62 11.86 -14.03
N HIS C 256 -18.02 10.76 -14.47
CA HIS C 256 -16.58 10.56 -14.36
C HIS C 256 -15.76 11.81 -14.82
N ASN C 257 -15.99 12.31 -16.04
CA ASN C 257 -15.23 13.46 -16.53
C ASN C 257 -15.49 14.72 -15.70
N THR C 258 -16.74 14.86 -15.23
CA THR C 258 -17.12 16.00 -14.38
C THR C 258 -16.38 15.96 -13.04
N ILE C 259 -16.36 14.79 -12.39
CA ILE C 259 -15.66 14.60 -11.12
C ILE C 259 -14.20 14.96 -11.32
N TRP C 260 -13.60 14.34 -12.32
CA TRP C 260 -12.19 14.49 -12.61
C TRP C 260 -11.75 15.91 -12.92
N GLU C 261 -12.45 16.60 -13.82
CA GLU C 261 -12.05 17.96 -14.24
C GLU C 261 -12.23 18.92 -13.08
N GLY C 262 -13.38 18.81 -12.43
CA GLY C 262 -13.68 19.62 -11.26
C GLY C 262 -12.60 19.49 -10.22
N CYS C 263 -12.23 18.26 -9.89
CA CYS C 263 -11.33 18.05 -8.78
C CYS C 263 -9.90 18.38 -9.14
N CYS C 264 -9.52 18.16 -10.40
CA CYS C 264 -8.16 18.52 -10.83
C CYS C 264 -7.96 20.01 -10.86
N ARG C 265 -9.00 20.75 -11.25
CA ARG C 265 -8.98 22.22 -11.32
C ARG C 265 -8.81 22.71 -9.91
N LEU C 266 -9.52 22.06 -8.99
CA LEU C 266 -9.48 22.37 -7.58
C LEU C 266 -8.13 22.02 -6.97
N GLU C 267 -7.49 20.96 -7.45
CA GLU C 267 -6.25 20.50 -6.86
C GLU C 267 -5.35 19.87 -7.93
N PRO C 268 -4.49 20.67 -8.55
CA PRO C 268 -3.71 20.21 -9.70
C PRO C 268 -2.90 18.93 -9.44
N THR C 269 -2.34 18.81 -8.24
CA THR C 269 -1.56 17.65 -7.81
C THR C 269 -2.26 16.31 -8.03
N LEU C 270 -3.57 16.38 -8.22
CA LEU C 270 -4.39 15.19 -8.40
C LEU C 270 -4.20 14.52 -9.78
N LYS C 271 -3.66 15.25 -10.75
CA LYS C 271 -3.43 14.72 -12.09
C LYS C 271 -2.63 13.41 -12.08
N ASN C 272 -1.61 13.35 -11.23
CA ASN C 272 -0.80 12.13 -11.13
C ASN C 272 -1.31 11.19 -10.05
N ALA C 273 -2.61 11.19 -9.82
CA ALA C 273 -3.19 10.26 -8.87
C ALA C 273 -3.71 9.00 -9.60
N ARG C 274 -3.48 7.85 -8.99
CA ARG C 274 -3.98 6.59 -9.52
C ARG C 274 -5.47 6.39 -9.21
N ILE C 275 -6.29 6.12 -10.24
CA ILE C 275 -7.71 5.80 -10.03
C ILE C 275 -7.91 4.37 -9.58
N ILE C 276 -8.45 4.18 -8.38
CA ILE C 276 -8.55 2.86 -7.79
C ILE C 276 -9.89 2.25 -8.10
N GLY C 277 -10.95 2.96 -7.73
CA GLY C 277 -12.29 2.46 -7.97
C GLY C 277 -13.28 3.57 -8.26
N GLU C 278 -14.49 3.17 -8.61
CA GLU C 278 -15.56 4.12 -8.87
C GLU C 278 -16.88 3.49 -8.40
N ARG C 279 -17.80 4.33 -7.97
CA ARG C 279 -19.05 3.82 -7.40
C ARG C 279 -20.23 4.78 -7.56
N THR C 280 -21.43 4.20 -7.56
CA THR C 280 -22.66 4.97 -7.63
C THR C 280 -23.53 4.60 -6.44
N GLY C 281 -24.29 5.56 -5.95
CA GLY C 281 -25.24 5.31 -4.88
C GLY C 281 -26.39 6.27 -4.96
N PHE C 282 -27.39 6.08 -4.10
CA PHE C 282 -28.59 6.92 -4.11
C PHE C 282 -28.85 7.52 -2.74
N ARG C 283 -28.61 8.82 -2.62
CA ARG C 283 -29.07 9.55 -1.46
C ARG C 283 -30.61 9.42 -1.36
N PRO C 284 -31.11 8.95 -0.20
CA PRO C 284 -32.56 8.98 0.04
C PRO C 284 -33.04 10.40 0.43
N VAL C 285 -33.35 11.19 -0.59
CA VAL C 285 -33.72 12.59 -0.43
C VAL C 285 -35.19 12.75 0.00
N ARG C 286 -35.43 13.71 0.90
CA ARG C 286 -36.75 13.98 1.47
C ARG C 286 -36.65 15.32 2.21
N PRO C 287 -37.76 16.08 2.26
CA PRO C 287 -37.61 17.42 2.85
C PRO C 287 -37.26 17.34 4.33
N GLN C 288 -37.60 16.23 4.96
CA GLN C 288 -37.14 15.92 6.29
C GLN C 288 -37.16 14.42 6.51
N ILE C 289 -36.40 13.98 7.50
CA ILE C 289 -36.33 12.56 7.81
C ILE C 289 -37.67 12.09 8.33
N ARG C 290 -38.15 11.00 7.77
CA ARG C 290 -39.30 10.32 8.34
C ARG C 290 -38.81 9.39 9.43
N LEU C 291 -39.03 9.82 10.65
CA LEU C 291 -38.73 9.02 11.82
C LEU C 291 -39.86 9.18 12.84
N GLU C 292 -40.79 8.23 12.79
CA GLU C 292 -42.03 8.31 13.52
C GLU C 292 -42.66 6.94 13.52
N ARG C 293 -43.67 6.76 14.36
CA ARG C 293 -44.40 5.51 14.47
C ARG C 293 -45.64 5.40 13.59
N GLU C 294 -46.03 4.17 13.31
CA GLU C 294 -47.24 3.88 12.57
C GLU C 294 -47.81 2.53 12.97
N GLN C 295 -49.06 2.52 13.40
CA GLN C 295 -49.74 1.28 13.78
C GLN C 295 -50.32 0.71 12.50
N LEU C 296 -49.71 -0.34 11.98
CA LEU C 296 -50.14 -0.91 10.71
C LEU C 296 -51.29 -1.89 10.91
N ARG C 297 -52.48 -1.46 10.47
CA ARG C 297 -53.69 -2.27 10.61
C ARG C 297 -53.63 -3.52 9.74
N THR C 298 -53.26 -4.64 10.35
CA THR C 298 -53.20 -5.92 9.65
C THR C 298 -53.77 -7.05 10.52
N GLY C 299 -54.61 -7.89 9.92
CA GLY C 299 -55.26 -9.01 10.62
C GLY C 299 -55.82 -8.69 12.00
N PRO C 300 -55.82 -9.69 12.92
CA PRO C 300 -56.30 -9.57 14.32
C PRO C 300 -55.84 -8.30 15.04
N SER C 301 -54.56 -8.23 15.43
CA SER C 301 -54.00 -7.05 16.07
C SER C 301 -52.96 -6.37 15.19
N ASN C 302 -52.99 -5.05 15.15
CA ASN C 302 -51.99 -4.31 14.40
C ASN C 302 -50.59 -4.42 15.02
N THR C 303 -49.60 -4.54 14.14
CA THR C 303 -48.20 -4.54 14.53
C THR C 303 -47.64 -3.10 14.38
N GLU C 304 -46.71 -2.74 15.25
CA GLU C 304 -46.12 -1.41 15.20
C GLU C 304 -44.99 -1.31 14.15
N VAL C 305 -44.89 -0.15 13.50
CA VAL C 305 -43.80 0.12 12.57
C VAL C 305 -43.09 1.41 12.95
N ILE C 306 -41.77 1.31 13.12
CA ILE C 306 -40.95 2.47 13.33
C ILE C 306 -40.22 2.78 12.01
N HIS C 307 -40.63 3.87 11.35
CA HIS C 307 -39.95 4.35 10.16
C HIS C 307 -38.71 5.17 10.50
N ASN C 308 -37.60 4.86 9.82
CA ASN C 308 -36.37 5.62 9.96
C ASN C 308 -35.64 5.61 8.60
N TYR C 309 -35.92 6.62 7.79
CA TYR C 309 -35.45 6.64 6.41
C TYR C 309 -35.51 8.03 5.84
N GLY C 310 -34.81 8.23 4.72
CA GLY C 310 -34.78 9.52 4.06
C GLY C 310 -33.75 10.45 4.65
N HIS C 311 -32.51 9.96 4.76
CA HIS C 311 -31.43 10.73 5.36
C HIS C 311 -30.56 11.42 4.31
N GLY C 312 -31.02 11.38 3.05
CA GLY C 312 -30.33 12.08 1.96
C GLY C 312 -28.82 11.98 2.05
N GLY C 313 -28.15 13.12 2.00
CA GLY C 313 -26.70 13.15 1.95
C GLY C 313 -26.04 13.35 3.30
N TYR C 314 -26.75 13.02 4.39
CA TYR C 314 -26.18 13.22 5.75
C TYR C 314 -26.44 12.08 6.75
N GLY C 315 -26.77 10.91 6.22
CA GLY C 315 -26.99 9.68 6.98
C GLY C 315 -25.93 9.34 8.00
N LEU C 316 -24.66 9.39 7.61
CA LEU C 316 -23.59 9.06 8.55
C LEU C 316 -23.51 10.18 9.60
N THR C 317 -23.78 11.40 9.14
CA THR C 317 -23.66 12.58 9.97
C THR C 317 -24.70 12.56 11.09
N ILE C 318 -25.80 11.85 10.83
CA ILE C 318 -26.96 11.94 11.73
C ILE C 318 -27.43 10.59 12.31
N HIS C 319 -26.82 9.49 11.87
CA HIS C 319 -27.37 8.17 12.17
C HIS C 319 -27.61 7.92 13.64
N TRP C 320 -26.69 8.36 14.47
CA TRP C 320 -26.76 8.01 15.89
C TRP C 320 -27.96 8.67 16.62
N GLY C 321 -28.21 9.95 16.35
CA GLY C 321 -29.34 10.65 16.93
C GLY C 321 -30.61 9.99 16.50
N CYS C 322 -30.67 9.64 15.23
CA CYS C 322 -31.82 8.93 14.72
C CYS C 322 -31.98 7.59 15.43
N ALA C 323 -30.87 6.90 15.66
CA ALA C 323 -30.96 5.57 16.29
C ALA C 323 -31.48 5.69 17.74
N LEU C 324 -31.01 6.71 18.47
CA LEU C 324 -31.44 6.92 19.85
C LEU C 324 -32.94 7.28 19.89
N GLU C 325 -33.37 8.10 18.93
CA GLU C 325 -34.77 8.47 18.78
C GLU C 325 -35.68 7.27 18.43
N ALA C 326 -35.24 6.45 17.50
CA ALA C 326 -35.99 5.25 17.17
C ALA C 326 -36.12 4.32 18.37
N ALA C 327 -35.03 4.23 19.13
CA ALA C 327 -35.01 3.38 20.30
C ALA C 327 -35.98 3.92 21.34
N LYS C 328 -36.09 5.24 21.40
CA LYS C 328 -36.98 5.91 22.32
C LYS C 328 -38.42 5.56 21.97
N LEU C 329 -38.76 5.71 20.68
CA LEU C 329 -40.08 5.35 20.19
C LEU C 329 -40.38 3.87 20.49
N PHE C 330 -39.34 3.06 20.47
CA PHE C 330 -39.45 1.63 20.80
C PHE C 330 -39.89 1.44 22.26
N GLY C 331 -39.31 2.27 23.14
CA GLY C 331 -39.63 2.26 24.56
C GLY C 331 -41.06 2.68 24.85
N ARG C 332 -41.58 3.59 24.04
CA ARG C 332 -42.99 3.99 24.16
C ARG C 332 -43.95 2.92 23.66
N ILE C 333 -43.52 2.12 22.68
CA ILE C 333 -44.31 0.97 22.26
C ILE C 333 -44.43 -0.05 23.41
N LEU C 334 -43.32 -0.26 24.12
CA LEU C 334 -43.27 -1.24 25.18
C LEU C 334 -44.18 -0.90 26.37
N GLU C 335 -44.15 0.37 26.80
CA GLU C 335 -44.99 0.79 27.92
C GLU C 335 -46.47 0.69 27.57
N GLU C 336 -46.80 0.91 26.29
CA GLU C 336 -48.19 0.80 25.84
C GLU C 336 -48.63 -0.66 25.76
N LYS C 337 -47.74 -1.52 25.33
CA LYS C 337 -48.03 -2.94 25.34
C LYS C 337 -48.03 -3.46 26.78
N LYS C 338 -47.67 -2.58 27.72
CA LYS C 338 -47.62 -2.87 29.17
C LYS C 338 -46.54 -3.89 29.54
N LEU C 339 -45.33 -3.70 28.98
CA LEU C 339 -44.16 -4.58 29.19
C LEU C 339 -42.87 -3.80 29.56
N SER C 340 -43.02 -2.72 30.33
CA SER C 340 -41.86 -1.95 30.82
C SER C 340 -41.99 -1.69 32.32
N MET D 1 35.94 29.67 -13.72
CA MET D 1 35.05 29.74 -12.53
C MET D 1 34.62 28.35 -12.06
N ARG D 2 35.40 27.76 -11.17
CA ARG D 2 35.20 26.37 -10.75
C ARG D 2 34.68 26.29 -9.30
N VAL D 3 33.41 25.94 -9.14
CA VAL D 3 32.77 25.93 -7.82
C VAL D 3 32.58 24.52 -7.29
N VAL D 4 33.02 24.29 -6.04
CA VAL D 4 32.81 22.99 -5.37
C VAL D 4 31.88 23.13 -4.17
N VAL D 5 30.80 22.35 -4.19
CA VAL D 5 29.91 22.26 -3.05
C VAL D 5 30.21 20.97 -2.33
N ILE D 6 30.55 21.06 -1.04
CA ILE D 6 30.81 19.86 -0.23
C ILE D 6 29.59 19.57 0.62
N GLY D 7 28.97 18.39 0.40
CA GLY D 7 27.66 18.06 1.03
C GLY D 7 26.45 17.94 0.12
N ALA D 8 25.77 16.78 0.18
CA ALA D 8 24.61 16.51 -0.67
C ALA D 8 23.29 16.39 0.13
N GLY D 9 23.24 16.94 1.33
CA GLY D 9 22.00 17.01 2.08
C GLY D 9 21.23 18.21 1.56
N VAL D 10 20.21 18.63 2.28
CA VAL D 10 19.36 19.67 1.74
C VAL D 10 20.15 20.99 1.56
N ILE D 11 21.08 21.29 2.44
CA ILE D 11 21.80 22.55 2.36
C ILE D 11 22.71 22.54 1.12
N GLY D 12 23.56 21.53 1.00
CA GLY D 12 24.37 21.32 -0.23
C GLY D 12 23.56 21.48 -1.50
N LEU D 13 22.65 20.54 -1.73
CA LEU D 13 21.88 20.52 -2.98
C LEU D 13 21.10 21.81 -3.28
N SER D 14 20.46 22.40 -2.27
CA SER D 14 19.65 23.61 -2.50
C SER D 14 20.56 24.81 -2.78
N THR D 15 21.63 24.94 -2.03
CA THR D 15 22.60 25.97 -2.29
C THR D 15 23.14 25.83 -3.71
N ALA D 16 23.58 24.63 -4.05
CA ALA D 16 24.15 24.35 -5.36
C ALA D 16 23.18 24.79 -6.45
N LEU D 17 21.90 24.44 -6.31
CA LEU D 17 20.88 24.75 -7.30
C LEU D 17 20.66 26.23 -7.37
N CYS D 18 20.61 26.87 -6.22
CA CYS D 18 20.33 28.29 -6.16
C CYS D 18 21.40 29.10 -6.89
N ILE D 19 22.65 28.75 -6.66
CA ILE D 19 23.77 29.44 -7.29
C ILE D 19 23.68 29.27 -8.81
N HIS D 20 23.52 28.04 -9.28
CA HIS D 20 23.42 27.82 -10.71
C HIS D 20 22.31 28.65 -11.38
N GLU D 21 21.09 28.56 -10.89
CA GLU D 21 19.97 29.24 -11.54
C GLU D 21 20.16 30.75 -11.52
N ARG D 22 20.99 31.23 -10.59
CA ARG D 22 21.25 32.67 -10.48
C ARG D 22 22.52 33.20 -11.15
N TYR D 23 23.46 32.35 -11.53
CA TYR D 23 24.69 32.83 -12.11
C TYR D 23 25.18 32.07 -13.35
N HIS D 24 24.39 31.15 -13.87
CA HIS D 24 24.84 30.44 -15.08
C HIS D 24 24.78 31.29 -16.35
N SER D 25 23.96 32.35 -16.33
CA SER D 25 23.84 33.22 -17.51
C SER D 25 24.87 34.36 -17.51
N VAL D 26 25.46 34.65 -16.34
CA VAL D 26 26.38 35.77 -16.19
C VAL D 26 27.83 35.33 -16.06
N LEU D 27 28.07 34.02 -16.00
CA LEU D 27 29.44 33.50 -16.02
C LEU D 27 29.57 32.49 -17.14
N GLN D 28 30.55 32.68 -18.00
CA GLN D 28 30.66 31.80 -19.14
C GLN D 28 31.03 30.41 -18.64
N PRO D 29 32.30 30.20 -18.19
CA PRO D 29 32.58 28.84 -17.69
C PRO D 29 32.23 28.69 -16.20
N LEU D 30 30.94 28.50 -15.89
CA LEU D 30 30.52 28.22 -14.51
C LEU D 30 30.36 26.71 -14.27
N ASP D 31 31.43 26.06 -13.81
CA ASP D 31 31.39 24.65 -13.44
C ASP D 31 31.16 24.44 -11.95
N ILE D 32 29.97 23.92 -11.64
CA ILE D 32 29.63 23.53 -10.28
C ILE D 32 29.75 22.01 -10.13
N LYS D 33 30.50 21.61 -9.12
CA LYS D 33 30.61 20.20 -8.81
C LYS D 33 30.21 19.98 -7.34
N VAL D 34 29.51 18.88 -7.09
CA VAL D 34 29.17 18.51 -5.71
C VAL D 34 30.03 17.32 -5.28
N TYR D 35 30.77 17.55 -4.18
CA TYR D 35 31.48 16.48 -3.50
C TYR D 35 30.73 16.06 -2.19
N ALA D 36 30.42 14.77 -2.09
CA ALA D 36 29.75 14.25 -0.88
C ALA D 36 30.13 12.81 -0.55
N ASP D 37 30.29 12.59 0.76
CA ASP D 37 30.58 11.29 1.30
C ASP D 37 29.33 10.42 1.31
N ARG D 38 28.17 11.02 1.55
CA ARG D 38 26.90 10.28 1.48
C ARG D 38 25.88 11.02 0.64
N PHE D 39 25.10 10.27 -0.13
CA PHE D 39 24.01 10.84 -0.93
C PHE D 39 22.65 10.32 -0.51
N THR D 40 21.65 10.82 -1.20
CA THR D 40 20.22 10.90 -0.81
C THR D 40 19.47 9.75 -0.22
N PRO D 41 19.95 8.52 -0.37
CA PRO D 41 19.24 7.68 0.59
C PRO D 41 19.74 7.82 2.05
N LEU D 42 20.97 8.32 2.24
CA LEU D 42 21.76 8.05 3.45
C LEU D 42 22.25 9.27 4.18
N THR D 43 21.53 10.38 4.01
CA THR D 43 21.84 11.58 4.74
C THR D 43 20.80 11.88 5.81
N THR D 44 21.26 12.57 6.85
CA THR D 44 20.41 13.14 7.87
C THR D 44 19.13 13.80 7.32
N THR D 45 19.28 14.60 6.28
CA THR D 45 18.14 15.18 5.58
C THR D 45 17.06 14.14 5.29
N ASP D 46 17.48 12.93 4.91
CA ASP D 46 16.61 11.80 4.66
C ASP D 46 15.83 11.28 5.84
N VAL D 47 16.35 11.52 7.04
CA VAL D 47 15.76 11.01 8.27
C VAL D 47 14.66 11.96 8.71
N ALA D 48 14.73 13.22 8.29
CA ALA D 48 13.78 14.22 8.73
C ALA D 48 12.38 13.98 8.17
N ALA D 49 11.34 14.29 8.96
CA ALA D 49 9.98 14.12 8.46
C ALA D 49 9.64 15.17 7.42
N GLY D 50 10.15 16.38 7.62
CA GLY D 50 10.01 17.44 6.64
C GLY D 50 9.12 18.57 7.09
N LEU D 51 8.60 18.49 8.31
CA LEU D 51 7.67 19.52 8.79
C LEU D 51 8.32 20.90 8.86
N TRP D 52 7.62 21.90 8.37
CA TRP D 52 8.11 23.27 8.54
C TRP D 52 7.69 23.81 9.91
N GLN D 53 8.66 24.02 10.78
CA GLN D 53 8.40 24.66 12.04
C GLN D 53 9.71 24.96 12.73
N PRO D 54 10.01 26.27 12.90
CA PRO D 54 11.20 26.71 13.63
C PRO D 54 11.01 26.46 15.12
N TYR D 55 12.08 26.64 15.90
CA TYR D 55 11.99 26.65 17.38
C TYR D 55 10.96 27.69 17.84
N LEU D 56 10.41 27.49 19.03
CA LEU D 56 9.41 28.43 19.61
C LEU D 56 10.06 29.73 20.06
N SER D 57 11.21 29.63 20.72
CA SER D 57 11.97 30.79 21.17
C SER D 57 12.63 31.51 20.00
N ASP D 58 12.64 32.84 20.03
CA ASP D 58 13.25 33.63 18.94
C ASP D 58 14.69 33.25 18.61
N PRO D 59 15.06 33.33 17.32
CA PRO D 59 16.39 32.91 16.93
C PRO D 59 17.41 33.88 17.47
N ASN D 60 18.56 33.33 17.84
CA ASN D 60 19.68 34.12 18.32
C ASN D 60 20.07 35.20 17.30
N ASN D 61 19.97 34.85 16.02
CA ASN D 61 20.20 35.81 14.94
C ASN D 61 18.89 36.06 14.14
N PRO D 62 18.35 37.28 14.24
CA PRO D 62 17.06 37.59 13.64
C PRO D 62 16.97 37.30 12.14
N GLN D 63 18.11 37.16 11.46
CA GLN D 63 18.08 36.82 10.03
C GLN D 63 17.39 35.47 9.81
N GLU D 64 17.68 34.51 10.69
CA GLU D 64 17.06 33.18 10.63
C GLU D 64 15.56 33.27 10.54
N ALA D 65 14.93 34.08 11.38
CA ALA D 65 13.49 34.30 11.29
C ALA D 65 13.08 34.59 9.85
N ASP D 66 13.86 35.40 9.15
CA ASP D 66 13.53 35.71 7.77
C ASP D 66 13.76 34.53 6.83
N TRP D 67 14.84 33.80 7.06
CA TRP D 67 15.21 32.75 6.14
C TRP D 67 14.10 31.70 6.11
N SER D 68 13.46 31.52 7.27
CA SER D 68 12.38 30.58 7.44
C SER D 68 11.15 31.09 6.74
N GLN D 69 10.90 32.39 6.84
CA GLN D 69 9.75 33.04 6.22
C GLN D 69 9.89 32.85 4.72
N GLN D 70 11.08 33.16 4.24
CA GLN D 70 11.37 33.07 2.82
C GLN D 70 11.11 31.65 2.30
N THR D 71 11.76 30.66 2.93
CA THR D 71 11.52 29.23 2.64
C THR D 71 10.02 28.87 2.59
N PHE D 72 9.28 29.29 3.61
CA PHE D 72 7.85 29.00 3.68
C PHE D 72 7.06 29.63 2.53
N ASP D 73 7.38 30.87 2.20
CA ASP D 73 6.67 31.56 1.13
C ASP D 73 6.91 30.86 -0.21
N TYR D 74 8.18 30.54 -0.43
CA TYR D 74 8.63 29.89 -1.64
C TYR D 74 7.93 28.55 -1.84
N LEU D 75 7.87 27.79 -0.76
CA LEU D 75 7.27 26.47 -0.82
C LEU D 75 5.77 26.55 -1.01
N LEU D 76 5.11 27.45 -0.28
CA LEU D 76 3.67 27.64 -0.40
C LEU D 76 3.24 28.07 -1.82
N SER D 77 4.11 28.83 -2.51
CA SER D 77 3.81 29.25 -3.87
C SER D 77 3.89 28.10 -4.88
N HIS D 78 4.45 26.97 -4.44
CA HIS D 78 4.57 25.78 -5.29
C HIS D 78 3.71 24.59 -4.83
N VAL D 79 2.98 24.75 -3.75
CA VAL D 79 2.21 23.66 -3.19
C VAL D 79 1.18 23.11 -4.16
N HIS D 80 0.68 23.95 -5.07
CA HIS D 80 -0.34 23.52 -6.04
C HIS D 80 0.16 23.43 -7.48
N SER D 81 1.46 23.34 -7.67
CA SER D 81 1.97 23.07 -9.00
C SER D 81 1.89 21.55 -9.25
N PRO D 82 2.00 21.12 -10.52
CA PRO D 82 1.87 19.67 -10.79
C PRO D 82 3.03 18.86 -10.22
N ASN D 83 4.17 19.52 -9.96
CA ASN D 83 5.38 18.92 -9.40
C ASN D 83 5.24 18.42 -7.96
N ALA D 84 4.44 19.13 -7.16
CA ALA D 84 4.41 18.99 -5.68
C ALA D 84 4.71 17.59 -5.13
N GLU D 85 4.01 16.58 -5.66
CA GLU D 85 4.20 15.20 -5.22
C GLU D 85 5.65 14.75 -5.43
N ASN D 86 6.22 15.08 -6.58
CA ASN D 86 7.64 14.77 -6.85
C ASN D 86 8.60 15.33 -5.81
N LEU D 87 8.38 16.58 -5.42
CA LEU D 87 9.12 17.19 -4.31
C LEU D 87 8.76 16.56 -2.97
N GLY D 88 7.51 16.13 -2.80
CA GLY D 88 7.09 15.60 -1.52
C GLY D 88 6.60 16.72 -0.65
N LEU D 89 5.94 17.67 -1.29
CA LEU D 89 5.49 18.93 -0.68
C LEU D 89 3.98 18.86 -0.57
N PHE D 90 3.46 19.21 0.60
CA PHE D 90 2.01 19.20 0.78
C PHE D 90 1.63 19.87 2.08
N LEU D 91 0.39 20.33 2.17
CA LEU D 91 -0.10 21.02 3.34
C LEU D 91 -0.54 20.02 4.39
N ILE D 92 -0.25 20.35 5.65
CA ILE D 92 -0.76 19.59 6.74
C ILE D 92 -1.05 20.50 7.95
N SER D 93 -2.09 20.15 8.71
CA SER D 93 -2.45 20.82 9.94
C SER D 93 -2.20 19.89 11.10
N GLY D 94 -2.04 20.45 12.29
CA GLY D 94 -1.80 19.65 13.48
C GLY D 94 -1.71 20.47 14.76
N TYR D 95 -1.37 19.77 15.85
CA TYR D 95 -1.36 20.27 17.21
C TYR D 95 0.05 20.41 17.75
N ASN D 96 0.30 21.53 18.43
CA ASN D 96 1.45 21.69 19.34
C ASN D 96 0.84 21.77 20.75
N LEU D 97 1.26 20.87 21.62
CA LEU D 97 0.64 20.71 22.92
C LEU D 97 1.63 21.00 24.03
N PHE D 98 1.09 21.51 25.14
CA PHE D 98 1.86 22.06 26.24
C PHE D 98 1.12 21.75 27.54
N HIS D 99 1.89 21.68 28.62
CA HIS D 99 1.34 21.54 29.96
C HIS D 99 0.75 22.84 30.49
N GLU D 100 1.30 23.98 30.08
CA GLU D 100 0.84 25.26 30.60
C GLU D 100 0.82 26.29 29.51
N ALA D 101 0.07 27.36 29.74
CA ALA D 101 0.07 28.51 28.86
C ALA D 101 1.48 29.02 28.58
N ILE D 102 1.77 29.29 27.31
CA ILE D 102 3.10 29.75 26.90
C ILE D 102 2.92 30.90 25.92
N PRO D 103 3.94 31.74 25.73
CA PRO D 103 3.74 32.81 24.74
C PRO D 103 3.62 32.31 23.27
N ASP D 104 3.00 33.09 22.40
CA ASP D 104 2.89 32.76 20.99
C ASP D 104 4.24 32.66 20.34
N PRO D 105 4.32 31.92 19.21
CA PRO D 105 5.60 31.86 18.52
C PRO D 105 5.76 33.06 17.61
N SER D 106 7.00 33.38 17.26
CA SER D 106 7.24 34.54 16.37
C SER D 106 6.72 34.28 14.97
N TRP D 107 6.66 33.00 14.59
CA TRP D 107 6.22 32.64 13.25
C TRP D 107 4.69 32.55 13.11
N LYS D 108 3.96 32.76 14.20
CA LYS D 108 2.51 32.58 14.18
C LYS D 108 1.79 33.19 12.97
N ASP D 109 2.41 34.16 12.31
CA ASP D 109 1.78 34.78 11.14
C ASP D 109 2.31 34.30 9.81
N THR D 110 3.39 33.53 9.85
CA THR D 110 3.88 32.84 8.66
C THR D 110 3.02 31.61 8.30
N VAL D 111 2.73 30.77 9.30
CA VAL D 111 1.86 29.59 9.12
C VAL D 111 0.42 30.06 8.83
N LEU D 112 -0.46 29.11 8.49
CA LEU D 112 -1.83 29.41 8.09
C LEU D 112 -2.84 29.10 9.20
N GLY D 113 -3.71 30.07 9.47
CA GLY D 113 -4.78 29.89 10.41
C GLY D 113 -4.35 29.56 11.81
N PHE D 114 -3.21 30.11 12.24
CA PHE D 114 -2.74 29.86 13.59
C PHE D 114 -3.81 30.25 14.59
N ARG D 115 -3.94 29.49 15.66
CA ARG D 115 -4.90 29.80 16.72
C ARG D 115 -4.64 28.89 17.91
N LYS D 116 -5.23 29.21 19.06
CA LYS D 116 -5.04 28.38 20.24
C LYS D 116 -6.05 27.25 20.17
N LEU D 117 -5.81 26.20 20.95
CA LEU D 117 -6.74 25.10 21.04
C LEU D 117 -7.88 25.42 21.98
N THR D 118 -9.11 25.25 21.50
CA THR D 118 -10.31 25.40 22.32
C THR D 118 -10.36 24.30 23.37
N PRO D 119 -11.20 24.47 24.42
CA PRO D 119 -11.27 23.40 25.44
C PRO D 119 -11.75 22.03 24.90
N ARG D 120 -12.66 22.03 23.94
CA ARG D 120 -13.11 20.78 23.32
C ARG D 120 -11.90 19.96 22.81
N GLU D 121 -10.97 20.65 22.15
CA GLU D 121 -9.79 20.00 21.58
C GLU D 121 -8.85 19.41 22.66
N LEU D 122 -8.59 20.19 23.72
CA LEU D 122 -7.70 19.77 24.79
C LEU D 122 -8.13 18.48 25.51
N ASP D 123 -9.42 18.22 25.52
CA ASP D 123 -9.96 17.00 26.10
C ASP D 123 -9.55 15.71 25.37
N MET D 124 -9.10 15.83 24.12
CA MET D 124 -8.51 14.69 23.43
C MET D 124 -7.11 14.34 23.93
N PHE D 125 -6.55 15.18 24.82
CA PHE D 125 -5.18 14.99 25.27
C PHE D 125 -5.02 15.22 26.77
N PRO D 126 -5.44 14.23 27.59
CA PRO D 126 -5.37 14.26 29.05
C PRO D 126 -4.09 14.88 29.59
N ASP D 127 -2.95 14.36 29.14
CA ASP D 127 -1.64 14.81 29.60
C ASP D 127 -1.31 16.28 29.35
N TYR D 128 -2.18 16.97 28.63
CA TYR D 128 -1.83 18.33 28.21
C TYR D 128 -2.95 19.28 28.57
N GLY D 129 -2.62 20.55 28.75
CA GLY D 129 -3.61 21.54 29.12
C GLY D 129 -3.60 22.82 28.29
N TYR D 130 -2.67 22.93 27.36
CA TYR D 130 -2.62 24.11 26.51
C TYR D 130 -2.02 23.73 25.19
N GLY D 131 -2.39 24.40 24.12
CA GLY D 131 -1.79 24.09 22.84
C GLY D 131 -2.20 24.93 21.66
N TRP D 132 -1.55 24.67 20.51
CA TRP D 132 -1.82 25.40 19.27
C TRP D 132 -2.37 24.49 18.18
N PHE D 133 -2.97 25.12 17.18
CA PHE D 133 -3.42 24.45 15.95
C PHE D 133 -3.09 25.38 14.84
N HIS D 134 -2.50 24.87 13.78
CA HIS D 134 -2.28 25.68 12.58
C HIS D 134 -2.02 24.76 11.40
N THR D 135 -1.91 25.33 10.20
CA THR D 135 -1.59 24.58 9.02
C THR D 135 -0.20 24.97 8.56
N SER D 136 0.64 23.98 8.31
CA SER D 136 1.99 24.25 7.87
C SER D 136 2.19 23.44 6.59
N LEU D 137 3.45 23.12 6.28
CA LEU D 137 3.83 22.30 5.13
C LEU D 137 4.76 21.16 5.53
N ILE D 138 4.78 20.13 4.71
CA ILE D 138 5.84 19.14 4.80
C ILE D 138 6.66 19.11 3.49
N LEU D 139 7.97 19.06 3.64
CA LEU D 139 8.87 18.84 2.55
C LEU D 139 9.73 17.62 2.87
N GLU D 140 9.25 16.44 2.50
CA GLU D 140 9.92 15.18 2.85
C GLU D 140 11.31 15.17 2.25
N GLY D 141 12.31 15.05 3.11
CA GLY D 141 13.73 15.06 2.72
C GLY D 141 14.12 14.13 1.59
N LYS D 142 13.68 12.87 1.67
CA LYS D 142 14.03 11.84 0.68
C LYS D 142 13.64 12.26 -0.75
N ASN D 143 12.34 12.40 -1.00
CA ASN D 143 11.79 12.93 -2.25
C ASN D 143 12.44 14.24 -2.68
N TYR D 144 12.49 15.22 -1.78
CA TYR D 144 13.05 16.53 -2.07
C TYR D 144 14.50 16.46 -2.54
N LEU D 145 15.27 15.57 -1.95
CA LEU D 145 16.64 15.41 -2.34
C LEU D 145 16.73 14.79 -3.76
N GLN D 146 15.80 13.88 -4.06
CA GLN D 146 15.74 13.26 -5.36
C GLN D 146 15.42 14.31 -6.42
N TRP D 147 14.51 15.21 -6.08
CA TRP D 147 14.10 16.26 -6.99
C TRP D 147 15.24 17.24 -7.27
N LEU D 148 15.85 17.78 -6.21
CA LEU D 148 17.01 18.64 -6.39
C LEU D 148 18.05 17.89 -7.22
N THR D 149 18.29 16.63 -6.90
CA THR D 149 19.25 15.85 -7.69
C THR D 149 18.97 15.90 -9.21
N GLU D 150 17.77 15.55 -9.63
CA GLU D 150 17.48 15.50 -11.05
C GLU D 150 17.43 16.89 -11.69
N ARG D 151 17.09 17.89 -10.88
CA ARG D 151 17.08 19.28 -11.30
C ARG D 151 18.49 19.78 -11.55
N LEU D 152 19.42 19.32 -10.71
CA LEU D 152 20.87 19.64 -10.80
C LEU D 152 21.59 18.89 -11.93
N THR D 153 21.23 17.62 -12.10
CA THR D 153 21.79 16.82 -13.16
C THR D 153 21.43 17.41 -14.53
N GLU D 154 20.13 17.71 -14.73
CA GLU D 154 19.72 18.33 -15.98
C GLU D 154 20.25 19.75 -16.15
N ARG D 155 21.17 20.16 -15.28
CA ARG D 155 21.81 21.47 -15.40
C ARG D 155 23.31 21.33 -15.53
N GLY D 156 23.76 20.10 -15.73
CA GLY D 156 25.17 19.85 -15.95
C GLY D 156 26.03 19.85 -14.70
N VAL D 157 25.42 20.05 -13.53
CA VAL D 157 26.13 19.90 -12.23
C VAL D 157 26.57 18.46 -12.01
N LYS D 158 27.87 18.25 -11.85
CA LYS D 158 28.38 16.90 -11.67
C LYS D 158 28.51 16.52 -10.19
N PHE D 159 28.09 15.29 -9.90
CA PHE D 159 28.13 14.73 -8.56
C PHE D 159 29.27 13.75 -8.47
N PHE D 160 30.01 13.78 -7.37
CA PHE D 160 31.07 12.80 -7.13
C PHE D 160 30.97 12.29 -5.71
N GLN D 161 31.16 10.98 -5.57
CA GLN D 161 31.18 10.33 -4.26
C GLN D 161 32.59 10.36 -3.65
N ARG D 162 32.81 11.17 -2.63
CA ARG D 162 34.12 11.23 -1.98
C ARG D 162 34.14 11.97 -0.64
N LYS D 163 34.98 11.47 0.27
CA LYS D 163 35.20 12.10 1.55
C LYS D 163 36.33 13.13 1.40
N VAL D 164 36.01 14.39 1.63
CA VAL D 164 36.96 15.49 1.51
C VAL D 164 37.72 15.68 2.82
N GLU D 165 39.06 15.59 2.76
CA GLU D 165 39.91 15.62 3.97
C GLU D 165 40.24 17.04 4.43
N SER D 166 40.25 17.99 3.50
CA SER D 166 40.55 19.38 3.84
C SER D 166 40.14 20.33 2.74
N PHE D 167 40.00 21.60 3.10
CA PHE D 167 39.82 22.65 2.11
C PHE D 167 41.05 22.76 1.18
N GLU D 168 42.24 22.56 1.72
CA GLU D 168 43.46 22.66 0.94
C GLU D 168 43.44 21.63 -0.19
N GLU D 169 42.97 20.43 0.12
CA GLU D 169 42.87 19.34 -0.87
C GLU D 169 42.08 19.77 -2.10
N VAL D 170 41.04 20.58 -1.89
CA VAL D 170 40.11 20.99 -2.94
C VAL D 170 40.63 22.18 -3.76
N ALA D 171 41.04 23.25 -3.06
CA ALA D 171 41.69 24.37 -3.71
C ALA D 171 42.88 23.89 -4.57
N ARG D 172 43.76 23.08 -3.98
CA ARG D 172 44.89 22.47 -4.69
C ARG D 172 44.46 21.90 -6.03
N GLU D 173 43.37 21.15 -6.06
CA GLU D 173 42.92 20.54 -7.31
C GLU D 173 42.22 21.52 -8.27
N GLY D 174 42.14 22.79 -7.88
CA GLY D 174 41.75 23.84 -8.82
C GLY D 174 40.43 24.56 -8.66
N ALA D 175 39.81 24.44 -7.48
CA ALA D 175 38.54 25.13 -7.19
C ALA D 175 38.76 26.61 -6.85
N ASP D 176 37.95 27.48 -7.47
CA ASP D 176 38.00 28.92 -7.13
C ASP D 176 37.13 29.23 -5.92
N VAL D 177 35.92 28.65 -5.87
CA VAL D 177 35.02 28.83 -4.72
C VAL D 177 34.59 27.51 -4.09
N ILE D 178 34.59 27.47 -2.76
CA ILE D 178 34.16 26.28 -2.00
C ILE D 178 32.93 26.59 -1.15
N VAL D 179 31.86 25.81 -1.35
CA VAL D 179 30.67 25.95 -0.53
C VAL D 179 30.58 24.80 0.49
N ASN D 180 30.86 25.13 1.74
CA ASN D 180 30.86 24.19 2.84
C ASN D 180 29.44 23.91 3.41
N CYS D 181 28.92 22.74 3.11
CA CYS D 181 27.57 22.35 3.50
C CYS D 181 27.60 20.94 4.12
N THR D 182 28.48 20.78 5.11
CA THR D 182 28.92 19.49 5.58
C THR D 182 28.17 19.10 6.86
N GLY D 183 27.17 19.91 7.19
CA GLY D 183 26.25 19.66 8.30
C GLY D 183 27.00 19.44 9.60
N VAL D 184 26.62 18.36 10.29
CA VAL D 184 27.13 18.03 11.59
C VAL D 184 28.61 17.64 11.57
N TRP D 185 29.12 17.27 10.41
CA TRP D 185 30.48 16.78 10.28
C TRP D 185 31.44 17.93 9.90
N ALA D 186 30.99 19.17 10.05
CA ALA D 186 31.79 20.34 9.61
C ALA D 186 33.10 20.53 10.38
N GLY D 187 33.10 20.18 11.66
CA GLY D 187 34.27 20.39 12.51
C GLY D 187 35.49 19.55 12.17
N ALA D 188 35.31 18.50 11.36
CA ALA D 188 36.43 17.73 10.79
C ALA D 188 37.24 18.56 9.77
N LEU D 189 36.59 19.49 9.09
CA LEU D 189 37.30 20.28 8.09
C LEU D 189 37.87 21.54 8.70
N GLN D 190 37.23 22.02 9.76
CA GLN D 190 37.70 23.18 10.49
C GLN D 190 37.01 23.16 11.83
N ARG D 191 37.79 22.86 12.86
CA ARG D 191 37.31 22.68 14.21
C ARG D 191 36.30 23.78 14.59
N ASP D 192 35.15 23.41 15.12
CA ASP D 192 34.12 24.35 15.54
C ASP D 192 33.51 23.87 16.85
N PRO D 193 33.93 24.49 17.97
CA PRO D 193 33.52 24.04 19.31
C PRO D 193 32.05 24.30 19.58
N LEU D 194 31.40 25.07 18.72
CA LEU D 194 29.98 25.42 18.93
C LEU D 194 29.02 24.42 18.28
N LEU D 195 29.53 23.71 17.29
CA LEU D 195 28.75 22.79 16.48
C LEU D 195 28.77 21.42 17.13
N GLN D 196 27.58 20.87 17.39
CA GLN D 196 27.48 19.55 18.02
C GLN D 196 26.24 18.77 17.61
N PRO D 197 26.34 17.42 17.66
CA PRO D 197 25.26 16.49 17.34
C PRO D 197 24.11 16.49 18.34
N GLY D 198 22.92 16.83 17.87
CA GLY D 198 21.69 16.53 18.57
C GLY D 198 21.11 15.26 18.00
N ARG D 199 21.65 14.10 18.41
CA ARG D 199 21.15 12.79 17.96
C ARG D 199 19.64 12.70 17.98
N GLY D 200 19.10 12.09 16.94
CA GLY D 200 17.68 11.82 16.86
C GLY D 200 17.40 10.43 16.38
N GLN D 201 16.28 9.89 16.81
CA GLN D 201 15.83 8.60 16.34
C GLN D 201 14.35 8.72 16.05
N ILE D 202 13.92 8.11 14.94
CA ILE D 202 12.50 8.10 14.59
C ILE D 202 12.07 6.73 14.12
N MET D 203 10.77 6.51 14.21
CA MET D 203 10.12 5.30 13.76
C MET D 203 9.16 5.68 12.61
N LYS D 204 9.19 4.91 11.53
CA LYS D 204 8.26 5.11 10.44
C LYS D 204 7.18 4.08 10.67
N VAL D 205 5.92 4.53 10.70
CA VAL D 205 4.82 3.66 11.03
C VAL D 205 3.73 3.71 9.94
N ASP D 206 2.90 2.68 9.88
CA ASP D 206 1.81 2.69 8.91
C ASP D 206 0.50 2.99 9.63
N ALA D 207 0.11 4.25 9.63
CA ALA D 207 -1.09 4.72 10.33
C ALA D 207 -1.81 5.75 9.48
N PRO D 208 -2.27 5.33 8.28
CA PRO D 208 -2.73 6.31 7.29
C PRO D 208 -4.00 7.07 7.70
N TRP D 209 -4.64 6.67 8.78
CA TRP D 209 -5.77 7.43 9.32
C TRP D 209 -5.36 8.70 10.08
N MET D 210 -4.05 8.92 10.24
CA MET D 210 -3.53 10.07 10.98
C MET D 210 -3.37 11.25 10.02
N LYS D 211 -4.23 12.24 10.12
CA LYS D 211 -4.22 13.35 9.15
C LYS D 211 -3.59 14.63 9.72
N HIS D 212 -3.15 14.60 10.98
CA HIS D 212 -2.63 15.80 11.65
C HIS D 212 -1.29 15.53 12.29
N PHE D 213 -0.40 16.52 12.31
CA PHE D 213 0.78 16.38 13.17
C PHE D 213 0.40 16.71 14.61
N ILE D 214 1.13 16.15 15.54
CA ILE D 214 0.92 16.36 16.94
C ILE D 214 2.34 16.44 17.55
N LEU D 215 2.81 17.65 17.86
CA LEU D 215 4.07 17.77 18.62
C LEU D 215 3.76 18.07 20.08
N THR D 216 4.37 17.34 20.99
CA THR D 216 4.27 17.69 22.40
C THR D 216 5.47 18.48 22.90
N HIS D 217 5.24 19.28 23.91
CA HIS D 217 6.35 20.03 24.46
C HIS D 217 6.46 19.87 25.97
N ASP D 218 7.71 19.88 26.44
CA ASP D 218 8.00 19.81 27.87
C ASP D 218 9.35 20.46 28.15
N PRO D 219 9.34 21.65 28.76
CA PRO D 219 10.60 22.30 29.16
C PRO D 219 11.51 21.42 30.04
N GLU D 220 10.93 20.49 30.79
CA GLU D 220 11.73 19.56 31.59
C GLU D 220 12.70 18.75 30.73
N ARG D 221 12.18 17.98 29.78
CA ARG D 221 13.01 17.17 28.88
C ARG D 221 13.67 17.91 27.69
N GLY D 222 13.12 19.04 27.29
CA GLY D 222 13.74 19.83 26.25
C GLY D 222 13.19 19.60 24.86
N ILE D 223 13.54 20.48 23.95
CA ILE D 223 12.99 20.46 22.62
C ILE D 223 13.35 19.17 21.86
N TYR D 224 12.44 18.72 21.00
CA TYR D 224 12.61 17.51 20.21
C TYR D 224 12.86 16.31 21.06
N ASN D 225 12.59 16.42 22.35
CA ASN D 225 12.80 15.29 23.24
C ASN D 225 11.52 14.82 23.87
N SER D 226 10.41 15.30 23.32
CA SER D 226 9.08 14.98 23.74
C SER D 226 8.40 14.27 22.55
N PRO D 227 7.48 13.33 22.78
CA PRO D 227 6.88 12.60 21.67
C PRO D 227 6.24 13.48 20.59
N TYR D 228 6.59 13.20 19.33
CA TYR D 228 5.89 13.81 18.19
C TYR D 228 5.39 12.78 17.14
N ILE D 229 4.29 13.12 16.49
CA ILE D 229 3.69 12.31 15.41
C ILE D 229 3.58 13.21 14.20
N ILE D 230 4.17 12.78 13.08
CA ILE D 230 4.16 13.61 11.88
C ILE D 230 3.84 12.79 10.65
N PRO D 231 2.56 12.80 10.21
CA PRO D 231 2.17 12.07 9.00
C PRO D 231 3.04 12.44 7.83
N GLY D 232 3.51 11.43 7.09
CA GLY D 232 4.21 11.67 5.84
C GLY D 232 3.28 11.41 4.68
N THR D 233 3.85 11.31 3.48
CA THR D 233 3.10 10.97 2.29
C THR D 233 2.67 9.49 2.29
N GLN D 234 3.55 8.58 2.73
CA GLN D 234 3.27 7.14 2.70
C GLN D 234 3.23 6.58 4.10
N THR D 235 3.85 7.28 5.02
CA THR D 235 4.00 6.70 6.31
C THR D 235 3.96 7.82 7.33
N VAL D 236 3.94 7.45 8.60
CA VAL D 236 3.86 8.40 9.67
C VAL D 236 5.16 8.34 10.49
N THR D 237 5.79 9.50 10.70
CA THR D 237 7.00 9.54 11.50
C THR D 237 6.65 9.63 12.98
N LEU D 238 7.28 8.79 13.78
CA LEU D 238 7.12 8.79 15.24
C LEU D 238 8.47 9.15 15.80
N GLY D 239 8.55 10.17 16.63
CA GLY D 239 9.81 10.59 17.20
C GLY D 239 9.72 11.20 18.60
N GLY D 240 10.78 11.94 18.98
CA GLY D 240 10.84 12.64 20.26
C GLY D 240 12.11 12.32 21.04
N ILE D 241 13.23 12.27 20.32
CA ILE D 241 14.53 12.03 20.91
C ILE D 241 15.54 13.09 20.49
N PHE D 242 16.19 13.70 21.47
CA PHE D 242 17.21 14.70 21.23
C PHE D 242 18.28 14.50 22.29
N GLN D 243 19.50 14.15 21.87
CA GLN D 243 20.57 13.90 22.82
C GLN D 243 21.85 14.56 22.36
N LEU D 244 22.12 15.76 22.86
CA LEU D 244 23.41 16.45 22.64
C LEU D 244 24.66 15.58 22.81
N GLY D 245 25.57 15.68 21.84
CA GLY D 245 26.89 15.05 21.94
C GLY D 245 26.90 13.57 21.65
N ASN D 246 25.74 12.96 21.45
CA ASN D 246 25.72 11.54 21.13
C ASN D 246 26.00 11.28 19.63
N TRP D 247 27.10 10.57 19.33
CA TRP D 247 27.57 10.34 17.95
C TRP D 247 27.21 8.96 17.43
N SER D 248 26.39 8.23 18.20
CA SER D 248 26.07 6.86 17.82
C SER D 248 25.02 6.74 16.71
N GLU D 249 25.44 6.49 15.47
CA GLU D 249 24.52 6.30 14.35
C GLU D 249 24.02 4.88 14.32
N LEU D 250 23.16 4.56 15.28
CA LEU D 250 22.67 3.20 15.44
C LEU D 250 21.38 3.31 16.22
N ASN D 251 20.36 2.57 15.78
CA ASN D 251 19.09 2.53 16.45
C ASN D 251 19.22 1.95 17.85
N ASN D 252 18.58 2.59 18.80
CA ASN D 252 18.72 2.23 20.17
C ASN D 252 17.39 1.70 20.71
N ILE D 253 17.42 0.46 21.14
CA ILE D 253 16.28 -0.21 21.75
C ILE D 253 15.52 0.67 22.81
N GLN D 254 16.24 1.25 23.79
CA GLN D 254 15.60 2.17 24.77
C GLN D 254 14.85 3.33 24.12
N ASP D 255 15.55 4.04 23.24
CA ASP D 255 14.97 5.14 22.44
C ASP D 255 13.71 4.71 21.65
N HIS D 256 13.77 3.55 21.01
CA HIS D 256 12.60 2.92 20.36
C HIS D 256 11.39 2.88 21.35
N ASN D 257 11.64 2.38 22.56
CA ASN D 257 10.60 2.21 23.56
C ASN D 257 10.06 3.55 24.04
N THR D 258 10.94 4.54 24.15
CA THR D 258 10.49 5.89 24.45
C THR D 258 9.60 6.48 23.35
N ILE D 259 10.02 6.33 22.09
CA ILE D 259 9.22 6.80 20.95
C ILE D 259 7.82 6.20 21.03
N TRP D 260 7.80 4.88 21.25
CA TRP D 260 6.58 4.08 21.15
C TRP D 260 5.64 4.33 22.31
N GLU D 261 6.18 4.39 23.52
CA GLU D 261 5.36 4.60 24.71
C GLU D 261 4.79 5.99 24.72
N GLY D 262 5.63 6.97 24.38
CA GLY D 262 5.18 8.36 24.33
C GLY D 262 4.10 8.56 23.29
N CYS D 263 4.30 7.96 22.12
CA CYS D 263 3.40 8.20 21.02
C CYS D 263 2.07 7.44 21.20
N CYS D 264 2.11 6.26 21.83
CA CYS D 264 0.88 5.51 22.12
C CYS D 264 0.02 6.14 23.21
N ARG D 265 0.68 6.65 24.25
CA ARG D 265 0.03 7.44 25.30
C ARG D 265 -0.64 8.62 24.63
N LEU D 266 0.03 9.18 23.64
CA LEU D 266 -0.41 10.41 22.98
C LEU D 266 -1.51 10.13 21.96
N GLU D 267 -1.52 8.93 21.39
CA GLU D 267 -2.52 8.58 20.40
C GLU D 267 -2.68 7.07 20.41
N PRO D 268 -3.61 6.59 21.23
CA PRO D 268 -3.79 5.16 21.48
C PRO D 268 -3.99 4.32 20.21
N THR D 269 -4.67 4.88 19.20
CA THR D 269 -4.96 4.17 17.95
C THR D 269 -3.68 3.64 17.28
N LEU D 270 -2.54 4.12 17.77
CA LEU D 270 -1.25 3.78 17.20
C LEU D 270 -0.82 2.37 17.61
N LYS D 271 -1.37 1.88 18.72
CA LYS D 271 -1.08 0.51 19.18
C LYS D 271 -1.19 -0.52 18.05
N ASN D 272 -2.12 -0.29 17.13
CA ASN D 272 -2.35 -1.21 16.04
C ASN D 272 -1.65 -0.77 14.78
N ALA D 273 -0.59 0.01 14.90
CA ALA D 273 0.07 0.38 13.66
C ALA D 273 1.19 -0.58 13.36
N ARG D 274 1.56 -0.67 12.10
CA ARG D 274 2.62 -1.54 11.63
C ARG D 274 3.96 -0.76 11.57
N ILE D 275 4.98 -1.26 12.29
CA ILE D 275 6.31 -0.63 12.26
C ILE D 275 7.08 -0.95 10.98
N ILE D 276 7.23 0.04 10.10
CA ILE D 276 7.85 -0.16 8.81
C ILE D 276 9.37 -0.07 8.96
N GLY D 277 9.86 1.08 9.42
CA GLY D 277 11.31 1.29 9.48
C GLY D 277 11.72 2.07 10.72
N GLU D 278 13.02 2.32 10.83
CA GLU D 278 13.57 3.05 11.94
C GLU D 278 14.91 3.67 11.55
N ARG D 279 15.19 4.86 12.06
CA ARG D 279 16.35 5.60 11.60
C ARG D 279 16.89 6.59 12.62
N THR D 280 18.20 6.79 12.54
CA THR D 280 18.95 7.67 13.42
C THR D 280 19.67 8.72 12.60
N GLY D 281 19.62 9.97 13.06
CA GLY D 281 20.36 11.04 12.45
C GLY D 281 20.82 12.07 13.47
N PHE D 282 21.66 13.00 13.00
CA PHE D 282 22.31 13.93 13.88
C PHE D 282 21.92 15.33 13.52
N ARG D 283 21.09 15.96 14.36
CA ARG D 283 20.84 17.36 14.17
C ARG D 283 22.16 18.15 14.36
N PRO D 284 22.56 18.97 13.37
CA PRO D 284 23.73 19.85 13.54
C PRO D 284 23.43 21.09 14.40
N VAL D 285 23.51 20.91 15.71
CA VAL D 285 23.14 21.96 16.66
C VAL D 285 24.26 22.97 16.78
N ARG D 286 23.87 24.25 16.83
CA ARG D 286 24.78 25.37 16.95
C ARG D 286 23.92 26.54 17.41
N PRO D 287 24.49 27.46 18.21
CA PRO D 287 23.71 28.60 18.70
C PRO D 287 23.08 29.41 17.54
N GLN D 288 23.77 29.48 16.43
CA GLN D 288 23.23 30.08 15.22
C GLN D 288 23.88 29.39 14.05
N ILE D 289 23.27 29.54 12.88
CA ILE D 289 23.80 28.94 11.67
C ILE D 289 25.10 29.65 11.34
N ARG D 290 26.11 28.89 10.92
CA ARG D 290 27.24 29.52 10.30
C ARG D 290 27.00 29.63 8.82
N LEU D 291 26.59 30.83 8.42
CA LEU D 291 26.43 31.16 7.01
C LEU D 291 27.20 32.47 6.75
N GLU D 292 28.44 32.32 6.28
CA GLU D 292 29.33 33.46 6.11
C GLU D 292 30.48 33.09 5.18
N ARG D 293 31.21 34.12 4.75
CA ARG D 293 32.41 33.94 3.96
C ARG D 293 33.67 33.87 4.81
N GLU D 294 34.73 33.31 4.22
CA GLU D 294 36.01 33.24 4.85
C GLU D 294 37.03 32.99 3.75
N GLN D 295 38.01 33.90 3.64
CA GLN D 295 39.09 33.77 2.65
C GLN D 295 40.14 32.83 3.22
N LEU D 296 40.15 31.59 2.78
CA LEU D 296 41.07 30.61 3.31
C LEU D 296 42.40 30.69 2.59
N ARG D 297 43.45 31.08 3.33
CA ARG D 297 44.80 31.18 2.79
C ARG D 297 45.39 29.80 2.46
N THR D 298 45.71 29.62 1.17
CA THR D 298 46.29 28.37 0.72
C THR D 298 47.17 28.70 -0.46
N GLY D 299 48.36 28.09 -0.51
CA GLY D 299 49.27 28.19 -1.66
C GLY D 299 49.50 29.60 -2.16
N PRO D 300 49.56 29.78 -3.52
CA PRO D 300 49.74 31.09 -4.18
C PRO D 300 48.77 32.17 -3.66
N SER D 301 47.49 32.06 -4.04
CA SER D 301 46.47 32.94 -3.49
C SER D 301 45.41 32.11 -2.78
N ASN D 302 44.70 32.75 -1.84
CA ASN D 302 43.57 32.08 -1.21
C ASN D 302 42.43 31.81 -2.20
N THR D 303 41.69 30.75 -1.89
CA THR D 303 40.45 30.44 -2.59
C THR D 303 39.31 30.72 -1.61
N GLU D 304 38.15 31.13 -2.13
CA GLU D 304 37.06 31.56 -1.27
C GLU D 304 36.24 30.38 -0.73
N VAL D 305 35.76 30.52 0.50
CA VAL D 305 34.89 29.51 1.11
C VAL D 305 33.61 30.14 1.67
N ILE D 306 32.46 29.60 1.23
CA ILE D 306 31.19 29.94 1.86
C ILE D 306 30.78 28.80 2.79
N HIS D 307 30.72 29.12 4.08
CA HIS D 307 30.19 28.20 5.09
C HIS D 307 28.67 28.33 5.14
N ASN D 308 28.00 27.18 5.19
CA ASN D 308 26.56 27.09 5.35
C ASN D 308 26.23 25.77 6.08
N TYR D 309 26.37 25.80 7.40
CA TYR D 309 26.13 24.61 8.21
C TYR D 309 25.61 24.98 9.60
N GLY D 310 25.12 23.99 10.32
CA GLY D 310 24.61 24.20 11.66
C GLY D 310 23.14 24.55 11.69
N HIS D 311 22.35 23.82 10.90
CA HIS D 311 20.91 24.08 10.88
C HIS D 311 20.08 23.35 11.96
N GLY D 312 20.74 22.63 12.85
CA GLY D 312 20.03 22.00 13.97
C GLY D 312 18.83 21.21 13.55
N GLY D 313 17.70 21.37 14.22
CA GLY D 313 16.53 20.64 13.86
C GLY D 313 15.63 21.42 12.89
N TYR D 314 16.22 22.32 12.09
CA TYR D 314 15.38 23.11 11.19
C TYR D 314 15.92 23.38 9.77
N GLY D 315 16.76 22.50 9.25
CA GLY D 315 17.32 22.65 7.94
C GLY D 315 16.29 22.70 6.85
N LEU D 316 15.31 21.78 6.88
CA LEU D 316 14.23 21.81 5.88
C LEU D 316 13.44 23.11 6.02
N THR D 317 13.15 23.46 7.25
CA THR D 317 12.36 24.67 7.53
C THR D 317 13.01 25.95 6.98
N ILE D 318 14.34 25.96 6.95
CA ILE D 318 15.04 27.17 6.59
C ILE D 318 15.83 27.07 5.28
N HIS D 319 16.10 25.86 4.79
CA HIS D 319 17.07 25.67 3.71
C HIS D 319 17.05 26.78 2.60
N TRP D 320 15.85 27.19 2.18
CA TRP D 320 15.75 28.07 1.03
C TRP D 320 16.31 29.50 1.26
N GLY D 321 16.00 30.09 2.40
CA GLY D 321 16.58 31.38 2.77
C GLY D 321 18.10 31.32 2.86
N CYS D 322 18.62 30.21 3.38
CA CYS D 322 20.07 30.01 3.52
C CYS D 322 20.74 29.91 2.17
N ALA D 323 20.07 29.25 1.23
CA ALA D 323 20.60 29.10 -0.12
C ALA D 323 20.54 30.40 -0.94
N LEU D 324 19.53 31.22 -0.70
CA LEU D 324 19.44 32.48 -1.44
C LEU D 324 20.55 33.38 -0.91
N GLU D 325 20.78 33.31 0.41
CA GLU D 325 21.79 34.11 1.08
C GLU D 325 23.20 33.70 0.69
N ALA D 326 23.45 32.39 0.62
CA ALA D 326 24.73 31.88 0.18
C ALA D 326 25.05 32.39 -1.21
N ALA D 327 24.05 32.38 -2.10
CA ALA D 327 24.20 32.85 -3.48
C ALA D 327 24.49 34.35 -3.55
N LYS D 328 23.93 35.11 -2.60
CA LYS D 328 24.25 36.51 -2.47
C LYS D 328 25.71 36.63 -2.21
N LEU D 329 26.17 35.95 -1.17
CA LEU D 329 27.59 35.95 -0.80
C LEU D 329 28.44 35.53 -2.00
N PHE D 330 27.87 34.72 -2.87
CA PHE D 330 28.56 34.29 -4.09
C PHE D 330 28.70 35.44 -5.11
N GLY D 331 27.63 36.22 -5.25
CA GLY D 331 27.60 37.37 -6.12
C GLY D 331 28.62 38.40 -5.66
N ARG D 332 28.81 38.49 -4.35
CA ARG D 332 29.76 39.44 -3.81
C ARG D 332 31.23 39.02 -4.00
N ILE D 333 31.45 37.72 -4.10
CA ILE D 333 32.78 37.23 -4.48
C ILE D 333 33.06 37.60 -5.93
N LEU D 334 32.00 37.56 -6.75
CA LEU D 334 32.11 37.85 -8.17
C LEU D 334 32.54 39.29 -8.46
N GLU D 335 31.90 40.25 -7.80
CA GLU D 335 32.19 41.67 -8.03
C GLU D 335 33.54 42.14 -7.46
N GLU D 336 34.10 41.35 -6.54
CA GLU D 336 35.44 41.61 -6.05
C GLU D 336 36.47 41.04 -7.03
N LYS D 337 36.20 39.83 -7.52
CA LYS D 337 36.99 39.23 -8.59
C LYS D 337 36.83 39.95 -9.93
N LYS D 338 36.00 41.00 -9.93
CA LYS D 338 35.66 41.78 -11.12
C LYS D 338 35.20 40.88 -12.29
N LEU D 339 34.19 40.05 -12.02
CA LEU D 339 33.59 39.16 -13.03
C LEU D 339 32.06 39.22 -13.01
N SER D 340 31.52 40.44 -12.94
CA SER D 340 30.08 40.68 -13.00
C SER D 340 29.79 42.05 -13.61
#